data_2KNR
#
_entry.id   2KNR
#
_cell.length_a   1.000
_cell.length_b   1.000
_cell.length_c   1.000
_cell.angle_alpha   90.00
_cell.angle_beta   90.00
_cell.angle_gamma   90.00
#
_symmetry.space_group_name_H-M   'P 1'
#
_entity_poly.entity_id   1
_entity_poly.type   'polypeptide(L)'
_entity_poly.pdbx_seq_one_letter_code
;QGHMRLKSEMFVSALIRRVFAAGGFAAVEKKGAEAAGAIFVRQRLRDGRENLYGPAPQSFADDEDIMRAERRFETRLAGV
EGEEIAALLERERRFDSDLWVVEIETDEIGTLLTLVDQPQA
;
_entity_poly.pdbx_strand_id   A
#
# COMPACT_ATOMS: atom_id res chain seq x y z
N MET A 4 -9.20 -9.13 -5.16
CA MET A 4 -9.86 -9.98 -4.14
C MET A 4 -10.17 -9.16 -2.87
N ARG A 5 -11.37 -9.41 -2.30
CA ARG A 5 -11.78 -8.87 -1.00
C ARG A 5 -11.15 -9.74 0.11
N LEU A 6 -10.08 -9.23 0.74
CA LEU A 6 -9.34 -9.94 1.81
C LEU A 6 -8.90 -8.97 2.90
N LYS A 7 -8.25 -9.51 3.96
CA LYS A 7 -7.79 -8.71 5.11
C LYS A 7 -6.45 -7.98 4.78
N SER A 8 -6.05 -7.07 5.68
CA SER A 8 -4.82 -6.25 5.54
C SER A 8 -3.55 -7.12 5.45
N GLU A 9 -3.46 -8.13 6.36
CA GLU A 9 -2.32 -9.08 6.42
C GLU A 9 -2.25 -9.95 5.17
N MET A 10 -3.42 -10.32 4.64
CA MET A 10 -3.51 -11.17 3.46
C MET A 10 -3.20 -10.36 2.18
N PHE A 11 -3.46 -9.04 2.22
CA PHE A 11 -3.23 -8.16 1.07
C PHE A 11 -1.73 -7.93 0.88
N VAL A 12 -1.02 -7.66 2.00
CA VAL A 12 0.44 -7.37 1.95
C VAL A 12 1.24 -8.56 1.40
N SER A 13 0.88 -9.77 1.86
CA SER A 13 1.53 -11.02 1.43
C SER A 13 1.26 -11.27 -0.07
N ALA A 14 0.00 -11.08 -0.48
CA ALA A 14 -0.44 -11.28 -1.88
C ALA A 14 0.22 -10.23 -2.83
N LEU A 15 0.41 -9.00 -2.31
CA LEU A 15 1.02 -7.88 -3.05
C LEU A 15 2.46 -8.22 -3.46
N ILE A 16 3.16 -8.86 -2.52
CA ILE A 16 4.53 -9.33 -2.69
C ILE A 16 4.63 -10.34 -3.87
N ARG A 17 3.64 -11.24 -3.97
CA ARG A 17 3.57 -12.24 -5.08
C ARG A 17 3.25 -11.54 -6.42
N ARG A 18 2.55 -10.39 -6.37
CA ARG A 18 2.23 -9.60 -7.57
C ARG A 18 3.50 -8.97 -8.18
N VAL A 19 4.36 -8.42 -7.30
CA VAL A 19 5.58 -7.71 -7.75
C VAL A 19 6.64 -8.69 -8.29
N PHE A 20 6.74 -9.88 -7.64
CA PHE A 20 7.64 -10.95 -8.08
C PHE A 20 7.15 -11.58 -9.40
N ALA A 21 5.82 -11.53 -9.63
CA ALA A 21 5.21 -11.92 -10.92
C ALA A 21 5.56 -10.90 -12.04
N ALA A 22 5.87 -9.65 -11.63
CA ALA A 22 6.36 -8.59 -12.55
C ALA A 22 7.92 -8.53 -12.58
N GLY A 23 8.57 -9.41 -11.80
CA GLY A 23 10.04 -9.51 -11.76
C GLY A 23 10.69 -8.66 -10.66
N GLY A 24 9.89 -7.76 -10.04
CA GLY A 24 10.35 -6.90 -8.96
C GLY A 24 10.50 -7.62 -7.61
N PHE A 25 10.65 -6.84 -6.53
CA PHE A 25 10.95 -7.33 -5.17
C PHE A 25 9.94 -6.74 -4.17
N ALA A 26 9.74 -7.41 -3.01
CA ALA A 26 8.91 -6.87 -1.90
C ALA A 26 9.23 -7.56 -0.58
N ALA A 27 8.84 -6.87 0.53
CA ALA A 27 9.10 -7.32 1.90
C ALA A 27 8.28 -6.48 2.90
N VAL A 28 7.60 -7.13 3.87
CA VAL A 28 6.81 -6.45 4.91
C VAL A 28 7.75 -5.89 6.00
N GLU A 29 7.88 -4.56 6.03
CA GLU A 29 8.69 -3.84 7.02
C GLU A 29 7.91 -3.67 8.34
N LYS A 30 6.82 -2.88 8.30
CA LYS A 30 5.98 -2.62 9.48
C LYS A 30 4.73 -3.49 9.46
N LYS A 31 4.26 -3.89 10.65
CA LYS A 31 3.05 -4.70 10.84
C LYS A 31 2.10 -3.97 11.80
N GLY A 32 0.80 -3.92 11.45
CA GLY A 32 -0.25 -3.32 12.30
C GLY A 32 -1.40 -4.29 12.52
N ALA A 33 -2.66 -3.85 12.24
CA ALA A 33 -3.87 -4.68 12.44
C ALA A 33 -4.12 -5.58 11.22
N GLU A 34 -4.36 -6.88 11.46
CA GLU A 34 -4.48 -7.91 10.40
C GLU A 34 -5.73 -7.74 9.52
N ALA A 35 -6.89 -7.51 10.16
CA ALA A 35 -8.19 -7.46 9.46
C ALA A 35 -8.49 -6.03 8.94
N ALA A 36 -8.52 -5.07 9.88
CA ALA A 36 -9.05 -3.71 9.62
C ALA A 36 -7.94 -2.67 9.42
N GLY A 37 -6.68 -3.12 9.39
CA GLY A 37 -5.52 -2.21 9.38
C GLY A 37 -5.36 -1.40 8.10
N ALA A 38 -4.62 -0.30 8.21
CA ALA A 38 -4.19 0.50 7.04
C ALA A 38 -2.95 -0.15 6.44
N ILE A 39 -2.66 0.15 5.16
CA ILE A 39 -1.52 -0.43 4.43
C ILE A 39 -0.84 0.68 3.62
N PHE A 40 0.42 0.96 3.92
CA PHE A 40 1.21 2.00 3.24
C PHE A 40 2.45 1.34 2.61
N VAL A 41 2.47 1.33 1.29
CA VAL A 41 3.50 0.66 0.50
C VAL A 41 4.39 1.70 -0.17
N ARG A 42 5.72 1.51 -0.12
CA ARG A 42 6.68 2.41 -0.78
C ARG A 42 7.24 1.68 -2.03
N GLN A 43 7.04 2.27 -3.22
CA GLN A 43 7.65 1.77 -4.46
C GLN A 43 9.02 2.40 -4.63
N ARG A 44 10.03 1.56 -4.82
CA ARG A 44 11.41 1.97 -4.95
C ARG A 44 11.81 1.86 -6.42
N LEU A 45 11.93 3.01 -7.07
CA LEU A 45 12.40 3.10 -8.45
C LEU A 45 13.93 3.05 -8.44
N ARG A 46 14.50 2.11 -9.20
CA ARG A 46 15.97 2.00 -9.38
C ARG A 46 16.59 3.22 -10.08
N ASP A 47 15.73 4.13 -10.56
CA ASP A 47 16.12 5.42 -11.13
C ASP A 47 16.75 6.32 -10.03
N GLY A 48 16.36 6.05 -8.77
CA GLY A 48 16.83 6.78 -7.59
C GLY A 48 15.71 7.46 -6.83
N ARG A 49 14.45 7.20 -7.25
CA ARG A 49 13.25 7.85 -6.68
C ARG A 49 12.40 6.82 -5.97
N GLU A 50 11.41 7.29 -5.20
CA GLU A 50 10.49 6.43 -4.43
C GLU A 50 9.09 7.05 -4.41
N ASN A 51 8.09 6.20 -4.21
CA ASN A 51 6.67 6.54 -4.14
C ASN A 51 6.11 6.01 -2.81
N LEU A 52 4.93 6.50 -2.43
CA LEU A 52 4.21 6.03 -1.24
C LEU A 52 2.75 5.84 -1.63
N TYR A 53 2.13 4.80 -1.10
CA TYR A 53 0.74 4.45 -1.37
C TYR A 53 0.02 4.23 -0.04
N GLY A 54 -1.31 4.40 -0.03
CA GLY A 54 -2.12 4.21 1.17
C GLY A 54 -3.52 3.74 0.82
N PRO A 55 -4.37 3.38 1.82
CA PRO A 55 -5.77 2.99 1.55
C PRO A 55 -6.61 4.22 1.09
N ALA A 56 -7.25 4.08 -0.08
CA ALA A 56 -8.08 5.16 -0.68
C ALA A 56 -9.37 5.41 0.14
N PRO A 57 -10.02 6.62 -0.03
CA PRO A 57 -11.36 6.87 0.56
C PRO A 57 -12.42 5.95 -0.05
N GLN A 58 -12.57 4.77 0.56
CA GLN A 58 -13.53 3.75 0.16
C GLN A 58 -14.96 4.21 0.52
N SER A 59 -15.95 3.86 -0.30
CA SER A 59 -17.37 4.14 -0.04
C SER A 59 -17.92 3.10 0.97
N PHE A 60 -17.35 3.07 2.19
CA PHE A 60 -17.70 2.09 3.21
C PHE A 60 -19.01 2.48 3.92
N ALA A 61 -20.08 1.74 3.62
CA ALA A 61 -21.41 1.95 4.20
C ALA A 61 -21.41 1.54 5.68
N ASP A 62 -21.03 2.49 6.57
CA ASP A 62 -20.85 2.25 8.02
C ASP A 62 -19.73 1.19 8.26
N ASP A 63 -18.64 1.33 7.47
CA ASP A 63 -17.41 0.50 7.55
C ASP A 63 -17.62 -0.97 7.13
N GLU A 64 -18.64 -1.23 6.31
CA GLU A 64 -18.85 -2.57 5.70
C GLU A 64 -17.70 -2.89 4.71
N ASP A 65 -17.49 -2.00 3.75
CA ASP A 65 -16.60 -2.21 2.58
C ASP A 65 -15.10 -2.40 2.95
N ILE A 66 -14.76 -2.18 4.23
CA ILE A 66 -13.38 -2.38 4.74
C ILE A 66 -12.95 -3.87 4.62
N MET A 67 -13.91 -4.77 4.87
CA MET A 67 -13.68 -6.23 4.87
C MET A 67 -14.81 -6.99 4.13
N ARG A 68 -15.73 -6.24 3.48
CA ARG A 68 -16.82 -6.83 2.65
C ARG A 68 -16.66 -6.43 1.18
N ALA A 69 -15.72 -5.51 0.89
CA ALA A 69 -15.42 -5.04 -0.47
C ALA A 69 -13.91 -4.84 -0.63
N GLU A 70 -13.41 -4.96 -1.88
CA GLU A 70 -12.02 -4.66 -2.21
C GLU A 70 -11.78 -3.14 -2.15
N ARG A 71 -11.29 -2.70 -1.00
CA ARG A 71 -10.81 -1.32 -0.79
C ARG A 71 -9.54 -1.08 -1.64
N ARG A 72 -9.66 -0.22 -2.66
CA ARG A 72 -8.56 0.14 -3.56
C ARG A 72 -7.60 1.10 -2.84
N PHE A 73 -6.40 1.26 -3.40
CA PHE A 73 -5.34 2.10 -2.84
C PHE A 73 -5.27 3.42 -3.59
N GLU A 74 -4.38 4.29 -3.13
CA GLU A 74 -4.10 5.61 -3.72
C GLU A 74 -2.61 5.90 -3.62
N THR A 75 -2.15 6.95 -4.30
CA THR A 75 -0.75 7.37 -4.27
C THR A 75 -0.59 8.52 -3.25
N ARG A 76 0.07 8.24 -2.10
CA ARG A 76 0.40 9.26 -1.09
C ARG A 76 1.48 10.21 -1.67
N LEU A 77 2.64 9.63 -2.05
CA LEU A 77 3.78 10.38 -2.62
C LEU A 77 4.18 9.75 -3.97
N ALA A 78 4.87 10.53 -4.82
CA ALA A 78 5.37 10.04 -6.12
C ALA A 78 6.60 10.85 -6.58
N GLY A 79 7.66 10.11 -6.99
CA GLY A 79 8.91 10.71 -7.48
C GLY A 79 9.64 11.52 -6.41
N VAL A 80 9.55 11.02 -5.17
CA VAL A 80 10.16 11.63 -3.98
C VAL A 80 11.36 10.77 -3.51
N GLU A 81 11.88 11.02 -2.30
CA GLU A 81 12.99 10.22 -1.71
C GLU A 81 12.51 9.47 -0.45
N GLY A 82 13.40 8.61 0.09
CA GLY A 82 13.11 7.79 1.28
C GLY A 82 12.85 8.58 2.55
N GLU A 83 13.44 9.80 2.63
CA GLU A 83 13.20 10.72 3.75
C GLU A 83 11.73 11.16 3.76
N GLU A 84 11.23 11.54 2.57
CA GLU A 84 9.82 11.95 2.36
C GLU A 84 8.87 10.81 2.75
N ILE A 85 9.23 9.57 2.37
CA ILE A 85 8.43 8.37 2.67
C ILE A 85 8.28 8.21 4.19
N ALA A 86 9.43 8.14 4.89
CA ALA A 86 9.50 7.94 6.34
C ALA A 86 8.89 9.13 7.10
N ALA A 87 8.95 10.32 6.49
CA ALA A 87 8.41 11.57 7.07
C ALA A 87 6.88 11.52 7.14
N LEU A 88 6.22 10.90 6.14
CA LEU A 88 4.77 10.72 6.14
C LEU A 88 4.37 9.51 7.01
N LEU A 89 5.16 8.42 6.93
CA LEU A 89 4.95 7.21 7.76
C LEU A 89 5.00 7.58 9.25
N GLU A 90 5.77 8.64 9.55
CA GLU A 90 5.88 9.27 10.86
C GLU A 90 4.55 9.93 11.29
N ARG A 91 3.90 10.62 10.34
CA ARG A 91 2.63 11.34 10.58
C ARG A 91 1.48 10.32 10.79
N GLU A 92 1.41 9.35 9.87
CA GLU A 92 0.34 8.33 9.83
C GLU A 92 0.43 7.37 11.02
N ARG A 93 1.66 7.01 11.42
CA ARG A 93 1.88 6.14 12.61
C ARG A 93 1.40 6.83 13.90
N ARG A 94 1.60 8.17 13.95
CA ARG A 94 1.29 8.98 15.14
C ARG A 94 -0.21 8.90 15.48
N PHE A 95 -1.04 9.10 14.44
CA PHE A 95 -2.50 9.05 14.55
C PHE A 95 -2.98 7.59 14.66
N ASP A 96 -2.44 6.73 13.77
CA ASP A 96 -2.89 5.33 13.61
C ASP A 96 -1.70 4.42 13.24
N SER A 97 -1.07 3.81 14.26
CA SER A 97 0.09 2.90 14.10
C SER A 97 -0.33 1.51 13.56
N ASP A 98 -1.66 1.30 13.32
CA ASP A 98 -2.19 0.03 12.76
C ASP A 98 -1.86 -0.13 11.25
N LEU A 99 -1.19 0.89 10.65
CA LEU A 99 -0.70 0.77 9.27
C LEU A 99 0.43 -0.26 9.17
N TRP A 100 0.51 -0.91 8.02
CA TRP A 100 1.62 -1.76 7.63
C TRP A 100 2.50 -0.97 6.68
N VAL A 101 3.75 -1.36 6.53
CA VAL A 101 4.65 -0.81 5.50
C VAL A 101 5.29 -1.97 4.76
N VAL A 102 5.17 -1.95 3.43
CA VAL A 102 5.81 -2.93 2.53
C VAL A 102 6.71 -2.18 1.56
N GLU A 103 8.01 -2.53 1.51
CA GLU A 103 8.92 -1.99 0.50
C GLU A 103 8.85 -2.88 -0.74
N ILE A 104 8.31 -2.34 -1.83
CA ILE A 104 8.32 -3.00 -3.15
C ILE A 104 9.36 -2.28 -4.03
N GLU A 105 10.27 -3.03 -4.64
CA GLU A 105 11.32 -2.48 -5.52
C GLU A 105 10.98 -2.91 -6.96
N THR A 106 10.44 -1.98 -7.74
CA THR A 106 9.91 -2.25 -9.08
C THR A 106 9.84 -0.95 -9.90
N ASP A 107 9.73 -1.10 -11.23
CA ASP A 107 9.57 0.01 -12.19
C ASP A 107 8.08 0.42 -12.27
N GLU A 108 7.22 -0.61 -12.39
CA GLU A 108 5.78 -0.45 -12.65
C GLU A 108 4.98 -0.70 -11.36
N ILE A 109 3.77 -0.13 -11.29
CA ILE A 109 2.91 -0.22 -10.09
C ILE A 109 1.53 -0.82 -10.42
N GLY A 110 0.98 -0.48 -11.61
CA GLY A 110 -0.43 -0.74 -11.95
C GLY A 110 -0.80 -2.22 -11.97
N THR A 111 0.16 -3.06 -12.40
CA THR A 111 0.00 -4.52 -12.50
C THR A 111 -0.01 -5.19 -11.10
N LEU A 112 0.77 -4.60 -10.17
CA LEU A 112 1.08 -5.23 -8.87
C LEU A 112 0.42 -4.50 -7.69
N LEU A 113 -0.31 -3.42 -7.99
CA LEU A 113 -1.07 -2.63 -7.01
C LEU A 113 -1.93 -1.58 -7.75
N THR A 114 -3.26 -1.70 -7.61
CA THR A 114 -4.23 -0.81 -8.26
C THR A 114 -4.54 0.40 -7.37
N LEU A 115 -4.61 1.59 -8.01
CA LEU A 115 -4.74 2.90 -7.34
C LEU A 115 -5.89 3.73 -7.97
N VAL A 116 -6.54 4.56 -7.14
CA VAL A 116 -7.58 5.51 -7.58
C VAL A 116 -6.91 6.78 -8.18
N ASP A 117 -5.71 7.11 -7.67
CA ASP A 117 -4.90 8.25 -8.12
C ASP A 117 -4.37 7.99 -9.53
N GLN A 118 -3.61 6.88 -9.66
CA GLN A 118 -3.01 6.47 -10.95
C GLN A 118 -4.08 5.91 -11.91
N PRO A 119 -3.93 6.16 -13.26
CA PRO A 119 -4.91 5.73 -14.29
C PRO A 119 -5.01 4.19 -14.43
N GLN A 120 -6.10 3.77 -15.08
CA GLN A 120 -6.42 2.34 -15.31
C GLN A 120 -5.62 1.83 -16.53
N ALA A 121 -5.30 0.53 -16.53
CA ALA A 121 -4.52 -0.11 -17.58
C ALA A 121 -5.39 -0.36 -18.84
N MET A 4 -9.18 -7.61 -3.86
CA MET A 4 -9.49 -8.84 -3.11
C MET A 4 -9.81 -8.49 -1.64
N ARG A 5 -10.96 -8.99 -1.16
CA ARG A 5 -11.46 -8.77 0.22
C ARG A 5 -10.75 -9.73 1.20
N LEU A 6 -9.80 -9.18 1.98
CA LEU A 6 -8.98 -9.96 2.94
C LEU A 6 -8.53 -9.07 4.12
N LYS A 7 -7.76 -9.67 5.06
CA LYS A 7 -7.13 -8.93 6.18
C LYS A 7 -6.05 -7.96 5.65
N SER A 8 -5.66 -7.02 6.51
CA SER A 8 -4.55 -6.08 6.27
C SER A 8 -3.21 -6.85 6.17
N GLU A 9 -3.04 -7.86 7.06
CA GLU A 9 -1.89 -8.77 7.08
C GLU A 9 -1.82 -9.57 5.77
N MET A 10 -2.96 -10.16 5.41
CA MET A 10 -3.10 -10.99 4.19
C MET A 10 -2.97 -10.11 2.93
N PHE A 11 -3.31 -8.80 3.06
CA PHE A 11 -3.16 -7.81 1.98
C PHE A 11 -1.69 -7.61 1.65
N VAL A 12 -0.88 -7.43 2.71
CA VAL A 12 0.59 -7.27 2.62
C VAL A 12 1.23 -8.51 2.00
N SER A 13 0.91 -9.67 2.59
CA SER A 13 1.48 -10.96 2.20
C SER A 13 1.18 -11.27 0.72
N ALA A 14 -0.06 -10.97 0.30
CA ALA A 14 -0.49 -11.14 -1.10
C ALA A 14 0.23 -10.14 -2.02
N LEU A 15 0.37 -8.87 -1.55
CA LEU A 15 0.95 -7.74 -2.33
C LEU A 15 2.41 -8.06 -2.72
N ILE A 16 3.14 -8.62 -1.76
CA ILE A 16 4.53 -9.04 -1.94
C ILE A 16 4.62 -10.09 -3.07
N ARG A 17 3.71 -11.07 -3.05
CA ARG A 17 3.67 -12.15 -4.08
C ARG A 17 3.14 -11.61 -5.43
N ARG A 18 2.36 -10.50 -5.40
CA ARG A 18 1.86 -9.84 -6.62
C ARG A 18 3.03 -9.24 -7.43
N VAL A 19 3.96 -8.57 -6.71
CA VAL A 19 5.10 -7.89 -7.36
C VAL A 19 6.12 -8.92 -7.86
N PHE A 20 6.30 -10.04 -7.10
CA PHE A 20 7.20 -11.14 -7.51
C PHE A 20 6.61 -11.92 -8.70
N ALA A 21 5.26 -11.94 -8.81
CA ALA A 21 4.56 -12.45 -10.01
C ALA A 21 4.86 -11.57 -11.24
N ALA A 22 4.96 -10.24 -10.99
CA ALA A 22 5.32 -9.24 -12.02
C ALA A 22 6.83 -9.31 -12.37
N GLY A 23 7.64 -9.81 -11.42
CA GLY A 23 9.10 -9.95 -11.58
C GLY A 23 9.91 -8.98 -10.72
N GLY A 24 9.21 -8.10 -9.99
CA GLY A 24 9.82 -7.11 -9.10
C GLY A 24 10.29 -7.66 -7.75
N PHE A 25 10.29 -6.81 -6.72
CA PHE A 25 10.81 -7.13 -5.37
C PHE A 25 9.88 -6.51 -4.31
N ALA A 26 9.90 -7.07 -3.07
CA ALA A 26 9.09 -6.57 -1.93
C ALA A 26 9.66 -7.07 -0.59
N ALA A 27 9.32 -6.35 0.49
CA ALA A 27 9.72 -6.70 1.86
C ALA A 27 8.93 -5.85 2.87
N VAL A 28 8.20 -6.53 3.78
CA VAL A 28 7.42 -5.87 4.85
C VAL A 28 8.33 -5.55 6.06
N GLU A 29 8.64 -4.26 6.23
CA GLU A 29 9.49 -3.75 7.31
C GLU A 29 8.72 -3.62 8.62
N LYS A 30 7.71 -2.72 8.64
CA LYS A 30 6.91 -2.45 9.85
C LYS A 30 5.67 -3.36 9.86
N LYS A 31 5.24 -3.75 11.07
CA LYS A 31 4.15 -4.71 11.28
C LYS A 31 3.20 -4.20 12.37
N GLY A 32 1.89 -4.22 12.08
CA GLY A 32 0.85 -3.80 13.04
C GLY A 32 -0.32 -4.77 13.10
N ALA A 33 -1.56 -4.24 12.96
CA ALA A 33 -2.81 -5.02 13.17
C ALA A 33 -3.17 -5.85 11.93
N GLU A 34 -3.65 -7.08 12.15
CA GLU A 34 -3.93 -8.04 11.06
C GLU A 34 -5.21 -7.72 10.30
N ALA A 35 -6.33 -7.56 11.00
CA ALA A 35 -7.66 -7.43 10.36
C ALA A 35 -8.07 -5.96 10.16
N ALA A 36 -7.69 -5.09 11.10
CA ALA A 36 -8.14 -3.67 11.12
C ALA A 36 -7.00 -2.70 10.76
N GLY A 37 -5.81 -3.25 10.45
CA GLY A 37 -4.59 -2.46 10.32
C GLY A 37 -4.56 -1.55 9.09
N ALA A 38 -3.88 -0.40 9.23
CA ALA A 38 -3.53 0.46 8.09
C ALA A 38 -2.34 -0.17 7.35
N ILE A 39 -2.16 0.15 6.07
CA ILE A 39 -1.08 -0.42 5.23
C ILE A 39 -0.50 0.73 4.40
N PHE A 40 0.79 1.05 4.60
CA PHE A 40 1.48 2.08 3.82
C PHE A 40 2.65 1.46 3.07
N VAL A 41 2.52 1.43 1.74
CA VAL A 41 3.45 0.73 0.84
C VAL A 41 4.25 1.77 0.06
N ARG A 42 5.57 1.60 0.03
CA ARG A 42 6.48 2.52 -0.66
C ARG A 42 7.13 1.83 -1.88
N GLN A 43 6.81 2.31 -3.10
CA GLN A 43 7.32 1.73 -4.36
C GLN A 43 8.56 2.46 -4.84
N ARG A 44 9.67 1.73 -4.96
CA ARG A 44 10.92 2.25 -5.53
C ARG A 44 10.91 2.10 -7.06
N LEU A 45 10.99 3.22 -7.78
CA LEU A 45 11.23 3.22 -9.23
C LEU A 45 12.71 2.86 -9.52
N ARG A 46 12.95 2.21 -10.66
CA ARG A 46 14.32 1.94 -11.18
C ARG A 46 15.04 3.25 -11.58
N ASP A 47 14.26 4.34 -11.66
CA ASP A 47 14.74 5.70 -11.92
C ASP A 47 15.54 6.27 -10.73
N GLY A 48 15.32 5.68 -9.54
CA GLY A 48 15.96 6.13 -8.30
C GLY A 48 15.05 7.00 -7.47
N ARG A 49 13.72 6.77 -7.61
CA ARG A 49 12.66 7.51 -6.89
C ARG A 49 11.81 6.52 -6.09
N GLU A 50 10.88 7.06 -5.29
CA GLU A 50 9.95 6.29 -4.44
C GLU A 50 8.52 6.79 -4.60
N ASN A 51 7.57 5.98 -4.14
CA ASN A 51 6.14 6.31 -4.04
C ASN A 51 5.68 5.94 -2.63
N LEU A 52 4.44 6.29 -2.28
CA LEU A 52 3.81 5.90 -1.02
C LEU A 52 2.31 5.72 -1.28
N TYR A 53 1.72 4.71 -0.64
CA TYR A 53 0.32 4.31 -0.81
C TYR A 53 -0.32 4.15 0.56
N GLY A 54 -1.63 4.35 0.64
CA GLY A 54 -2.37 4.24 1.90
C GLY A 54 -3.80 3.79 1.67
N PRO A 55 -4.51 3.30 2.74
CA PRO A 55 -5.94 2.87 2.62
C PRO A 55 -6.85 4.06 2.26
N ALA A 56 -7.61 3.92 1.16
CA ALA A 56 -8.54 4.95 0.69
C ALA A 56 -9.97 4.67 1.21
N PRO A 57 -10.82 5.74 1.38
CA PRO A 57 -12.25 5.56 1.69
C PRO A 57 -12.99 4.91 0.51
N GLN A 58 -13.27 3.61 0.63
CA GLN A 58 -13.96 2.82 -0.41
C GLN A 58 -15.43 3.28 -0.56
N SER A 59 -16.06 2.93 -1.69
CA SER A 59 -17.49 3.21 -1.92
C SER A 59 -18.34 2.20 -1.12
N PHE A 60 -19.23 2.72 -0.27
CA PHE A 60 -20.16 1.90 0.53
C PHE A 60 -21.48 2.63 0.74
N ALA A 61 -22.58 1.88 0.77
CA ALA A 61 -23.93 2.41 0.99
C ALA A 61 -24.49 1.83 2.29
N ASP A 62 -24.48 2.66 3.36
CA ASP A 62 -24.89 2.27 4.73
C ASP A 62 -24.02 1.09 5.24
N ASP A 63 -22.68 1.31 5.16
CA ASP A 63 -21.63 0.39 5.67
C ASP A 63 -21.70 -1.06 5.12
N GLU A 64 -22.41 -1.26 4.00
CA GLU A 64 -22.52 -2.59 3.36
C GLU A 64 -21.18 -3.02 2.75
N ASP A 65 -20.72 -2.22 1.78
CA ASP A 65 -19.60 -2.57 0.89
C ASP A 65 -18.23 -2.56 1.61
N ILE A 66 -18.22 -2.11 2.88
CA ILE A 66 -17.06 -2.30 3.80
C ILE A 66 -16.67 -3.79 3.86
N MET A 67 -17.70 -4.66 3.87
CA MET A 67 -17.57 -6.13 3.99
C MET A 67 -17.96 -6.84 2.69
N ARG A 68 -18.61 -6.11 1.75
CA ARG A 68 -19.04 -6.66 0.44
C ARG A 68 -18.05 -6.29 -0.69
N ALA A 69 -17.07 -5.43 -0.34
CA ALA A 69 -15.99 -5.00 -1.25
C ALA A 69 -14.72 -4.75 -0.43
N GLU A 70 -13.55 -4.76 -1.12
CA GLU A 70 -12.25 -4.55 -0.46
C GLU A 70 -12.00 -3.05 -0.23
N ARG A 71 -11.28 -2.76 0.87
CA ARG A 71 -10.65 -1.45 1.12
C ARG A 71 -9.60 -1.19 0.03
N ARG A 72 -10.02 -0.41 -0.98
CA ARG A 72 -9.17 -0.05 -2.11
C ARG A 72 -8.25 1.09 -1.68
N PHE A 73 -7.06 1.15 -2.28
CA PHE A 73 -5.99 2.05 -1.83
C PHE A 73 -5.89 3.29 -2.71
N GLU A 74 -5.04 4.20 -2.27
CA GLU A 74 -4.74 5.47 -2.93
C GLU A 74 -3.23 5.71 -2.87
N THR A 75 -2.77 6.70 -3.61
CA THR A 75 -1.37 7.08 -3.66
C THR A 75 -1.15 8.31 -2.77
N ARG A 76 -0.40 8.14 -1.66
CA ARG A 76 -0.01 9.24 -0.76
C ARG A 76 1.04 10.14 -1.46
N LEU A 77 2.19 9.53 -1.84
CA LEU A 77 3.30 10.23 -2.54
C LEU A 77 3.64 9.46 -3.83
N ALA A 78 4.32 10.11 -4.80
CA ALA A 78 4.74 9.45 -6.05
C ALA A 78 5.95 10.15 -6.69
N GLY A 79 6.94 9.35 -7.14
CA GLY A 79 8.15 9.87 -7.81
C GLY A 79 8.98 10.79 -6.93
N VAL A 80 8.87 10.62 -5.61
CA VAL A 80 9.52 11.47 -4.61
C VAL A 80 10.81 10.81 -4.10
N GLU A 81 11.39 11.36 -3.02
CA GLU A 81 12.59 10.80 -2.36
C GLU A 81 12.20 10.08 -1.06
N GLY A 82 13.11 9.22 -0.58
CA GLY A 82 12.91 8.45 0.65
C GLY A 82 12.78 9.31 1.92
N GLU A 83 13.30 10.55 1.84
CA GLU A 83 13.15 11.53 2.92
C GLU A 83 11.69 12.00 3.04
N GLU A 84 11.00 12.17 1.88
CA GLU A 84 9.56 12.51 1.84
C GLU A 84 8.71 11.34 2.35
N ILE A 85 9.17 10.10 2.06
CA ILE A 85 8.48 8.87 2.46
C ILE A 85 8.40 8.78 3.99
N ALA A 86 9.56 8.85 4.66
CA ALA A 86 9.64 8.79 6.13
C ALA A 86 8.95 9.99 6.79
N ALA A 87 8.94 11.14 6.07
CA ALA A 87 8.27 12.37 6.50
C ALA A 87 6.76 12.17 6.68
N LEU A 88 6.14 11.36 5.80
CA LEU A 88 4.72 10.99 5.94
C LEU A 88 4.54 9.82 6.92
N LEU A 89 5.42 8.80 6.81
CA LEU A 89 5.32 7.55 7.60
C LEU A 89 5.29 7.85 9.11
N GLU A 90 6.02 8.90 9.53
CA GLU A 90 6.07 9.33 10.94
C GLU A 90 4.70 9.89 11.39
N ARG A 91 3.99 10.54 10.46
CA ARG A 91 2.68 11.15 10.73
C ARG A 91 1.61 10.06 10.86
N GLU A 92 1.54 9.21 9.84
CA GLU A 92 0.53 8.14 9.74
C GLU A 92 0.68 7.12 10.87
N ARG A 93 1.93 6.87 11.29
CA ARG A 93 2.21 5.98 12.45
C ARG A 93 1.82 6.64 13.79
N ARG A 94 1.89 7.98 13.85
CA ARG A 94 1.53 8.75 15.06
C ARG A 94 0.03 8.54 15.39
N PHE A 95 -0.80 8.59 14.35
CA PHE A 95 -2.26 8.42 14.46
C PHE A 95 -2.63 6.92 14.50
N ASP A 96 -1.97 6.12 13.66
CA ASP A 96 -2.24 4.67 13.52
C ASP A 96 -0.90 3.90 13.42
N SER A 97 -0.35 3.51 14.58
CA SER A 97 0.95 2.78 14.66
C SER A 97 0.83 1.33 14.18
N ASP A 98 -0.40 0.87 14.01
CA ASP A 98 -0.75 -0.47 13.50
C ASP A 98 -0.61 -0.56 11.96
N LEU A 99 0.00 0.48 11.33
CA LEU A 99 0.27 0.47 9.89
C LEU A 99 1.43 -0.50 9.58
N TRP A 100 1.35 -1.16 8.41
CA TRP A 100 2.41 -2.03 7.91
C TRP A 100 3.14 -1.28 6.79
N VAL A 101 4.46 -1.16 6.91
CA VAL A 101 5.28 -0.48 5.87
C VAL A 101 5.94 -1.57 5.02
N VAL A 102 5.56 -1.60 3.73
CA VAL A 102 6.04 -2.62 2.77
C VAL A 102 6.80 -1.90 1.65
N GLU A 103 8.11 -2.13 1.55
CA GLU A 103 8.91 -1.56 0.45
C GLU A 103 8.94 -2.52 -0.73
N ILE A 104 8.23 -2.15 -1.80
CA ILE A 104 8.19 -2.89 -3.07
C ILE A 104 9.04 -2.14 -4.10
N GLU A 105 9.87 -2.84 -4.88
CA GLU A 105 10.63 -2.24 -5.98
C GLU A 105 10.01 -2.68 -7.31
N THR A 106 9.51 -1.70 -8.06
CA THR A 106 8.90 -1.90 -9.37
C THR A 106 8.68 -0.54 -10.07
N ASP A 107 8.44 -0.57 -11.38
CA ASP A 107 8.17 0.62 -12.20
C ASP A 107 6.65 0.84 -12.34
N GLU A 108 5.92 -0.29 -12.48
CA GLU A 108 4.46 -0.33 -12.66
C GLU A 108 3.78 -0.70 -11.33
N ILE A 109 2.69 0.00 -10.99
CA ILE A 109 1.97 -0.21 -9.72
C ILE A 109 0.64 -0.95 -9.96
N GLY A 110 -0.04 -0.62 -11.08
CA GLY A 110 -1.42 -1.05 -11.32
C GLY A 110 -1.61 -2.56 -11.38
N THR A 111 -0.58 -3.27 -11.84
CA THR A 111 -0.63 -4.73 -12.03
C THR A 111 -0.47 -5.51 -10.71
N LEU A 112 0.10 -4.86 -9.68
CA LEU A 112 0.52 -5.51 -8.42
C LEU A 112 -0.03 -4.81 -7.17
N LEU A 113 -0.86 -3.77 -7.38
CA LEU A 113 -1.59 -3.06 -6.31
C LEU A 113 -2.66 -2.16 -6.95
N THR A 114 -3.89 -2.24 -6.40
CA THR A 114 -5.05 -1.49 -6.89
C THR A 114 -5.14 -0.12 -6.17
N LEU A 115 -5.36 0.94 -6.96
CA LEU A 115 -5.47 2.33 -6.45
C LEU A 115 -6.68 3.03 -7.10
N VAL A 116 -7.20 4.04 -6.39
CA VAL A 116 -8.24 4.95 -6.87
C VAL A 116 -7.61 6.25 -7.43
N ASP A 117 -6.33 6.49 -7.05
CA ASP A 117 -5.61 7.73 -7.36
C ASP A 117 -4.94 7.65 -8.74
N GLN A 118 -3.96 6.72 -8.90
CA GLN A 118 -3.19 6.56 -10.15
C GLN A 118 -4.12 6.15 -11.33
N PRO A 119 -4.02 6.87 -12.50
CA PRO A 119 -4.80 6.52 -13.71
C PRO A 119 -4.38 5.14 -14.26
N GLN A 120 -5.34 4.20 -14.27
CA GLN A 120 -5.10 2.81 -14.71
C GLN A 120 -5.00 2.74 -16.26
N ALA A 121 -5.72 3.66 -16.93
CA ALA A 121 -5.72 3.80 -18.39
C ALA A 121 -5.60 5.30 -18.74
N MET A 4 -8.77 -10.10 -4.07
CA MET A 4 -9.74 -10.87 -3.26
C MET A 4 -10.00 -10.16 -1.93
N ARG A 5 -11.20 -10.38 -1.35
CA ARG A 5 -11.55 -9.94 0.01
C ARG A 5 -10.85 -10.86 1.03
N LEU A 6 -9.95 -10.28 1.83
CA LEU A 6 -9.14 -11.01 2.82
C LEU A 6 -8.62 -10.03 3.90
N LYS A 7 -7.77 -10.55 4.80
CA LYS A 7 -7.12 -9.74 5.85
C LYS A 7 -6.11 -8.74 5.24
N SER A 8 -5.76 -7.72 6.04
CA SER A 8 -4.61 -6.84 5.82
C SER A 8 -3.32 -7.68 5.71
N GLU A 9 -3.22 -8.62 6.67
CA GLU A 9 -2.14 -9.59 6.81
C GLU A 9 -1.97 -10.46 5.55
N MET A 10 -3.09 -10.97 5.03
CA MET A 10 -3.06 -11.82 3.84
C MET A 10 -2.86 -10.98 2.56
N PHE A 11 -3.29 -9.69 2.59
CA PHE A 11 -3.19 -8.78 1.43
C PHE A 11 -1.73 -8.38 1.21
N VAL A 12 -1.06 -7.98 2.31
CA VAL A 12 0.35 -7.53 2.27
C VAL A 12 1.27 -8.67 1.82
N SER A 13 0.98 -9.89 2.29
CA SER A 13 1.70 -11.10 1.91
C SER A 13 1.51 -11.37 0.40
N ALA A 14 0.24 -11.36 -0.04
CA ALA A 14 -0.14 -11.60 -1.45
C ALA A 14 0.48 -10.54 -2.39
N LEU A 15 0.59 -9.29 -1.88
CA LEU A 15 1.09 -8.12 -2.63
C LEU A 15 2.58 -8.32 -2.98
N ILE A 16 3.31 -8.87 -2.02
CA ILE A 16 4.73 -9.19 -2.17
C ILE A 16 4.95 -10.20 -3.31
N ARG A 17 4.13 -11.24 -3.36
CA ARG A 17 4.25 -12.28 -4.40
C ARG A 17 3.78 -11.74 -5.78
N ARG A 18 2.90 -10.71 -5.78
CA ARG A 18 2.49 -10.01 -7.03
C ARG A 18 3.71 -9.34 -7.69
N VAL A 19 4.54 -8.65 -6.87
CA VAL A 19 5.69 -7.89 -7.37
C VAL A 19 6.83 -8.85 -7.80
N PHE A 20 7.04 -9.95 -7.04
CA PHE A 20 8.05 -10.99 -7.39
C PHE A 20 7.62 -11.77 -8.67
N ALA A 21 6.29 -11.86 -8.90
CA ALA A 21 5.73 -12.42 -10.15
C ALA A 21 5.97 -11.49 -11.36
N ALA A 22 6.23 -10.19 -11.07
CA ALA A 22 6.58 -9.18 -12.10
C ALA A 22 8.12 -9.00 -12.21
N GLY A 23 8.86 -9.39 -11.15
CA GLY A 23 10.34 -9.29 -11.14
C GLY A 23 10.87 -8.22 -10.19
N GLY A 24 9.96 -7.56 -9.45
CA GLY A 24 10.31 -6.56 -8.42
C GLY A 24 10.52 -7.18 -7.02
N PHE A 25 10.73 -6.30 -6.03
CA PHE A 25 11.04 -6.68 -4.62
C PHE A 25 9.92 -6.18 -3.69
N ALA A 26 9.77 -6.81 -2.50
CA ALA A 26 8.85 -6.35 -1.44
C ALA A 26 9.20 -6.96 -0.08
N ALA A 27 8.75 -6.28 1.01
CA ALA A 27 8.96 -6.74 2.41
C ALA A 27 8.07 -5.93 3.39
N VAL A 28 7.38 -6.65 4.31
CA VAL A 28 6.53 -6.03 5.35
C VAL A 28 7.42 -5.43 6.48
N GLU A 29 7.59 -4.11 6.44
CA GLU A 29 8.33 -3.35 7.46
C GLU A 29 7.51 -3.23 8.76
N LYS A 30 6.31 -2.62 8.66
CA LYS A 30 5.42 -2.38 9.82
C LYS A 30 4.18 -3.30 9.73
N LYS A 31 3.66 -3.70 10.90
CA LYS A 31 2.53 -4.63 11.02
C LYS A 31 1.53 -4.13 12.07
N GLY A 32 0.26 -3.95 11.65
CA GLY A 32 -0.81 -3.53 12.57
C GLY A 32 -1.87 -4.62 12.76
N ALA A 33 -3.16 -4.22 12.70
CA ALA A 33 -4.31 -5.14 12.90
C ALA A 33 -4.46 -6.08 11.69
N GLU A 34 -4.59 -7.38 11.97
CA GLU A 34 -4.57 -8.45 10.94
C GLU A 34 -5.63 -8.25 9.85
N ALA A 35 -6.89 -8.04 10.23
CA ALA A 35 -8.02 -8.01 9.27
C ALA A 35 -8.38 -6.59 8.81
N ALA A 36 -8.52 -5.65 9.78
CA ALA A 36 -9.09 -4.31 9.53
C ALA A 36 -8.02 -3.20 9.47
N GLY A 37 -6.73 -3.59 9.57
CA GLY A 37 -5.63 -2.62 9.59
C GLY A 37 -5.41 -1.88 8.27
N ALA A 38 -5.01 -0.60 8.36
CA ALA A 38 -4.66 0.22 7.18
C ALA A 38 -3.36 -0.29 6.53
N ILE A 39 -3.14 0.00 5.23
CA ILE A 39 -1.92 -0.42 4.51
C ILE A 39 -1.27 0.81 3.85
N PHE A 40 0.06 0.89 3.93
CA PHE A 40 0.88 1.91 3.25
C PHE A 40 2.07 1.23 2.58
N VAL A 41 2.07 1.26 1.25
CA VAL A 41 3.09 0.62 0.41
C VAL A 41 3.91 1.70 -0.31
N ARG A 42 5.25 1.62 -0.23
CA ARG A 42 6.12 2.59 -0.92
C ARG A 42 6.77 1.89 -2.13
N GLN A 43 6.64 2.48 -3.33
CA GLN A 43 7.24 1.94 -4.57
C GLN A 43 8.55 2.66 -4.88
N ARG A 44 9.67 1.94 -4.82
CA ARG A 44 10.98 2.52 -5.08
C ARG A 44 11.30 2.42 -6.58
N LEU A 45 11.39 3.60 -7.23
CA LEU A 45 11.79 3.75 -8.63
C LEU A 45 13.32 3.55 -8.80
N ARG A 46 13.74 3.19 -10.03
CA ARG A 46 15.17 3.09 -10.40
C ARG A 46 15.88 4.47 -10.38
N ASP A 47 15.06 5.54 -10.34
CA ASP A 47 15.51 6.93 -10.22
C ASP A 47 16.17 7.20 -8.85
N GLY A 48 15.95 6.29 -7.88
CA GLY A 48 16.35 6.54 -6.49
C GLY A 48 15.31 7.35 -5.76
N ARG A 49 14.05 7.14 -6.17
CA ARG A 49 12.88 7.83 -5.63
C ARG A 49 11.87 6.79 -5.16
N GLU A 50 10.82 7.26 -4.45
CA GLU A 50 9.79 6.40 -3.84
C GLU A 50 8.40 6.98 -4.10
N ASN A 51 7.40 6.09 -4.00
CA ASN A 51 5.97 6.43 -3.99
C ASN A 51 5.41 6.09 -2.60
N LEU A 52 4.15 6.42 -2.35
CA LEU A 52 3.42 5.98 -1.16
C LEU A 52 1.99 5.70 -1.57
N TYR A 53 1.42 4.59 -1.07
CA TYR A 53 0.07 4.15 -1.44
C TYR A 53 -0.70 3.80 -0.18
N GLY A 54 -1.79 4.53 0.08
CA GLY A 54 -2.58 4.38 1.30
C GLY A 54 -3.93 3.75 1.04
N PRO A 55 -4.77 3.53 2.09
CA PRO A 55 -6.13 3.01 1.93
C PRO A 55 -7.02 4.10 1.33
N ALA A 56 -7.44 3.90 0.07
CA ALA A 56 -8.25 4.88 -0.68
C ALA A 56 -9.56 5.23 0.07
N PRO A 57 -10.10 6.49 -0.12
CA PRO A 57 -11.44 6.87 0.38
C PRO A 57 -12.52 6.13 -0.43
N GLN A 58 -12.63 4.83 -0.14
CA GLN A 58 -13.50 3.89 -0.84
C GLN A 58 -14.95 4.10 -0.36
N SER A 59 -15.92 3.60 -1.13
CA SER A 59 -17.32 3.61 -0.73
C SER A 59 -17.54 2.52 0.33
N PHE A 60 -17.08 2.80 1.57
CA PHE A 60 -17.30 1.91 2.72
C PHE A 60 -18.56 2.36 3.45
N ALA A 61 -19.69 1.78 3.01
CA ALA A 61 -21.02 2.08 3.53
C ALA A 61 -21.11 1.60 4.99
N ASP A 62 -20.90 2.56 5.91
CA ASP A 62 -20.88 2.33 7.38
C ASP A 62 -19.67 1.44 7.77
N ASP A 63 -18.55 1.61 7.01
CA ASP A 63 -17.25 0.89 7.22
C ASP A 63 -17.38 -0.64 7.06
N GLU A 64 -18.37 -1.08 6.28
CA GLU A 64 -18.51 -2.48 5.89
C GLU A 64 -17.40 -2.87 4.90
N ASP A 65 -17.35 -2.14 3.76
CA ASP A 65 -16.54 -2.48 2.56
C ASP A 65 -15.01 -2.49 2.81
N ILE A 66 -14.59 -2.07 4.02
CA ILE A 66 -13.19 -2.23 4.49
C ILE A 66 -12.77 -3.72 4.42
N MET A 67 -13.67 -4.58 4.95
CA MET A 67 -13.46 -6.05 5.06
C MET A 67 -14.44 -6.82 4.17
N ARG A 68 -15.68 -6.30 4.04
CA ARG A 68 -16.79 -6.94 3.29
C ARG A 68 -16.61 -6.74 1.76
N ALA A 69 -15.63 -5.92 1.40
CA ALA A 69 -15.14 -5.75 0.02
C ALA A 69 -13.62 -5.58 0.05
N GLU A 70 -12.96 -5.83 -1.10
CA GLU A 70 -11.50 -5.64 -1.22
C GLU A 70 -11.17 -4.14 -1.23
N ARG A 71 -10.13 -3.77 -0.47
CA ARG A 71 -9.67 -2.39 -0.33
C ARG A 71 -8.72 -2.02 -1.49
N ARG A 72 -9.07 -0.98 -2.23
CA ARG A 72 -8.25 -0.43 -3.32
C ARG A 72 -7.40 0.72 -2.73
N PHE A 73 -6.24 0.98 -3.33
CA PHE A 73 -5.27 1.96 -2.79
C PHE A 73 -5.38 3.31 -3.52
N GLU A 74 -4.63 4.29 -3.01
CA GLU A 74 -4.54 5.64 -3.59
C GLU A 74 -3.07 6.06 -3.59
N THR A 75 -2.67 6.88 -4.57
CA THR A 75 -1.30 7.40 -4.64
C THR A 75 -1.15 8.63 -3.71
N ARG A 76 -0.56 8.41 -2.52
CA ARG A 76 -0.35 9.46 -1.50
C ARG A 76 0.81 10.36 -1.93
N LEU A 77 1.92 9.72 -2.31
CA LEU A 77 3.17 10.37 -2.75
C LEU A 77 3.68 9.66 -4.02
N ALA A 78 4.47 10.36 -4.84
CA ALA A 78 5.03 9.81 -6.09
C ALA A 78 6.31 10.54 -6.49
N GLY A 79 7.39 9.77 -6.74
CA GLY A 79 8.68 10.31 -7.17
C GLY A 79 9.38 11.18 -6.11
N VAL A 80 9.06 10.91 -4.85
CA VAL A 80 9.58 11.66 -3.70
C VAL A 80 10.71 10.85 -3.03
N GLU A 81 11.13 11.25 -1.83
CA GLU A 81 12.15 10.53 -1.05
C GLU A 81 11.50 9.77 0.11
N GLY A 82 12.26 8.78 0.63
CA GLY A 82 11.86 7.99 1.81
C GLY A 82 11.74 8.82 3.07
N GLU A 83 12.34 10.02 3.03
CA GLU A 83 12.19 11.03 4.07
C GLU A 83 10.74 11.56 4.11
N GLU A 84 10.15 11.78 2.91
CA GLU A 84 8.74 12.20 2.76
C GLU A 84 7.77 11.07 3.12
N ILE A 85 8.16 9.83 2.76
CA ILE A 85 7.36 8.63 3.06
C ILE A 85 7.23 8.48 4.59
N ALA A 86 8.39 8.48 5.26
CA ALA A 86 8.50 8.37 6.74
C ALA A 86 7.81 9.56 7.44
N ALA A 87 7.84 10.73 6.80
CA ALA A 87 7.21 11.97 7.31
C ALA A 87 5.70 11.80 7.50
N LEU A 88 5.04 11.10 6.56
CA LEU A 88 3.61 10.78 6.68
C LEU A 88 3.38 9.56 7.57
N LEU A 89 4.19 8.50 7.38
CA LEU A 89 4.06 7.22 8.13
C LEU A 89 4.06 7.45 9.65
N GLU A 90 4.83 8.47 10.10
CA GLU A 90 4.95 8.83 11.52
C GLU A 90 3.66 9.51 12.02
N ARG A 91 3.00 10.27 11.10
CA ARG A 91 1.77 11.00 11.41
C ARG A 91 0.61 10.01 11.56
N GLU A 92 0.51 9.11 10.58
CA GLU A 92 -0.57 8.13 10.48
C GLU A 92 -0.52 7.15 11.67
N ARG A 93 0.65 6.54 11.93
CA ARG A 93 0.81 5.55 13.04
C ARG A 93 0.47 6.14 14.43
N ARG A 94 0.69 7.45 14.57
CA ARG A 94 0.36 8.21 15.79
C ARG A 94 -1.14 8.12 16.11
N PHE A 95 -1.96 8.31 15.06
CA PHE A 95 -3.42 8.37 15.17
C PHE A 95 -4.04 6.95 15.06
N ASP A 96 -3.54 6.16 14.10
CA ASP A 96 -3.96 4.77 13.85
C ASP A 96 -2.71 3.86 13.85
N SER A 97 -2.52 3.16 14.96
CA SER A 97 -1.40 2.21 15.18
C SER A 97 -1.58 0.93 14.30
N ASP A 98 -2.80 0.70 13.81
CA ASP A 98 -3.19 -0.54 13.11
C ASP A 98 -2.67 -0.63 11.66
N LEU A 99 -1.94 0.39 11.17
CA LEU A 99 -1.46 0.40 9.77
C LEU A 99 -0.24 -0.52 9.57
N TRP A 100 -0.03 -0.90 8.30
CA TRP A 100 1.06 -1.76 7.83
C TRP A 100 1.92 -0.96 6.85
N VAL A 101 3.24 -1.24 6.81
CA VAL A 101 4.14 -0.67 5.80
C VAL A 101 4.83 -1.82 5.05
N VAL A 102 4.73 -1.81 3.71
CA VAL A 102 5.43 -2.75 2.83
C VAL A 102 6.24 -1.94 1.82
N GLU A 103 7.57 -2.08 1.84
CA GLU A 103 8.42 -1.44 0.83
C GLU A 103 8.56 -2.37 -0.38
N ILE A 104 7.97 -1.95 -1.51
CA ILE A 104 8.15 -2.62 -2.80
C ILE A 104 9.14 -1.81 -3.64
N GLU A 105 9.73 -2.46 -4.65
CA GLU A 105 10.68 -1.83 -5.56
C GLU A 105 10.38 -2.32 -6.97
N THR A 106 10.02 -1.38 -7.86
CA THR A 106 9.57 -1.68 -9.22
C THR A 106 9.43 -0.35 -9.99
N ASP A 107 9.31 -0.45 -11.32
CA ASP A 107 9.13 0.72 -12.21
C ASP A 107 7.62 1.01 -12.41
N GLU A 108 6.80 -0.06 -12.37
CA GLU A 108 5.35 0.01 -12.65
C GLU A 108 4.53 -0.54 -11.47
N ILE A 109 3.49 0.19 -11.07
CA ILE A 109 2.61 -0.18 -9.95
C ILE A 109 1.36 -0.95 -10.44
N GLY A 110 0.87 -0.56 -11.64
CA GLY A 110 -0.46 -0.93 -12.12
C GLY A 110 -0.68 -2.43 -12.30
N THR A 111 0.40 -3.20 -12.46
CA THR A 111 0.33 -4.66 -12.65
C THR A 111 0.27 -5.40 -11.29
N LEU A 112 0.97 -4.86 -10.28
CA LEU A 112 1.23 -5.57 -8.99
C LEU A 112 0.50 -4.94 -7.79
N LEU A 113 -0.31 -3.90 -8.06
CA LEU A 113 -1.21 -3.27 -7.07
C LEU A 113 -2.19 -2.32 -7.80
N THR A 114 -3.42 -2.22 -7.27
CA THR A 114 -4.49 -1.41 -7.86
C THR A 114 -4.70 -0.09 -7.09
N LEU A 115 -4.80 1.03 -7.85
CA LEU A 115 -4.99 2.38 -7.29
C LEU A 115 -6.28 3.00 -7.84
N VAL A 116 -6.82 3.98 -7.12
CA VAL A 116 -7.96 4.80 -7.59
C VAL A 116 -7.45 6.06 -8.31
N ASP A 117 -6.12 6.33 -8.16
CA ASP A 117 -5.49 7.54 -8.70
C ASP A 117 -4.85 7.25 -10.07
N GLN A 118 -3.68 6.58 -10.07
CA GLN A 118 -2.90 6.26 -11.29
C GLN A 118 -3.64 5.22 -12.18
N PRO A 119 -3.47 5.31 -13.55
CA PRO A 119 -3.90 4.25 -14.50
C PRO A 119 -3.33 2.86 -14.13
N GLN A 120 -4.12 1.81 -14.42
CA GLN A 120 -3.80 0.42 -14.05
C GLN A 120 -2.96 -0.26 -15.14
N ALA A 121 -3.02 0.30 -16.37
CA ALA A 121 -2.25 -0.18 -17.53
C ALA A 121 -1.32 0.94 -18.02
N MET A 4 -10.11 -9.60 -4.40
CA MET A 4 -9.62 -10.59 -3.42
C MET A 4 -10.53 -10.65 -2.19
N ARG A 5 -10.66 -9.51 -1.50
CA ARG A 5 -11.37 -9.39 -0.22
C ARG A 5 -10.68 -10.24 0.88
N LEU A 6 -9.73 -9.59 1.55
CA LEU A 6 -8.87 -10.22 2.57
C LEU A 6 -8.53 -9.18 3.65
N LYS A 7 -7.85 -9.63 4.72
CA LYS A 7 -7.48 -8.76 5.85
C LYS A 7 -6.21 -7.95 5.51
N SER A 8 -5.84 -7.01 6.39
CA SER A 8 -4.66 -6.12 6.22
C SER A 8 -3.34 -6.93 6.06
N GLU A 9 -3.18 -7.94 6.92
CA GLU A 9 -2.03 -8.88 6.93
C GLU A 9 -1.92 -9.63 5.60
N MET A 10 -3.05 -10.20 5.19
CA MET A 10 -3.14 -11.06 4.01
C MET A 10 -3.05 -10.24 2.71
N PHE A 11 -3.40 -8.93 2.80
CA PHE A 11 -3.26 -8.00 1.66
C PHE A 11 -1.77 -7.80 1.37
N VAL A 12 -0.99 -7.58 2.44
CA VAL A 12 0.47 -7.41 2.34
C VAL A 12 1.15 -8.71 1.89
N SER A 13 0.68 -9.85 2.43
CA SER A 13 1.19 -11.18 2.09
C SER A 13 1.04 -11.44 0.58
N ALA A 14 -0.12 -11.02 0.03
CA ALA A 14 -0.40 -11.11 -1.41
C ALA A 14 0.41 -10.06 -2.20
N LEU A 15 0.61 -8.87 -1.59
CA LEU A 15 1.26 -7.69 -2.24
C LEU A 15 2.72 -8.00 -2.62
N ILE A 16 3.45 -8.65 -1.69
CA ILE A 16 4.84 -9.11 -1.92
C ILE A 16 4.89 -10.00 -3.18
N ARG A 17 3.94 -10.94 -3.27
CA ARG A 17 3.84 -11.90 -4.39
C ARG A 17 3.38 -11.18 -5.70
N ARG A 18 2.60 -10.08 -5.56
CA ARG A 18 2.12 -9.28 -6.73
C ARG A 18 3.33 -8.67 -7.48
N VAL A 19 4.26 -8.06 -6.73
CA VAL A 19 5.40 -7.35 -7.31
C VAL A 19 6.44 -8.33 -7.88
N PHE A 20 6.65 -9.47 -7.20
CA PHE A 20 7.58 -10.53 -7.65
C PHE A 20 7.05 -11.21 -8.92
N ALA A 21 5.71 -11.26 -9.07
CA ALA A 21 5.05 -11.74 -10.31
C ALA A 21 5.36 -10.76 -11.48
N ALA A 22 5.47 -9.46 -11.14
CA ALA A 22 5.81 -8.39 -12.10
C ALA A 22 7.35 -8.27 -12.31
N GLY A 23 8.14 -8.91 -11.42
CA GLY A 23 9.62 -8.93 -11.52
C GLY A 23 10.30 -8.02 -10.50
N GLY A 24 9.51 -7.20 -9.79
CA GLY A 24 10.03 -6.32 -8.73
C GLY A 24 10.31 -7.04 -7.41
N PHE A 25 10.65 -6.26 -6.37
CA PHE A 25 11.01 -6.77 -5.03
C PHE A 25 10.02 -6.21 -4.00
N ALA A 26 9.88 -6.88 -2.84
CA ALA A 26 9.06 -6.38 -1.71
C ALA A 26 9.50 -7.02 -0.39
N ALA A 27 9.17 -6.33 0.72
CA ALA A 27 9.47 -6.79 2.08
C ALA A 27 8.67 -5.97 3.09
N VAL A 28 8.06 -6.67 4.06
CA VAL A 28 7.26 -6.06 5.13
C VAL A 28 8.22 -5.50 6.20
N GLU A 29 8.47 -4.19 6.14
CA GLU A 29 9.36 -3.50 7.08
C GLU A 29 8.73 -3.42 8.48
N LYS A 30 7.54 -2.78 8.55
CA LYS A 30 6.77 -2.64 9.80
C LYS A 30 5.48 -3.47 9.70
N LYS A 31 5.07 -4.03 10.84
CA LYS A 31 3.84 -4.81 10.99
C LYS A 31 2.93 -4.13 12.02
N GLY A 32 1.62 -4.09 11.73
CA GLY A 32 0.61 -3.55 12.64
C GLY A 32 -0.55 -4.51 12.87
N ALA A 33 -1.79 -3.98 12.87
CA ALA A 33 -3.00 -4.77 13.12
C ALA A 33 -3.35 -5.62 11.89
N GLU A 34 -3.57 -6.92 12.11
CA GLU A 34 -3.69 -7.90 11.02
C GLU A 34 -5.05 -7.80 10.31
N ALA A 35 -6.14 -7.62 11.07
CA ALA A 35 -7.51 -7.56 10.52
C ALA A 35 -7.86 -6.15 10.00
N ALA A 36 -7.64 -5.12 10.84
CA ALA A 36 -8.14 -3.74 10.61
C ALA A 36 -7.01 -2.69 10.48
N GLY A 37 -5.76 -3.15 10.29
CA GLY A 37 -4.60 -2.26 10.26
C GLY A 37 -4.50 -1.43 8.98
N ALA A 38 -3.90 -0.23 9.11
CA ALA A 38 -3.57 0.62 7.95
C ALA A 38 -2.39 -0.02 7.20
N ILE A 39 -2.22 0.32 5.92
CA ILE A 39 -1.14 -0.24 5.08
C ILE A 39 -0.54 0.91 4.26
N PHE A 40 0.67 1.36 4.62
CA PHE A 40 1.39 2.38 3.88
C PHE A 40 2.59 1.76 3.15
N VAL A 41 2.49 1.75 1.82
CA VAL A 41 3.43 1.07 0.92
C VAL A 41 4.27 2.12 0.22
N ARG A 42 5.59 1.98 0.32
CA ARG A 42 6.56 2.90 -0.26
C ARG A 42 7.22 2.23 -1.47
N GLN A 43 6.87 2.71 -2.67
CA GLN A 43 7.42 2.19 -3.93
C GLN A 43 8.76 2.83 -4.23
N ARG A 44 9.82 2.03 -4.12
CA ARG A 44 11.16 2.41 -4.56
C ARG A 44 11.24 2.31 -6.10
N LEU A 45 11.17 3.48 -6.77
CA LEU A 45 11.34 3.58 -8.23
C LEU A 45 12.79 3.22 -8.62
N ARG A 46 12.93 2.57 -9.78
CA ARG A 46 14.25 2.22 -10.35
C ARG A 46 15.05 3.48 -10.73
N ASP A 47 14.33 4.64 -10.84
CA ASP A 47 14.94 5.95 -11.14
C ASP A 47 15.68 6.53 -9.91
N GLY A 48 15.42 5.95 -8.72
CA GLY A 48 15.98 6.44 -7.45
C GLY A 48 15.01 7.35 -6.71
N ARG A 49 13.74 7.33 -7.15
CA ARG A 49 12.65 8.08 -6.50
C ARG A 49 11.82 7.12 -5.63
N GLU A 50 10.80 7.66 -4.97
CA GLU A 50 9.85 6.88 -4.18
C GLU A 50 8.44 7.48 -4.24
N ASN A 51 7.46 6.59 -4.23
CA ASN A 51 6.02 6.92 -4.08
C ASN A 51 5.56 6.36 -2.73
N LEU A 52 4.43 6.87 -2.22
CA LEU A 52 3.79 6.36 -0.99
C LEU A 52 2.32 6.10 -1.31
N TYR A 53 1.78 5.02 -0.76
CA TYR A 53 0.41 4.57 -0.97
C TYR A 53 -0.23 4.28 0.39
N GLY A 54 -1.54 4.53 0.50
CA GLY A 54 -2.27 4.32 1.75
C GLY A 54 -3.67 3.81 1.51
N PRO A 55 -4.38 3.29 2.55
CA PRO A 55 -5.76 2.77 2.41
C PRO A 55 -6.76 3.92 2.15
N ALA A 56 -7.27 3.97 0.90
CA ALA A 56 -8.25 5.00 0.47
C ALA A 56 -9.58 4.84 1.22
N PRO A 57 -10.38 5.95 1.37
CA PRO A 57 -11.75 5.87 1.94
C PRO A 57 -12.65 5.02 1.04
N GLN A 58 -13.10 3.86 1.58
CA GLN A 58 -13.95 2.92 0.84
C GLN A 58 -15.31 3.58 0.51
N SER A 59 -15.74 3.43 -0.74
CA SER A 59 -17.07 3.87 -1.18
C SER A 59 -18.10 2.84 -0.70
N PHE A 60 -18.67 3.07 0.50
CA PHE A 60 -19.67 2.14 1.10
C PHE A 60 -21.01 2.83 1.34
N ALA A 61 -22.09 2.04 1.20
CA ALA A 61 -23.45 2.44 1.56
C ALA A 61 -23.88 1.64 2.81
N ASP A 62 -23.80 2.32 3.97
CA ASP A 62 -24.18 1.76 5.29
C ASP A 62 -23.31 0.53 5.66
N ASP A 63 -22.02 0.64 5.30
CA ASP A 63 -20.94 -0.35 5.62
C ASP A 63 -21.07 -1.67 4.87
N GLU A 64 -21.98 -1.75 3.88
CA GLU A 64 -22.17 -2.97 3.07
C GLU A 64 -20.93 -3.27 2.22
N ASP A 65 -20.45 -2.25 1.48
CA ASP A 65 -19.33 -2.39 0.50
C ASP A 65 -17.98 -2.68 1.18
N ILE A 66 -17.93 -2.58 2.52
CA ILE A 66 -16.76 -3.02 3.32
C ILE A 66 -16.52 -4.54 3.12
N MET A 67 -17.62 -5.26 2.95
CA MET A 67 -17.64 -6.72 2.79
C MET A 67 -17.87 -7.11 1.32
N ARG A 68 -18.52 -6.24 0.54
CA ARG A 68 -18.81 -6.53 -0.90
C ARG A 68 -17.54 -6.38 -1.75
N ALA A 69 -16.61 -5.52 -1.28
CA ALA A 69 -15.28 -5.31 -1.88
C ALA A 69 -14.28 -4.92 -0.78
N GLU A 70 -12.99 -5.23 -1.01
CA GLU A 70 -11.90 -4.77 -0.12
C GLU A 70 -11.67 -3.27 -0.32
N ARG A 71 -11.25 -2.56 0.73
CA ARG A 71 -10.97 -1.11 0.65
C ARG A 71 -9.74 -0.86 -0.24
N ARG A 72 -9.96 -0.07 -1.30
CA ARG A 72 -8.95 0.23 -2.32
C ARG A 72 -7.91 1.20 -1.74
N PHE A 73 -6.79 1.35 -2.46
CA PHE A 73 -5.68 2.21 -2.04
C PHE A 73 -5.64 3.50 -2.87
N GLU A 74 -4.74 4.40 -2.48
CA GLU A 74 -4.56 5.71 -3.11
C GLU A 74 -3.07 6.09 -3.08
N THR A 75 -2.69 7.03 -3.94
CA THR A 75 -1.31 7.51 -4.06
C THR A 75 -1.12 8.74 -3.15
N ARG A 76 -0.41 8.54 -2.01
CA ARG A 76 -0.15 9.60 -1.03
C ARG A 76 0.94 10.56 -1.56
N LEU A 77 2.15 10.01 -1.76
CA LEU A 77 3.29 10.76 -2.33
C LEU A 77 3.67 10.14 -3.69
N ALA A 78 4.39 10.93 -4.53
CA ALA A 78 4.78 10.48 -5.86
C ALA A 78 6.08 11.17 -6.32
N GLY A 79 7.11 10.35 -6.62
CA GLY A 79 8.36 10.82 -7.23
C GLY A 79 9.24 11.63 -6.27
N VAL A 80 9.10 11.35 -4.97
CA VAL A 80 9.80 12.03 -3.89
C VAL A 80 11.00 11.19 -3.41
N GLU A 81 11.61 11.55 -2.27
CA GLU A 81 12.73 10.80 -1.66
C GLU A 81 12.26 10.05 -0.40
N GLY A 82 13.15 9.17 0.12
CA GLY A 82 12.87 8.39 1.33
C GLY A 82 12.71 9.22 2.59
N GLU A 83 13.20 10.46 2.55
CA GLU A 83 13.03 11.44 3.63
C GLU A 83 11.56 11.89 3.74
N GLU A 84 10.94 12.12 2.55
CA GLU A 84 9.52 12.51 2.45
C GLU A 84 8.60 11.34 2.82
N ILE A 85 9.04 10.13 2.43
CA ILE A 85 8.34 8.89 2.75
C ILE A 85 8.30 8.69 4.28
N ALA A 86 9.49 8.70 4.90
CA ALA A 86 9.66 8.53 6.36
C ALA A 86 9.00 9.68 7.13
N ALA A 87 8.93 10.86 6.49
CA ALA A 87 8.26 12.05 7.05
C ALA A 87 6.78 11.76 7.33
N LEU A 88 6.10 11.11 6.37
CA LEU A 88 4.68 10.75 6.54
C LEU A 88 4.51 9.51 7.43
N LEU A 89 5.39 8.50 7.24
CA LEU A 89 5.33 7.22 7.99
C LEU A 89 5.36 7.46 9.50
N GLU A 90 6.10 8.52 9.92
CA GLU A 90 6.23 8.89 11.35
C GLU A 90 4.95 9.61 11.83
N ARG A 91 4.29 10.34 10.91
CA ARG A 91 3.06 11.09 11.22
C ARG A 91 1.88 10.13 11.37
N GLU A 92 1.83 9.11 10.51
CA GLU A 92 0.76 8.10 10.48
C GLU A 92 0.89 7.12 11.64
N ARG A 93 2.15 6.73 11.96
CA ARG A 93 2.43 5.84 13.11
C ARG A 93 2.09 6.53 14.45
N ARG A 94 2.18 7.87 14.46
CA ARG A 94 1.85 8.72 15.63
C ARG A 94 0.38 8.53 16.05
N PHE A 95 -0.51 8.51 15.05
CA PHE A 95 -1.95 8.28 15.26
C PHE A 95 -2.24 6.78 15.39
N ASP A 96 -1.79 6.01 14.40
CA ASP A 96 -2.01 4.55 14.32
C ASP A 96 -0.69 3.86 13.99
N SER A 97 -0.04 3.29 15.01
CA SER A 97 1.16 2.44 14.85
C SER A 97 0.76 1.05 14.29
N ASP A 98 -0.56 0.85 14.12
CA ASP A 98 -1.18 -0.33 13.50
C ASP A 98 -0.99 -0.37 11.97
N LEU A 99 -0.23 0.60 11.40
CA LEU A 99 0.07 0.60 9.95
C LEU A 99 1.19 -0.41 9.64
N TRP A 100 1.15 -0.95 8.42
CA TRP A 100 2.18 -1.83 7.88
C TRP A 100 2.97 -1.04 6.85
N VAL A 101 4.29 -0.99 7.01
CA VAL A 101 5.17 -0.29 6.07
C VAL A 101 5.85 -1.33 5.19
N VAL A 102 5.60 -1.26 3.88
CA VAL A 102 6.10 -2.26 2.92
C VAL A 102 6.90 -1.54 1.83
N GLU A 103 8.21 -1.83 1.71
CA GLU A 103 9.02 -1.29 0.60
C GLU A 103 8.90 -2.24 -0.59
N ILE A 104 8.45 -1.70 -1.75
CA ILE A 104 8.36 -2.46 -2.99
C ILE A 104 9.26 -1.78 -4.04
N GLU A 105 10.25 -2.52 -4.56
CA GLU A 105 11.23 -1.98 -5.51
C GLU A 105 10.73 -2.32 -6.92
N THR A 106 10.15 -1.33 -7.59
CA THR A 106 9.55 -1.51 -8.92
C THR A 106 9.47 -0.17 -9.67
N ASP A 107 9.38 -0.27 -11.00
CA ASP A 107 9.32 0.87 -11.93
C ASP A 107 7.90 1.45 -12.01
N GLU A 108 6.89 0.60 -11.78
CA GLU A 108 5.47 0.96 -11.88
C GLU A 108 4.70 0.48 -10.65
N ILE A 109 3.37 0.68 -10.66
CA ILE A 109 2.49 0.31 -9.54
C ILE A 109 1.24 -0.47 -10.02
N GLY A 110 0.88 -0.28 -11.31
CA GLY A 110 -0.46 -0.63 -11.81
C GLY A 110 -0.76 -2.12 -11.83
N THR A 111 0.26 -2.94 -12.10
CA THR A 111 0.12 -4.41 -12.18
C THR A 111 0.21 -5.08 -10.80
N LEU A 112 0.74 -4.36 -9.79
CA LEU A 112 1.16 -4.97 -8.50
C LEU A 112 0.54 -4.26 -7.26
N LEU A 113 -0.35 -3.29 -7.49
CA LEU A 113 -1.15 -2.62 -6.44
C LEU A 113 -2.27 -1.80 -7.11
N THR A 114 -3.50 -1.97 -6.61
CA THR A 114 -4.69 -1.29 -7.14
C THR A 114 -4.94 0.03 -6.38
N LEU A 115 -5.15 1.12 -7.15
CA LEU A 115 -5.36 2.48 -6.61
C LEU A 115 -6.62 3.11 -7.22
N VAL A 116 -7.17 4.12 -6.52
CA VAL A 116 -8.26 4.96 -6.99
C VAL A 116 -7.70 6.19 -7.72
N ASP A 117 -6.47 6.60 -7.33
CA ASP A 117 -5.79 7.80 -7.85
C ASP A 117 -5.24 7.53 -9.27
N GLN A 118 -4.24 6.63 -9.34
CA GLN A 118 -3.60 6.24 -10.61
C GLN A 118 -4.59 5.51 -11.53
N PRO A 119 -4.53 5.72 -12.89
CA PRO A 119 -5.49 5.12 -13.85
C PRO A 119 -5.45 3.58 -13.86
N GLN A 120 -6.56 2.96 -14.31
CA GLN A 120 -6.66 1.51 -14.52
C GLN A 120 -5.84 1.10 -15.77
N ALA A 121 -5.57 2.09 -16.64
CA ALA A 121 -4.69 1.95 -17.79
C ALA A 121 -3.21 2.01 -17.31
N MET A 4 -8.81 -10.35 -2.93
CA MET A 4 -10.23 -10.32 -3.33
C MET A 4 -11.12 -10.22 -2.09
N ARG A 5 -11.37 -8.96 -1.64
CA ARG A 5 -12.19 -8.62 -0.45
C ARG A 5 -11.58 -9.21 0.84
N LEU A 6 -10.25 -9.38 0.82
CA LEU A 6 -9.49 -9.99 1.92
C LEU A 6 -9.05 -8.91 2.93
N LYS A 7 -8.51 -9.37 4.07
CA LYS A 7 -8.13 -8.49 5.21
C LYS A 7 -6.78 -7.78 4.95
N SER A 8 -6.35 -6.93 5.92
CA SER A 8 -5.10 -6.15 5.84
C SER A 8 -3.87 -7.06 5.64
N GLU A 9 -3.75 -8.05 6.54
CA GLU A 9 -2.65 -9.04 6.58
C GLU A 9 -2.56 -9.82 5.26
N MET A 10 -3.70 -10.41 4.89
CA MET A 10 -3.82 -11.29 3.72
C MET A 10 -3.60 -10.50 2.41
N PHE A 11 -3.92 -9.18 2.44
CA PHE A 11 -3.66 -8.28 1.29
C PHE A 11 -2.15 -8.11 1.10
N VAL A 12 -1.44 -7.80 2.19
CA VAL A 12 0.02 -7.56 2.18
C VAL A 12 0.79 -8.78 1.63
N SER A 13 0.46 -9.96 2.16
CA SER A 13 1.07 -11.23 1.74
C SER A 13 0.86 -11.48 0.23
N ALA A 14 -0.36 -11.17 -0.25
CA ALA A 14 -0.72 -11.30 -1.67
C ALA A 14 -0.05 -10.20 -2.54
N LEU A 15 0.11 -9.01 -1.94
CA LEU A 15 0.68 -7.80 -2.61
C LEU A 15 2.16 -8.03 -2.96
N ILE A 16 2.86 -8.64 -2.03
CA ILE A 16 4.27 -9.02 -2.16
C ILE A 16 4.44 -10.07 -3.27
N ARG A 17 3.45 -10.96 -3.38
CA ARG A 17 3.42 -12.01 -4.43
C ARG A 17 3.05 -11.40 -5.81
N ARG A 18 2.26 -10.30 -5.81
CA ARG A 18 1.86 -9.57 -7.04
C ARG A 18 3.10 -9.00 -7.77
N VAL A 19 4.02 -8.42 -6.98
CA VAL A 19 5.22 -7.76 -7.54
C VAL A 19 6.22 -8.80 -8.08
N PHE A 20 6.34 -9.96 -7.39
CA PHE A 20 7.23 -11.06 -7.82
C PHE A 20 6.70 -11.70 -9.11
N ALA A 21 5.36 -11.67 -9.28
CA ALA A 21 4.71 -12.08 -10.54
C ALA A 21 5.09 -11.12 -11.69
N ALA A 22 5.27 -9.82 -11.33
CA ALA A 22 5.73 -8.78 -12.27
C ALA A 22 7.28 -8.75 -12.40
N GLY A 23 7.97 -9.52 -11.52
CA GLY A 23 9.43 -9.63 -11.54
C GLY A 23 10.13 -8.70 -10.56
N GLY A 24 9.36 -7.76 -9.96
CA GLY A 24 9.88 -6.80 -8.98
C GLY A 24 10.03 -7.41 -7.58
N PHE A 25 10.43 -6.60 -6.60
CA PHE A 25 10.74 -7.06 -5.22
C PHE A 25 9.73 -6.49 -4.22
N ALA A 26 9.53 -7.21 -3.09
CA ALA A 26 8.72 -6.71 -1.96
C ALA A 26 9.04 -7.48 -0.67
N ALA A 27 8.60 -6.88 0.46
CA ALA A 27 8.75 -7.41 1.81
C ALA A 27 8.06 -6.47 2.79
N VAL A 28 7.29 -7.04 3.74
CA VAL A 28 6.62 -6.25 4.78
C VAL A 28 7.61 -5.95 5.94
N GLU A 29 7.83 -4.66 6.17
CA GLU A 29 8.66 -4.16 7.27
C GLU A 29 7.86 -4.14 8.58
N LYS A 30 6.83 -3.28 8.63
CA LYS A 30 6.01 -3.07 9.84
C LYS A 30 4.70 -3.85 9.75
N LYS A 31 4.26 -4.38 10.89
CA LYS A 31 3.04 -5.20 11.01
C LYS A 31 2.08 -4.52 12.01
N GLY A 32 0.80 -4.41 11.63
CA GLY A 32 -0.24 -3.83 12.48
C GLY A 32 -1.42 -4.77 12.69
N ALA A 33 -2.65 -4.24 12.57
CA ALA A 33 -3.89 -5.03 12.76
C ALA A 33 -4.23 -5.82 11.49
N GLU A 34 -4.55 -7.12 11.67
CA GLU A 34 -4.75 -8.07 10.57
C GLU A 34 -6.02 -7.78 9.75
N ALA A 35 -7.11 -7.42 10.42
CA ALA A 35 -8.43 -7.25 9.79
C ALA A 35 -8.66 -5.79 9.32
N ALA A 36 -8.53 -4.84 10.28
CA ALA A 36 -8.94 -3.44 10.09
C ALA A 36 -7.74 -2.46 10.04
N GLY A 37 -6.52 -3.01 10.02
CA GLY A 37 -5.29 -2.19 10.00
C GLY A 37 -5.08 -1.44 8.68
N ALA A 38 -4.42 -0.28 8.76
CA ALA A 38 -4.04 0.50 7.57
C ALA A 38 -2.85 -0.18 6.87
N ILE A 39 -2.60 0.16 5.60
CA ILE A 39 -1.49 -0.42 4.80
C ILE A 39 -0.80 0.72 4.02
N PHE A 40 0.38 1.13 4.46
CA PHE A 40 1.16 2.16 3.75
C PHE A 40 2.37 1.51 3.07
N VAL A 41 2.35 1.52 1.74
CA VAL A 41 3.33 0.81 0.90
C VAL A 41 4.26 1.83 0.23
N ARG A 42 5.56 1.61 0.32
CA ARG A 42 6.57 2.47 -0.31
C ARG A 42 7.15 1.74 -1.53
N GLN A 43 7.15 2.40 -2.69
CA GLN A 43 7.70 1.83 -3.94
C GLN A 43 9.00 2.53 -4.28
N ARG A 44 10.11 1.77 -4.37
CA ARG A 44 11.36 2.32 -4.89
C ARG A 44 11.31 2.30 -6.42
N LEU A 45 11.30 3.50 -7.02
CA LEU A 45 11.41 3.67 -8.47
C LEU A 45 12.87 3.48 -8.91
N ARG A 46 13.05 3.10 -10.19
CA ARG A 46 14.38 2.91 -10.80
C ARG A 46 15.11 4.25 -10.95
N ASP A 47 14.34 5.37 -10.87
CA ASP A 47 14.86 6.75 -10.92
C ASP A 47 15.75 7.06 -9.71
N GLY A 48 15.57 6.29 -8.63
CA GLY A 48 16.19 6.57 -7.33
C GLY A 48 15.16 7.10 -6.34
N ARG A 49 14.01 7.52 -6.88
CA ARG A 49 12.90 8.09 -6.09
C ARG A 49 12.02 7.00 -5.49
N GLU A 50 11.01 7.44 -4.74
CA GLU A 50 10.04 6.57 -4.08
C GLU A 50 8.64 7.20 -4.12
N ASN A 51 7.63 6.33 -4.23
CA ASN A 51 6.22 6.67 -4.02
C ASN A 51 5.78 6.13 -2.66
N LEU A 52 4.64 6.62 -2.17
CA LEU A 52 3.99 6.12 -0.97
C LEU A 52 2.53 5.91 -1.30
N TYR A 53 1.97 4.83 -0.76
CA TYR A 53 0.59 4.42 -0.99
C TYR A 53 -0.08 4.22 0.36
N GLY A 54 -1.40 4.39 0.41
CA GLY A 54 -2.17 4.20 1.63
C GLY A 54 -3.58 3.74 1.32
N PRO A 55 -4.36 3.24 2.32
CA PRO A 55 -5.74 2.82 2.10
C PRO A 55 -6.65 4.03 1.82
N ALA A 56 -7.14 4.11 0.56
CA ALA A 56 -8.08 5.16 0.15
C ALA A 56 -9.39 5.08 0.97
N PRO A 57 -10.08 6.23 1.24
CA PRO A 57 -11.37 6.23 1.96
C PRO A 57 -12.42 5.38 1.23
N GLN A 58 -12.47 4.09 1.61
CA GLN A 58 -13.42 3.11 1.06
C GLN A 58 -14.84 3.63 1.24
N SER A 59 -15.55 3.85 0.13
CA SER A 59 -16.92 4.37 0.14
C SER A 59 -17.88 3.26 0.60
N PHE A 60 -17.93 3.04 1.93
CA PHE A 60 -18.75 1.98 2.53
C PHE A 60 -20.14 2.51 2.92
N ALA A 61 -21.15 1.66 2.72
CA ALA A 61 -22.55 1.93 3.08
C ALA A 61 -22.98 0.93 4.16
N ASP A 62 -23.29 1.46 5.37
CA ASP A 62 -23.84 0.69 6.52
C ASP A 62 -22.85 -0.40 7.02
N ASP A 63 -21.53 -0.19 6.74
CA ASP A 63 -20.44 -1.14 7.10
C ASP A 63 -20.56 -2.51 6.37
N GLU A 64 -21.36 -2.56 5.31
CA GLU A 64 -21.47 -3.76 4.47
C GLU A 64 -20.28 -3.84 3.51
N ASP A 65 -20.09 -2.75 2.76
CA ASP A 65 -19.06 -2.62 1.70
C ASP A 65 -17.61 -2.87 2.22
N ILE A 66 -17.41 -2.82 3.56
CA ILE A 66 -16.13 -3.15 4.25
C ILE A 66 -15.52 -4.48 3.72
N MET A 67 -16.36 -5.50 3.72
CA MET A 67 -15.98 -6.88 3.32
C MET A 67 -16.77 -7.32 2.07
N ARG A 68 -17.90 -6.64 1.77
CA ARG A 68 -18.67 -6.86 0.51
C ARG A 68 -17.93 -6.26 -0.70
N ALA A 69 -16.92 -5.41 -0.43
CA ALA A 69 -15.99 -4.88 -1.44
C ALA A 69 -14.58 -4.79 -0.82
N GLU A 70 -13.55 -4.82 -1.67
CA GLU A 70 -12.16 -4.70 -1.23
C GLU A 70 -11.77 -3.21 -1.11
N ARG A 71 -10.99 -2.90 -0.06
CA ARG A 71 -10.42 -1.57 0.14
C ARG A 71 -9.39 -1.27 -0.96
N ARG A 72 -9.60 -0.17 -1.69
CA ARG A 72 -8.71 0.27 -2.75
C ARG A 72 -7.71 1.29 -2.17
N PHE A 73 -6.54 1.41 -2.79
CA PHE A 73 -5.45 2.25 -2.30
C PHE A 73 -5.40 3.57 -3.07
N GLU A 74 -4.48 4.44 -2.64
CA GLU A 74 -4.23 5.75 -3.23
C GLU A 74 -2.73 6.06 -3.14
N THR A 75 -2.26 6.99 -3.97
CA THR A 75 -0.85 7.40 -3.98
C THR A 75 -0.66 8.63 -3.06
N ARG A 76 -0.14 8.40 -1.84
CA ARG A 76 0.05 9.45 -0.82
C ARG A 76 1.16 10.42 -1.26
N LEU A 77 2.34 9.86 -1.57
CA LEU A 77 3.49 10.62 -2.13
C LEU A 77 3.88 10.04 -3.49
N ALA A 78 4.52 10.84 -4.36
CA ALA A 78 4.92 10.41 -5.71
C ALA A 78 6.25 11.05 -6.13
N GLY A 79 7.23 10.20 -6.48
CA GLY A 79 8.51 10.63 -7.07
C GLY A 79 9.36 11.46 -6.13
N VAL A 80 9.24 11.19 -4.83
CA VAL A 80 9.95 11.92 -3.76
C VAL A 80 11.00 11.01 -3.12
N GLU A 81 11.98 11.63 -2.47
CA GLU A 81 13.09 10.92 -1.82
C GLU A 81 12.62 10.18 -0.54
N GLY A 82 13.48 9.28 -0.04
CA GLY A 82 13.18 8.44 1.12
C GLY A 82 12.98 9.22 2.42
N GLU A 83 13.53 10.45 2.46
CA GLU A 83 13.33 11.42 3.54
C GLU A 83 11.83 11.71 3.72
N GLU A 84 11.16 12.00 2.60
CA GLU A 84 9.73 12.35 2.56
C GLU A 84 8.84 11.13 2.88
N ILE A 85 9.27 9.94 2.44
CA ILE A 85 8.55 8.67 2.67
C ILE A 85 8.51 8.37 4.18
N ALA A 86 9.70 8.36 4.80
CA ALA A 86 9.86 8.14 6.25
C ALA A 86 9.23 9.27 7.06
N ALA A 87 9.21 10.48 6.47
CA ALA A 87 8.60 11.67 7.10
C ALA A 87 7.12 11.47 7.35
N LEU A 88 6.42 10.82 6.39
CA LEU A 88 4.99 10.50 6.55
C LEU A 88 4.79 9.24 7.41
N LEU A 89 5.60 8.20 7.14
CA LEU A 89 5.50 6.89 7.82
C LEU A 89 5.64 7.03 9.34
N GLU A 90 6.39 8.06 9.77
CA GLU A 90 6.58 8.37 11.20
C GLU A 90 5.28 9.00 11.77
N ARG A 91 4.60 9.83 10.93
CA ARG A 91 3.39 10.56 11.35
C ARG A 91 2.18 9.62 11.44
N GLU A 92 2.14 8.63 10.52
CA GLU A 92 1.06 7.64 10.46
C GLU A 92 1.16 6.62 11.58
N ARG A 93 2.39 6.12 11.83
CA ARG A 93 2.63 5.18 12.97
C ARG A 93 2.41 5.88 14.33
N ARG A 94 2.64 7.20 14.35
CA ARG A 94 2.37 8.07 15.51
C ARG A 94 0.87 8.08 15.83
N PHE A 95 0.04 8.29 14.79
CA PHE A 95 -1.41 8.47 14.93
C PHE A 95 -2.15 7.10 14.95
N ASP A 96 -1.49 6.06 14.41
CA ASP A 96 -2.04 4.69 14.30
C ASP A 96 -0.89 3.73 13.98
N SER A 97 -0.40 2.98 14.98
CA SER A 97 0.72 2.03 14.82
C SER A 97 0.26 0.72 14.14
N ASP A 98 -1.04 0.61 13.83
CA ASP A 98 -1.62 -0.59 13.22
C ASP A 98 -1.60 -0.52 11.68
N LEU A 99 -0.82 0.42 11.11
CA LEU A 99 -0.50 0.38 9.67
C LEU A 99 0.57 -0.68 9.40
N TRP A 100 0.54 -1.24 8.18
CA TRP A 100 1.57 -2.15 7.70
C TRP A 100 2.42 -1.40 6.69
N VAL A 101 3.74 -1.35 6.92
CA VAL A 101 4.66 -0.72 5.96
C VAL A 101 5.27 -1.82 5.12
N VAL A 102 5.00 -1.79 3.81
CA VAL A 102 5.50 -2.79 2.85
C VAL A 102 6.45 -2.10 1.88
N GLU A 103 7.71 -2.52 1.83
CA GLU A 103 8.67 -2.02 0.84
C GLU A 103 8.55 -2.87 -0.43
N ILE A 104 7.98 -2.29 -1.48
CA ILE A 104 7.98 -2.86 -2.82
C ILE A 104 9.02 -2.10 -3.67
N GLU A 105 9.49 -2.74 -4.74
CA GLU A 105 10.61 -2.22 -5.54
C GLU A 105 10.31 -2.54 -7.01
N THR A 106 9.98 -1.50 -7.76
CA THR A 106 9.50 -1.62 -9.15
C THR A 106 9.39 -0.22 -9.78
N ASP A 107 9.28 -0.18 -11.12
CA ASP A 107 9.13 1.06 -11.89
C ASP A 107 7.63 1.38 -12.13
N GLU A 108 6.81 0.31 -12.19
CA GLU A 108 5.37 0.40 -12.47
C GLU A 108 4.56 -0.10 -11.27
N ILE A 109 3.35 0.46 -11.07
CA ILE A 109 2.52 0.16 -9.88
C ILE A 109 1.21 -0.57 -10.25
N GLY A 110 0.62 -0.22 -11.42
CA GLY A 110 -0.74 -0.65 -11.78
C GLY A 110 -0.90 -2.16 -11.91
N THR A 111 0.19 -2.85 -12.31
CA THR A 111 0.20 -4.30 -12.56
C THR A 111 0.31 -5.12 -11.25
N LEU A 112 0.62 -4.45 -10.11
CA LEU A 112 0.93 -5.14 -8.83
C LEU A 112 0.28 -4.47 -7.60
N LEU A 113 -0.46 -3.37 -7.80
CA LEU A 113 -1.25 -2.69 -6.75
C LEU A 113 -2.28 -1.75 -7.43
N THR A 114 -3.51 -1.72 -6.88
CA THR A 114 -4.63 -0.95 -7.44
C THR A 114 -4.83 0.38 -6.68
N LEU A 115 -4.98 1.49 -7.43
CA LEU A 115 -5.07 2.86 -6.87
C LEU A 115 -6.27 3.62 -7.45
N VAL A 116 -6.86 4.51 -6.65
CA VAL A 116 -7.88 5.48 -7.08
C VAL A 116 -7.19 6.70 -7.73
N ASP A 117 -5.94 6.96 -7.31
CA ASP A 117 -5.19 8.16 -7.66
C ASP A 117 -4.52 7.99 -9.05
N GLN A 118 -3.53 7.07 -9.14
CA GLN A 118 -2.89 6.71 -10.41
C GLN A 118 -3.89 5.97 -11.34
N PRO A 119 -3.77 6.11 -12.70
CA PRO A 119 -4.69 5.45 -13.66
C PRO A 119 -4.55 3.92 -13.64
N GLN A 120 -5.55 3.24 -14.24
CA GLN A 120 -5.62 1.78 -14.34
C GLN A 120 -4.68 1.25 -15.47
N ALA A 121 -4.71 -0.07 -15.70
CA ALA A 121 -3.86 -0.73 -16.71
C ALA A 121 -4.61 -1.95 -17.28
N MET A 4 -8.47 -10.57 -2.54
CA MET A 4 -9.84 -10.89 -2.99
C MET A 4 -10.78 -10.84 -1.78
N ARG A 5 -10.87 -9.62 -1.17
CA ARG A 5 -11.59 -9.40 0.13
C ARG A 5 -10.96 -10.26 1.22
N LEU A 6 -9.86 -9.73 1.79
CA LEU A 6 -9.01 -10.42 2.74
C LEU A 6 -8.55 -9.44 3.84
N LYS A 7 -7.78 -9.96 4.81
CA LYS A 7 -7.24 -9.16 5.91
C LYS A 7 -5.99 -8.37 5.47
N SER A 8 -5.57 -7.43 6.34
CA SER A 8 -4.40 -6.56 6.11
C SER A 8 -3.10 -7.38 5.97
N GLU A 9 -2.94 -8.37 6.87
CA GLU A 9 -1.79 -9.30 6.88
C GLU A 9 -1.81 -10.19 5.63
N MET A 10 -3.02 -10.56 5.19
CA MET A 10 -3.22 -11.41 4.02
C MET A 10 -2.99 -10.61 2.72
N PHE A 11 -3.22 -9.28 2.77
CA PHE A 11 -3.07 -8.40 1.60
C PHE A 11 -1.59 -8.13 1.32
N VAL A 12 -0.85 -7.77 2.39
CA VAL A 12 0.60 -7.46 2.29
C VAL A 12 1.36 -8.70 1.77
N SER A 13 1.02 -9.88 2.32
CA SER A 13 1.62 -11.16 1.93
C SER A 13 1.39 -11.43 0.44
N ALA A 14 0.12 -11.24 0.01
CA ALA A 14 -0.30 -11.45 -1.38
C ALA A 14 0.37 -10.45 -2.36
N LEU A 15 0.60 -9.21 -1.87
CA LEU A 15 1.21 -8.11 -2.66
C LEU A 15 2.68 -8.46 -2.97
N ILE A 16 3.35 -9.03 -1.96
CA ILE A 16 4.73 -9.50 -2.07
C ILE A 16 4.85 -10.64 -3.12
N ARG A 17 3.80 -11.48 -3.23
CA ARG A 17 3.77 -12.56 -4.25
C ARG A 17 3.60 -11.96 -5.66
N ARG A 18 2.84 -10.85 -5.75
CA ARG A 18 2.58 -10.15 -7.03
C ARG A 18 3.87 -9.58 -7.61
N VAL A 19 4.70 -8.97 -6.74
CA VAL A 19 5.95 -8.32 -7.17
C VAL A 19 7.01 -9.38 -7.53
N PHE A 20 7.10 -10.48 -6.75
CA PHE A 20 8.05 -11.59 -7.03
C PHE A 20 7.62 -12.34 -8.29
N ALA A 21 6.30 -12.41 -8.54
CA ALA A 21 5.74 -12.96 -9.79
C ALA A 21 6.10 -12.06 -10.99
N ALA A 22 6.17 -10.74 -10.73
CA ALA A 22 6.59 -9.73 -11.73
C ALA A 22 8.13 -9.75 -11.94
N GLY A 23 8.86 -10.22 -10.89
CA GLY A 23 10.33 -10.32 -10.93
C GLY A 23 11.02 -9.38 -9.93
N GLY A 24 10.24 -8.49 -9.31
CA GLY A 24 10.73 -7.55 -8.30
C GLY A 24 10.88 -8.18 -6.90
N PHE A 25 11.05 -7.31 -5.89
CA PHE A 25 11.27 -7.71 -4.48
C PHE A 25 10.26 -6.97 -3.60
N ALA A 26 10.01 -7.52 -2.40
CA ALA A 26 9.17 -6.88 -1.37
C ALA A 26 9.52 -7.42 0.01
N ALA A 27 9.15 -6.65 1.04
CA ALA A 27 9.42 -6.97 2.43
C ALA A 27 8.63 -6.02 3.34
N VAL A 28 7.84 -6.59 4.27
CA VAL A 28 7.08 -5.82 5.26
C VAL A 28 8.05 -5.26 6.32
N GLU A 29 8.34 -3.95 6.24
CA GLU A 29 9.12 -3.23 7.27
C GLU A 29 8.30 -3.18 8.59
N LYS A 30 7.18 -2.45 8.54
CA LYS A 30 6.33 -2.19 9.72
C LYS A 30 5.09 -3.08 9.67
N LYS A 31 4.66 -3.53 10.85
CA LYS A 31 3.47 -4.38 11.03
C LYS A 31 2.50 -3.73 12.02
N GLY A 32 1.20 -3.79 11.71
CA GLY A 32 0.15 -3.33 12.61
C GLY A 32 -0.98 -4.35 12.76
N ALA A 33 -2.23 -3.89 12.63
CA ALA A 33 -3.44 -4.72 12.86
C ALA A 33 -3.66 -5.71 11.70
N GLU A 34 -3.80 -7.01 12.04
CA GLU A 34 -3.87 -8.11 11.07
C GLU A 34 -5.12 -8.02 10.16
N ALA A 35 -6.26 -7.64 10.74
CA ALA A 35 -7.55 -7.56 10.03
C ALA A 35 -7.84 -6.14 9.51
N ALA A 36 -7.71 -5.14 10.40
CA ALA A 36 -8.18 -3.74 10.13
C ALA A 36 -7.03 -2.74 10.13
N GLY A 37 -5.81 -3.19 9.77
CA GLY A 37 -4.65 -2.31 9.63
C GLY A 37 -4.59 -1.63 8.28
N ALA A 38 -4.20 -0.34 8.26
CA ALA A 38 -3.93 0.40 7.03
C ALA A 38 -2.67 -0.19 6.35
N ILE A 39 -2.55 -0.08 5.03
CA ILE A 39 -1.40 -0.62 4.28
C ILE A 39 -0.76 0.50 3.46
N PHE A 40 0.48 0.86 3.81
CA PHE A 40 1.28 1.87 3.08
C PHE A 40 2.49 1.20 2.45
N VAL A 41 2.49 1.17 1.12
CA VAL A 41 3.52 0.52 0.31
C VAL A 41 4.35 1.60 -0.40
N ARG A 42 5.65 1.48 -0.29
CA ARG A 42 6.62 2.40 -0.87
C ARG A 42 7.33 1.72 -2.04
N GLN A 43 7.22 2.33 -3.22
CA GLN A 43 7.76 1.82 -4.49
C GLN A 43 9.15 2.38 -4.73
N ARG A 44 10.17 1.51 -4.75
CA ARG A 44 11.55 1.91 -5.06
C ARG A 44 11.77 1.80 -6.58
N LEU A 45 11.71 2.95 -7.26
CA LEU A 45 12.05 3.05 -8.70
C LEU A 45 13.57 2.86 -8.87
N ARG A 46 13.97 2.23 -9.99
CA ARG A 46 15.39 2.04 -10.35
C ARG A 46 16.13 3.39 -10.56
N ASP A 47 15.36 4.46 -10.72
CA ASP A 47 15.88 5.85 -10.82
C ASP A 47 16.58 6.28 -9.51
N GLY A 48 16.20 5.65 -8.40
CA GLY A 48 16.60 6.08 -7.05
C GLY A 48 15.49 6.89 -6.38
N ARG A 49 14.35 7.04 -7.08
CA ARG A 49 13.16 7.74 -6.58
C ARG A 49 12.23 6.73 -5.90
N GLU A 50 11.20 7.24 -5.23
CA GLU A 50 10.21 6.41 -4.54
C GLU A 50 8.82 7.02 -4.64
N ASN A 51 7.81 6.14 -4.72
CA ASN A 51 6.39 6.48 -4.58
C ASN A 51 5.90 5.96 -3.22
N LEU A 52 4.68 6.34 -2.84
CA LEU A 52 4.01 5.87 -1.63
C LEU A 52 2.55 5.66 -1.97
N TYR A 53 1.96 4.60 -1.42
CA TYR A 53 0.58 4.22 -1.68
C TYR A 53 -0.12 3.99 -0.36
N GLY A 54 -1.43 4.29 -0.32
CA GLY A 54 -2.25 4.10 0.87
C GLY A 54 -3.63 3.57 0.50
N PRO A 55 -4.44 3.08 1.47
CA PRO A 55 -5.81 2.60 1.20
C PRO A 55 -6.74 3.78 0.85
N ALA A 56 -7.30 3.77 -0.38
CA ALA A 56 -8.28 4.78 -0.82
C ALA A 56 -9.61 4.59 -0.04
N PRO A 57 -10.30 5.71 0.35
CA PRO A 57 -11.55 5.63 1.15
C PRO A 57 -12.69 5.01 0.31
N GLN A 58 -12.88 3.69 0.51
CA GLN A 58 -13.86 2.89 -0.26
C GLN A 58 -15.30 3.35 0.03
N SER A 59 -16.20 3.11 -0.93
CA SER A 59 -17.62 3.42 -0.76
C SER A 59 -18.26 2.35 0.15
N PHE A 60 -18.24 2.62 1.48
CA PHE A 60 -18.83 1.71 2.48
C PHE A 60 -20.15 2.28 3.02
N ALA A 61 -21.18 1.42 3.08
CA ALA A 61 -22.47 1.72 3.69
C ALA A 61 -22.62 0.89 4.97
N ASP A 62 -22.90 1.58 6.09
CA ASP A 62 -23.09 0.98 7.43
C ASP A 62 -21.76 0.36 7.98
N ASP A 63 -20.62 0.76 7.36
CA ASP A 63 -19.26 0.21 7.70
C ASP A 63 -19.17 -1.31 7.46
N GLU A 64 -20.07 -1.86 6.62
CA GLU A 64 -20.08 -3.29 6.28
C GLU A 64 -18.98 -3.59 5.24
N ASP A 65 -18.94 -2.77 4.17
CA ASP A 65 -18.05 -2.98 3.00
C ASP A 65 -16.56 -2.98 3.37
N ILE A 66 -16.22 -2.49 4.58
CA ILE A 66 -14.83 -2.44 5.12
C ILE A 66 -14.10 -3.80 4.96
N MET A 67 -14.82 -4.89 5.27
CA MET A 67 -14.31 -6.27 5.15
C MET A 67 -15.21 -7.12 4.20
N ARG A 68 -16.38 -6.56 3.80
CA ARG A 68 -17.31 -7.21 2.84
C ARG A 68 -16.97 -6.81 1.38
N ALA A 69 -15.99 -5.90 1.21
CA ALA A 69 -15.50 -5.44 -0.10
C ALA A 69 -14.00 -5.09 0.01
N GLU A 70 -13.24 -5.47 -1.03
CA GLU A 70 -11.81 -5.17 -1.12
C GLU A 70 -11.62 -3.74 -1.62
N ARG A 71 -10.97 -2.92 -0.79
CA ARG A 71 -10.65 -1.53 -1.11
C ARG A 71 -9.49 -1.46 -2.11
N ARG A 72 -9.57 -0.51 -3.02
CA ARG A 72 -8.49 -0.18 -3.94
C ARG A 72 -7.56 0.85 -3.25
N PHE A 73 -6.35 0.98 -3.76
CA PHE A 73 -5.34 1.89 -3.19
C PHE A 73 -5.25 3.17 -3.98
N GLU A 74 -4.44 4.09 -3.48
CA GLU A 74 -4.19 5.41 -4.06
C GLU A 74 -2.69 5.70 -3.96
N THR A 75 -2.24 6.73 -4.66
CA THR A 75 -0.84 7.13 -4.68
C THR A 75 -0.66 8.37 -3.77
N ARG A 76 -0.12 8.14 -2.55
CA ARG A 76 0.16 9.21 -1.57
C ARG A 76 1.24 10.16 -2.13
N LEU A 77 2.43 9.60 -2.42
CA LEU A 77 3.57 10.34 -2.98
C LEU A 77 3.99 9.71 -4.33
N ALA A 78 4.63 10.50 -5.21
CA ALA A 78 5.09 10.00 -6.52
C ALA A 78 6.39 10.70 -6.95
N GLY A 79 7.45 9.88 -7.18
CA GLY A 79 8.73 10.36 -7.73
C GLY A 79 9.51 11.25 -6.77
N VAL A 80 9.35 10.97 -5.47
CA VAL A 80 9.98 11.71 -4.37
C VAL A 80 11.21 10.94 -3.84
N GLU A 81 11.87 11.47 -2.78
CA GLU A 81 13.01 10.76 -2.13
C GLU A 81 12.50 9.93 -0.93
N GLY A 82 13.37 9.04 -0.42
CA GLY A 82 13.07 8.15 0.71
C GLY A 82 12.75 8.86 2.01
N GLU A 83 13.24 10.11 2.15
CA GLU A 83 12.97 10.95 3.32
C GLU A 83 11.49 11.41 3.32
N GLU A 84 10.99 11.81 2.13
CA GLU A 84 9.58 12.23 1.96
C GLU A 84 8.63 11.07 2.30
N ILE A 85 9.06 9.85 1.91
CA ILE A 85 8.33 8.61 2.20
C ILE A 85 8.19 8.40 3.72
N ALA A 86 9.33 8.38 4.41
CA ALA A 86 9.41 8.17 5.87
C ALA A 86 8.72 9.30 6.65
N ALA A 87 8.70 10.50 6.04
CA ALA A 87 8.06 11.69 6.61
C ALA A 87 6.52 11.57 6.61
N LEU A 88 5.95 10.87 5.59
CA LEU A 88 4.51 10.58 5.54
C LEU A 88 4.19 9.35 6.42
N LEU A 89 5.09 8.37 6.44
CA LEU A 89 4.95 7.16 7.30
C LEU A 89 4.91 7.58 8.79
N GLU A 90 5.55 8.74 9.07
CA GLU A 90 5.50 9.43 10.35
C GLU A 90 4.08 10.01 10.61
N ARG A 91 3.49 10.65 9.58
CA ARG A 91 2.17 11.28 9.68
C ARG A 91 1.06 10.22 9.90
N GLU A 92 1.10 9.17 9.09
CA GLU A 92 0.07 8.12 9.08
C GLU A 92 0.10 7.27 10.36
N ARG A 93 1.32 7.00 10.88
CA ARG A 93 1.49 6.20 12.14
C ARG A 93 0.92 6.97 13.34
N ARG A 94 0.95 8.32 13.24
CA ARG A 94 0.45 9.24 14.27
C ARG A 94 -1.07 9.02 14.53
N PHE A 95 -1.79 8.68 13.45
CA PHE A 95 -3.22 8.41 13.48
C PHE A 95 -3.47 6.90 13.65
N ASP A 96 -2.83 6.12 12.77
CA ASP A 96 -2.96 4.66 12.70
C ASP A 96 -1.59 4.01 12.91
N SER A 97 -1.30 3.63 14.16
CA SER A 97 -0.16 2.75 14.49
C SER A 97 -0.42 1.33 13.91
N ASP A 98 -1.70 1.07 13.54
CA ASP A 98 -2.18 -0.18 12.94
C ASP A 98 -1.67 -0.39 11.49
N LEU A 99 -1.00 0.63 10.92
CA LEU A 99 -0.56 0.58 9.50
C LEU A 99 0.64 -0.39 9.33
N TRP A 100 0.78 -0.90 8.09
CA TRP A 100 1.83 -1.82 7.65
C TRP A 100 2.66 -1.12 6.56
N VAL A 101 3.98 -1.04 6.72
CA VAL A 101 4.85 -0.51 5.67
C VAL A 101 5.49 -1.68 4.92
N VAL A 102 5.20 -1.79 3.62
CA VAL A 102 5.85 -2.78 2.74
C VAL A 102 6.73 -2.03 1.75
N GLU A 103 8.04 -2.31 1.79
CA GLU A 103 8.97 -1.80 0.78
C GLU A 103 8.96 -2.77 -0.41
N ILE A 104 8.75 -2.24 -1.61
CA ILE A 104 8.82 -3.01 -2.85
C ILE A 104 9.91 -2.42 -3.74
N GLU A 105 10.53 -3.26 -4.57
CA GLU A 105 11.64 -2.90 -5.44
C GLU A 105 11.27 -3.35 -6.85
N THR A 106 10.89 -2.39 -7.69
CA THR A 106 10.48 -2.61 -9.08
C THR A 106 10.41 -1.25 -9.80
N ASP A 107 10.46 -1.27 -11.12
CA ASP A 107 10.44 -0.04 -11.96
C ASP A 107 8.98 0.40 -12.22
N GLU A 108 8.04 -0.54 -12.10
CA GLU A 108 6.62 -0.34 -12.42
C GLU A 108 5.73 -0.87 -11.29
N ILE A 109 4.63 -0.14 -11.02
CA ILE A 109 3.67 -0.48 -9.97
C ILE A 109 2.40 -1.14 -10.58
N GLY A 110 2.07 -0.76 -11.83
CA GLY A 110 0.79 -1.13 -12.47
C GLY A 110 0.74 -2.55 -13.04
N THR A 111 1.49 -3.48 -12.41
CA THR A 111 1.45 -4.92 -12.76
C THR A 111 1.44 -5.78 -11.46
N LEU A 112 1.55 -5.10 -10.28
CA LEU A 112 1.73 -5.78 -8.97
C LEU A 112 0.99 -5.04 -7.81
N LEU A 113 0.28 -3.95 -8.13
CA LEU A 113 -0.63 -3.25 -7.21
C LEU A 113 -1.59 -2.34 -8.01
N THR A 114 -2.85 -2.27 -7.56
CA THR A 114 -3.92 -1.51 -8.23
C THR A 114 -4.23 -0.20 -7.45
N LEU A 115 -4.35 0.91 -8.22
CA LEU A 115 -4.51 2.28 -7.67
C LEU A 115 -5.68 3.00 -8.35
N VAL A 116 -6.23 4.01 -7.66
CA VAL A 116 -7.28 4.91 -8.20
C VAL A 116 -6.64 6.20 -8.75
N ASP A 117 -5.52 6.61 -8.13
CA ASP A 117 -4.84 7.87 -8.44
C ASP A 117 -4.09 7.75 -9.78
N GLN A 118 -3.27 6.70 -9.90
CA GLN A 118 -2.57 6.36 -11.16
C GLN A 118 -3.61 5.92 -12.23
N PRO A 119 -3.38 6.29 -13.54
CA PRO A 119 -4.29 5.91 -14.65
C PRO A 119 -4.40 4.38 -14.78
N GLN A 120 -5.59 3.85 -14.47
CA GLN A 120 -5.90 2.41 -14.50
C GLN A 120 -5.92 1.95 -15.97
N ALA A 121 -4.80 1.32 -16.39
CA ALA A 121 -4.49 1.01 -17.80
C ALA A 121 -4.20 2.31 -18.58
N MET A 4 -8.73 -10.65 -4.12
CA MET A 4 -9.82 -11.61 -3.80
C MET A 4 -10.58 -11.16 -2.53
N ARG A 5 -10.45 -9.85 -2.18
CA ARG A 5 -11.05 -9.24 -0.95
C ARG A 5 -10.51 -9.96 0.30
N LEU A 6 -9.38 -9.48 0.83
CA LEU A 6 -8.69 -10.13 1.94
C LEU A 6 -8.60 -9.16 3.13
N LYS A 7 -8.22 -9.70 4.31
CA LYS A 7 -7.93 -8.88 5.51
C LYS A 7 -6.61 -8.11 5.29
N SER A 8 -6.25 -7.18 6.19
CA SER A 8 -5.02 -6.34 6.07
C SER A 8 -3.75 -7.20 5.90
N GLU A 9 -3.62 -8.20 6.78
CA GLU A 9 -2.51 -9.17 6.82
C GLU A 9 -2.39 -9.94 5.49
N MET A 10 -3.51 -10.56 5.12
CA MET A 10 -3.59 -11.46 3.95
C MET A 10 -3.52 -10.66 2.64
N PHE A 11 -3.90 -9.36 2.69
CA PHE A 11 -3.83 -8.47 1.51
C PHE A 11 -2.37 -8.16 1.21
N VAL A 12 -1.60 -7.81 2.26
CA VAL A 12 -0.16 -7.50 2.14
C VAL A 12 0.58 -8.73 1.61
N SER A 13 0.29 -9.90 2.21
CA SER A 13 0.88 -11.18 1.83
C SER A 13 0.58 -11.53 0.36
N ALA A 14 -0.64 -11.20 -0.10
CA ALA A 14 -1.06 -11.40 -1.52
C ALA A 14 -0.40 -10.36 -2.45
N LEU A 15 -0.26 -9.12 -1.95
CA LEU A 15 0.34 -7.97 -2.67
C LEU A 15 1.79 -8.25 -3.07
N ILE A 16 2.49 -8.92 -2.16
CA ILE A 16 3.87 -9.35 -2.35
C ILE A 16 3.97 -10.40 -3.47
N ARG A 17 2.96 -11.27 -3.60
CA ARG A 17 2.87 -12.25 -4.70
C ARG A 17 2.53 -11.55 -6.03
N ARG A 18 1.74 -10.45 -5.94
CA ARG A 18 1.34 -9.65 -7.12
C ARG A 18 2.56 -9.00 -7.78
N VAL A 19 3.48 -8.46 -6.95
CA VAL A 19 4.66 -7.75 -7.45
C VAL A 19 5.69 -8.74 -8.04
N PHE A 20 5.95 -9.87 -7.34
CA PHE A 20 6.94 -10.89 -7.78
C PHE A 20 6.50 -11.54 -9.10
N ALA A 21 5.19 -11.74 -9.26
CA ALA A 21 4.60 -12.26 -10.51
C ALA A 21 4.69 -11.23 -11.67
N ALA A 22 4.80 -9.94 -11.31
CA ALA A 22 5.00 -8.85 -12.28
C ALA A 22 6.50 -8.62 -12.59
N GLY A 23 7.39 -9.20 -11.77
CA GLY A 23 8.85 -9.08 -11.96
C GLY A 23 9.50 -8.08 -11.01
N GLY A 24 8.85 -7.85 -9.86
CA GLY A 24 9.27 -6.88 -8.86
C GLY A 24 9.56 -7.53 -7.50
N PHE A 25 9.94 -6.70 -6.52
CA PHE A 25 10.33 -7.14 -5.16
C PHE A 25 9.29 -6.64 -4.13
N ALA A 26 9.24 -7.30 -2.94
CA ALA A 26 8.41 -6.83 -1.81
C ALA A 26 8.86 -7.45 -0.48
N ALA A 27 8.50 -6.77 0.62
CA ALA A 27 8.82 -7.19 2.00
C ALA A 27 8.00 -6.33 2.99
N VAL A 28 7.52 -6.92 4.10
CA VAL A 28 6.70 -6.19 5.10
C VAL A 28 7.62 -5.60 6.19
N GLU A 29 7.79 -4.27 6.17
CA GLU A 29 8.53 -3.53 7.20
C GLU A 29 7.72 -3.43 8.51
N LYS A 30 6.57 -2.76 8.44
CA LYS A 30 5.71 -2.49 9.61
C LYS A 30 4.43 -3.34 9.54
N LYS A 31 3.93 -3.71 10.73
CA LYS A 31 2.71 -4.49 10.90
C LYS A 31 1.77 -3.76 11.88
N GLY A 32 0.47 -3.80 11.58
CA GLY A 32 -0.57 -3.31 12.48
C GLY A 32 -1.68 -4.31 12.67
N ALA A 33 -2.94 -3.83 12.66
CA ALA A 33 -4.13 -4.68 12.85
C ALA A 33 -4.34 -5.55 11.60
N GLU A 34 -4.47 -6.87 11.82
CA GLU A 34 -4.49 -7.86 10.73
C GLU A 34 -5.81 -7.84 9.97
N ALA A 35 -6.91 -7.48 10.63
CA ALA A 35 -8.26 -7.44 10.01
C ALA A 35 -8.53 -6.07 9.35
N ALA A 36 -8.47 -4.98 10.15
CA ALA A 36 -8.93 -3.62 9.75
C ALA A 36 -7.80 -2.58 9.71
N GLY A 37 -6.54 -3.04 9.76
CA GLY A 37 -5.37 -2.16 9.70
C GLY A 37 -5.22 -1.46 8.35
N ALA A 38 -4.65 -0.23 8.39
CA ALA A 38 -4.34 0.55 7.18
C ALA A 38 -3.12 -0.07 6.48
N ILE A 39 -2.91 0.25 5.20
CA ILE A 39 -1.81 -0.33 4.42
C ILE A 39 -1.14 0.82 3.63
N PHE A 40 0.07 1.21 4.04
CA PHE A 40 0.87 2.21 3.35
C PHE A 40 2.05 1.52 2.67
N VAL A 41 2.04 1.51 1.35
CA VAL A 41 3.04 0.80 0.54
C VAL A 41 3.98 1.83 -0.11
N ARG A 42 5.27 1.55 -0.09
CA ARG A 42 6.30 2.38 -0.74
C ARG A 42 6.84 1.61 -1.98
N GLN A 43 6.65 2.19 -3.18
CA GLN A 43 7.24 1.65 -4.42
C GLN A 43 8.64 2.24 -4.61
N ARG A 44 9.65 1.39 -4.87
CA ARG A 44 11.02 1.84 -5.09
C ARG A 44 11.38 1.78 -6.58
N LEU A 45 12.20 2.74 -7.01
CA LEU A 45 12.69 2.87 -8.38
C LEU A 45 14.21 2.71 -8.41
N ARG A 46 14.68 2.13 -9.52
CA ARG A 46 16.13 2.07 -9.88
C ARG A 46 16.73 3.49 -10.05
N ASP A 47 15.85 4.48 -10.29
CA ASP A 47 16.22 5.90 -10.44
C ASP A 47 16.72 6.51 -9.12
N GLY A 48 16.43 5.81 -8.01
CA GLY A 48 16.72 6.29 -6.65
C GLY A 48 15.49 6.87 -5.98
N ARG A 49 14.39 6.97 -6.73
CA ARG A 49 13.12 7.57 -6.27
C ARG A 49 12.19 6.51 -5.69
N GLU A 50 11.11 7.00 -5.07
CA GLU A 50 10.10 6.17 -4.41
C GLU A 50 8.72 6.86 -4.51
N ASN A 51 7.67 6.06 -4.24
CA ASN A 51 6.28 6.52 -4.17
C ASN A 51 5.69 6.03 -2.85
N LEU A 52 4.62 6.68 -2.37
CA LEU A 52 3.91 6.28 -1.15
C LEU A 52 2.43 6.13 -1.49
N TYR A 53 1.80 5.11 -0.94
CA TYR A 53 0.38 4.78 -1.13
C TYR A 53 -0.29 4.61 0.23
N GLY A 54 -1.61 4.70 0.26
CA GLY A 54 -2.39 4.48 1.48
C GLY A 54 -3.80 4.05 1.14
N PRO A 55 -4.62 3.61 2.14
CA PRO A 55 -6.04 3.26 1.89
C PRO A 55 -6.84 4.53 1.48
N ALA A 56 -7.37 4.51 0.25
CA ALA A 56 -8.21 5.61 -0.29
C ALA A 56 -9.54 5.72 0.50
N PRO A 57 -10.24 6.91 0.46
CA PRO A 57 -11.61 7.04 0.99
C PRO A 57 -12.62 6.19 0.19
N GLN A 58 -12.62 4.88 0.48
CA GLN A 58 -13.53 3.90 -0.10
C GLN A 58 -14.90 4.06 0.59
N SER A 59 -15.97 4.17 -0.20
CA SER A 59 -17.34 4.28 0.32
C SER A 59 -17.79 2.93 0.94
N PHE A 60 -17.41 2.74 2.22
CA PHE A 60 -17.79 1.55 2.98
C PHE A 60 -19.18 1.74 3.59
N ALA A 61 -20.00 0.67 3.53
CA ALA A 61 -21.36 0.65 4.07
C ALA A 61 -21.31 0.21 5.53
N ASP A 62 -20.88 1.15 6.40
CA ASP A 62 -20.64 0.91 7.84
C ASP A 62 -19.53 -0.17 8.02
N ASP A 63 -18.36 0.16 7.44
CA ASP A 63 -17.11 -0.65 7.53
C ASP A 63 -17.23 -2.06 6.90
N GLU A 64 -18.26 -2.29 6.08
CA GLU A 64 -18.43 -3.55 5.32
C GLU A 64 -17.33 -3.68 4.28
N ASP A 65 -17.23 -2.70 3.37
CA ASP A 65 -16.36 -2.73 2.16
C ASP A 65 -14.84 -2.79 2.51
N ILE A 66 -14.49 -2.61 3.79
CA ILE A 66 -13.10 -2.77 4.28
C ILE A 66 -12.62 -4.23 4.09
N MET A 67 -13.55 -5.18 4.27
CA MET A 67 -13.29 -6.64 4.26
C MET A 67 -14.14 -7.34 3.17
N ARG A 68 -15.38 -6.87 3.01
CA ARG A 68 -16.41 -7.47 2.14
C ARG A 68 -16.23 -7.01 0.69
N ALA A 69 -15.36 -5.99 0.53
CA ALA A 69 -14.82 -5.55 -0.76
C ALA A 69 -13.30 -5.39 -0.60
N GLU A 70 -12.56 -5.46 -1.71
CA GLU A 70 -11.12 -5.22 -1.68
C GLU A 70 -10.86 -3.72 -1.68
N ARG A 71 -10.29 -3.23 -0.57
CA ARG A 71 -9.98 -1.81 -0.36
C ARG A 71 -8.99 -1.32 -1.44
N ARG A 72 -9.30 -0.17 -2.04
CA ARG A 72 -8.51 0.40 -3.12
C ARG A 72 -7.66 1.53 -2.53
N PHE A 73 -6.48 1.76 -3.09
CA PHE A 73 -5.47 2.67 -2.54
C PHE A 73 -5.49 4.00 -3.27
N GLU A 74 -4.79 4.96 -2.69
CA GLU A 74 -4.50 6.27 -3.26
C GLU A 74 -2.98 6.46 -3.24
N THR A 75 -2.51 7.48 -3.95
CA THR A 75 -1.08 7.80 -4.02
C THR A 75 -0.78 9.03 -3.13
N ARG A 76 -0.16 8.78 -1.95
CA ARG A 76 0.24 9.84 -0.99
C ARG A 76 1.36 10.70 -1.61
N LEU A 77 2.48 10.05 -1.95
CA LEU A 77 3.66 10.68 -2.58
C LEU A 77 4.00 9.94 -3.88
N ALA A 78 4.75 10.59 -4.78
CA ALA A 78 5.18 9.97 -6.06
C ALA A 78 6.47 10.61 -6.60
N GLY A 79 7.43 9.75 -7.01
CA GLY A 79 8.69 10.18 -7.63
C GLY A 79 9.56 11.05 -6.70
N VAL A 80 9.43 10.80 -5.40
CA VAL A 80 10.11 11.55 -4.34
C VAL A 80 11.31 10.72 -3.82
N GLU A 81 12.04 11.22 -2.82
CA GLU A 81 13.12 10.43 -2.19
C GLU A 81 12.57 9.65 -0.99
N GLY A 82 13.38 8.69 -0.49
CA GLY A 82 12.99 7.81 0.62
C GLY A 82 12.78 8.55 1.94
N GLU A 83 13.46 9.70 2.07
CA GLU A 83 13.32 10.61 3.23
C GLU A 83 11.85 11.05 3.37
N GLU A 84 11.24 11.45 2.23
CA GLU A 84 9.84 11.93 2.19
C GLU A 84 8.86 10.83 2.62
N ILE A 85 9.17 9.59 2.20
CA ILE A 85 8.34 8.41 2.45
C ILE A 85 8.26 8.15 3.97
N ALA A 86 9.45 7.99 4.59
CA ALA A 86 9.57 7.70 6.03
C ALA A 86 9.14 8.92 6.88
N ALA A 87 9.21 10.12 6.29
CA ALA A 87 8.79 11.38 6.93
C ALA A 87 7.27 11.40 7.16
N LEU A 88 6.50 10.87 6.19
CA LEU A 88 5.04 10.78 6.34
C LEU A 88 4.66 9.54 7.18
N LEU A 89 5.34 8.41 6.97
CA LEU A 89 5.11 7.16 7.74
C LEU A 89 5.32 7.40 9.25
N GLU A 90 6.18 8.37 9.56
CA GLU A 90 6.40 8.94 10.90
C GLU A 90 5.09 9.60 11.42
N ARG A 91 4.44 10.38 10.55
CA ARG A 91 3.23 11.16 10.88
C ARG A 91 1.99 10.25 11.03
N GLU A 92 1.76 9.41 10.00
CA GLU A 92 0.59 8.52 9.90
C GLU A 92 0.53 7.48 11.02
N ARG A 93 1.72 6.97 11.40
CA ARG A 93 1.83 6.02 12.53
C ARG A 93 1.43 6.68 13.87
N ARG A 94 1.65 8.00 13.98
CA ARG A 94 1.27 8.79 15.17
C ARG A 94 -0.26 8.82 15.33
N PHE A 95 -0.97 9.06 14.21
CA PHE A 95 -2.44 9.09 14.19
C PHE A 95 -3.02 7.67 14.39
N ASP A 96 -2.36 6.69 13.77
CA ASP A 96 -2.80 5.30 13.77
C ASP A 96 -1.60 4.39 13.41
N SER A 97 -1.01 3.73 14.43
CA SER A 97 0.16 2.84 14.28
C SER A 97 -0.22 1.44 13.71
N ASP A 98 -1.52 1.20 13.49
CA ASP A 98 -2.00 -0.08 12.92
C ASP A 98 -1.93 -0.12 11.38
N LEU A 99 -1.14 0.79 10.78
CA LEU A 99 -0.81 0.72 9.35
C LEU A 99 0.31 -0.33 9.11
N TRP A 100 0.28 -0.93 7.91
CA TRP A 100 1.29 -1.88 7.46
C TRP A 100 2.14 -1.20 6.39
N VAL A 101 3.47 -1.17 6.57
CA VAL A 101 4.38 -0.59 5.57
C VAL A 101 5.04 -1.72 4.80
N VAL A 102 4.78 -1.76 3.48
CA VAL A 102 5.34 -2.78 2.57
C VAL A 102 6.34 -2.09 1.63
N GLU A 103 7.62 -2.50 1.68
CA GLU A 103 8.62 -2.05 0.72
C GLU A 103 8.56 -2.94 -0.53
N ILE A 104 7.99 -2.40 -1.60
CA ILE A 104 7.96 -3.05 -2.91
C ILE A 104 8.93 -2.30 -3.85
N GLU A 105 9.51 -3.00 -4.82
CA GLU A 105 10.35 -2.38 -5.85
C GLU A 105 9.80 -2.76 -7.21
N THR A 106 9.42 -1.75 -8.00
CA THR A 106 8.83 -1.93 -9.33
C THR A 106 8.77 -0.57 -10.04
N ASP A 107 8.52 -0.60 -11.34
CA ASP A 107 8.27 0.62 -12.13
C ASP A 107 6.75 0.77 -12.38
N GLU A 108 6.08 -0.37 -12.66
CA GLU A 108 4.63 -0.40 -12.97
C GLU A 108 3.85 -0.80 -11.72
N ILE A 109 3.03 0.14 -11.22
CA ILE A 109 2.26 -0.03 -9.98
C ILE A 109 0.86 -0.61 -10.28
N GLY A 110 0.25 -0.18 -11.40
CA GLY A 110 -1.16 -0.47 -11.71
C GLY A 110 -1.46 -1.94 -11.97
N THR A 111 -0.40 -2.74 -12.22
CA THR A 111 -0.52 -4.18 -12.49
C THR A 111 -0.52 -5.01 -11.18
N LEU A 112 0.07 -4.46 -10.10
CA LEU A 112 0.34 -5.21 -8.84
C LEU A 112 -0.31 -4.55 -7.60
N LEU A 113 -0.79 -3.32 -7.74
CA LEU A 113 -1.50 -2.58 -6.67
C LEU A 113 -2.44 -1.56 -7.32
N THR A 114 -3.71 -1.53 -6.89
CA THR A 114 -4.75 -0.68 -7.50
C THR A 114 -4.83 0.69 -6.81
N LEU A 115 -4.85 1.76 -7.62
CA LEU A 115 -4.89 3.17 -7.13
C LEU A 115 -6.06 3.93 -7.76
N VAL A 116 -6.68 4.82 -6.97
CA VAL A 116 -7.75 5.73 -7.42
C VAL A 116 -7.14 6.96 -8.12
N ASP A 117 -5.88 7.26 -7.79
CA ASP A 117 -5.21 8.51 -8.21
C ASP A 117 -4.40 8.30 -9.52
N GLN A 118 -3.42 7.37 -9.47
CA GLN A 118 -2.55 7.04 -10.62
C GLN A 118 -3.34 6.27 -11.72
N PRO A 119 -2.77 6.17 -13.00
CA PRO A 119 -3.36 5.39 -14.12
C PRO A 119 -3.97 4.03 -13.70
N GLN A 120 -5.13 3.72 -14.29
CA GLN A 120 -5.98 2.57 -13.94
C GLN A 120 -5.23 1.25 -14.22
N ALA A 121 -4.80 1.12 -15.47
CA ALA A 121 -4.12 -0.06 -15.99
C ALA A 121 -3.38 0.34 -17.27
N MET A 4 -9.51 -9.02 -4.91
CA MET A 4 -9.44 -9.97 -3.78
C MET A 4 -9.93 -9.32 -2.48
N ARG A 5 -11.09 -9.78 -1.98
CA ARG A 5 -11.66 -9.34 -0.70
C ARG A 5 -11.04 -10.17 0.44
N LEU A 6 -10.05 -9.57 1.13
CA LEU A 6 -9.29 -10.22 2.20
C LEU A 6 -8.79 -9.19 3.25
N LYS A 7 -8.17 -9.70 4.33
CA LYS A 7 -7.67 -8.88 5.44
C LYS A 7 -6.37 -8.14 5.04
N SER A 8 -5.92 -7.23 5.91
CA SER A 8 -4.76 -6.36 5.69
C SER A 8 -3.44 -7.18 5.54
N GLU A 9 -3.29 -8.16 6.42
CA GLU A 9 -2.15 -9.11 6.42
C GLU A 9 -2.09 -9.90 5.11
N MET A 10 -3.24 -10.46 4.73
CA MET A 10 -3.38 -11.34 3.57
C MET A 10 -3.24 -10.54 2.26
N PHE A 11 -3.53 -9.22 2.32
CA PHE A 11 -3.33 -8.31 1.16
C PHE A 11 -1.83 -8.08 0.92
N VAL A 12 -1.08 -7.83 2.03
CA VAL A 12 0.37 -7.62 1.97
C VAL A 12 1.07 -8.87 1.41
N SER A 13 0.71 -10.02 1.98
CA SER A 13 1.25 -11.33 1.57
C SER A 13 1.05 -11.53 0.06
N ALA A 14 -0.19 -11.29 -0.41
CA ALA A 14 -0.56 -11.38 -1.83
C ALA A 14 0.24 -10.37 -2.69
N LEU A 15 0.49 -9.17 -2.13
CA LEU A 15 1.17 -8.05 -2.84
C LEU A 15 2.64 -8.42 -3.14
N ILE A 16 3.30 -9.08 -2.16
CA ILE A 16 4.67 -9.62 -2.35
C ILE A 16 4.67 -10.59 -3.56
N ARG A 17 3.68 -11.50 -3.62
CA ARG A 17 3.52 -12.49 -4.72
C ARG A 17 3.23 -11.78 -6.06
N ARG A 18 2.48 -10.65 -6.00
CA ARG A 18 2.10 -9.85 -7.19
C ARG A 18 3.35 -9.29 -7.90
N VAL A 19 4.30 -8.75 -7.12
CA VAL A 19 5.49 -8.10 -7.69
C VAL A 19 6.48 -9.14 -8.26
N PHE A 20 6.60 -10.31 -7.60
CA PHE A 20 7.45 -11.42 -8.07
C PHE A 20 6.87 -12.06 -9.35
N ALA A 21 5.52 -11.99 -9.50
CA ALA A 21 4.82 -12.40 -10.75
C ALA A 21 5.17 -11.44 -11.90
N ALA A 22 5.45 -10.18 -11.56
CA ALA A 22 5.93 -9.15 -12.50
C ALA A 22 7.46 -9.26 -12.73
N GLY A 23 8.17 -9.77 -11.71
CA GLY A 23 9.64 -9.92 -11.74
C GLY A 23 10.36 -9.14 -10.64
N GLY A 24 9.65 -8.16 -10.04
CA GLY A 24 10.19 -7.28 -9.00
C GLY A 24 10.30 -7.93 -7.62
N PHE A 25 10.71 -7.14 -6.61
CA PHE A 25 11.00 -7.62 -5.23
C PHE A 25 10.04 -6.92 -4.26
N ALA A 26 9.78 -7.56 -3.11
CA ALA A 26 8.98 -6.98 -2.02
C ALA A 26 9.30 -7.68 -0.70
N ALA A 27 8.88 -7.04 0.43
CA ALA A 27 9.08 -7.56 1.79
C ALA A 27 8.30 -6.72 2.81
N VAL A 28 7.74 -7.38 3.83
CA VAL A 28 7.01 -6.70 4.92
C VAL A 28 8.00 -6.11 5.94
N GLU A 29 8.16 -4.79 5.92
CA GLU A 29 9.02 -4.05 6.86
C GLU A 29 8.36 -3.92 8.24
N LYS A 30 7.25 -3.18 8.29
CA LYS A 30 6.46 -2.97 9.53
C LYS A 30 5.22 -3.87 9.49
N LYS A 31 4.81 -4.35 10.67
CA LYS A 31 3.66 -5.26 10.84
C LYS A 31 2.76 -4.76 11.98
N GLY A 32 1.46 -4.58 11.69
CA GLY A 32 0.47 -4.14 12.69
C GLY A 32 -0.71 -5.10 12.80
N ALA A 33 -1.94 -4.55 12.77
CA ALA A 33 -3.18 -5.34 12.92
C ALA A 33 -3.53 -6.05 11.61
N GLU A 34 -3.81 -7.37 11.70
CA GLU A 34 -3.99 -8.23 10.53
C GLU A 34 -5.30 -7.94 9.78
N ALA A 35 -6.39 -7.71 10.51
CA ALA A 35 -7.69 -7.34 9.93
C ALA A 35 -7.89 -5.82 9.90
N ALA A 36 -7.72 -5.20 11.07
CA ALA A 36 -8.09 -3.78 11.32
C ALA A 36 -7.02 -2.77 10.87
N GLY A 37 -5.83 -3.29 10.48
CA GLY A 37 -4.67 -2.43 10.17
C GLY A 37 -4.76 -1.70 8.83
N ALA A 38 -4.04 -0.58 8.74
CA ALA A 38 -3.84 0.16 7.49
C ALA A 38 -2.61 -0.42 6.74
N ILE A 39 -2.51 -0.21 5.41
CA ILE A 39 -1.37 -0.72 4.61
C ILE A 39 -0.74 0.45 3.84
N PHE A 40 0.58 0.63 4.03
CA PHE A 40 1.37 1.68 3.40
C PHE A 40 2.58 1.04 2.70
N VAL A 41 2.60 1.13 1.37
CA VAL A 41 3.62 0.49 0.53
C VAL A 41 4.53 1.57 -0.06
N ARG A 42 5.85 1.36 0.02
CA ARG A 42 6.85 2.27 -0.55
C ARG A 42 7.44 1.63 -1.82
N GLN A 43 7.77 2.48 -2.79
CA GLN A 43 8.14 2.07 -4.16
C GLN A 43 9.47 2.73 -4.55
N ARG A 44 10.28 2.02 -5.36
CA ARG A 44 11.57 2.54 -5.83
C ARG A 44 11.62 2.47 -7.37
N LEU A 45 11.82 3.63 -8.00
CA LEU A 45 11.88 3.76 -9.48
C LEU A 45 13.33 3.91 -9.97
N ARG A 46 13.55 3.46 -11.22
CA ARG A 46 14.81 3.66 -11.99
C ARG A 46 15.27 5.14 -12.03
N ASP A 47 14.30 6.07 -11.91
CA ASP A 47 14.54 7.54 -12.00
C ASP A 47 15.33 8.07 -10.79
N GLY A 48 15.45 7.25 -9.73
CA GLY A 48 16.01 7.69 -8.45
C GLY A 48 14.95 8.35 -7.59
N ARG A 49 13.68 8.13 -7.97
CA ARG A 49 12.51 8.66 -7.25
C ARG A 49 11.78 7.51 -6.56
N GLU A 50 10.92 7.86 -5.59
CA GLU A 50 10.25 6.92 -4.71
C GLU A 50 8.80 7.35 -4.51
N ASN A 51 7.92 6.36 -4.33
CA ASN A 51 6.48 6.58 -4.07
C ASN A 51 6.07 5.97 -2.71
N LEU A 52 4.86 6.31 -2.28
CA LEU A 52 4.23 5.79 -1.07
C LEU A 52 2.75 5.61 -1.40
N TYR A 53 2.15 4.54 -0.89
CA TYR A 53 0.75 4.19 -1.14
C TYR A 53 0.03 4.00 0.19
N GLY A 54 -1.29 4.17 0.18
CA GLY A 54 -2.12 4.03 1.38
C GLY A 54 -3.52 3.54 1.06
N PRO A 55 -4.34 3.14 2.07
CA PRO A 55 -5.72 2.71 1.84
C PRO A 55 -6.62 3.90 1.45
N ALA A 56 -7.09 3.91 0.17
CA ALA A 56 -7.89 5.01 -0.37
C ALA A 56 -9.30 5.05 0.29
N PRO A 57 -9.83 6.28 0.62
CA PRO A 57 -11.10 6.42 1.35
C PRO A 57 -12.33 6.18 0.45
N GLN A 58 -12.74 4.90 0.37
CA GLN A 58 -13.89 4.45 -0.43
C GLN A 58 -15.21 4.95 0.20
N SER A 59 -16.28 5.01 -0.62
CA SER A 59 -17.62 5.41 -0.16
C SER A 59 -18.36 4.18 0.41
N PHE A 60 -17.81 3.65 1.53
CA PHE A 60 -18.33 2.44 2.20
C PHE A 60 -19.63 2.74 2.96
N ALA A 61 -20.48 1.73 3.05
CA ALA A 61 -21.77 1.80 3.74
C ALA A 61 -21.84 0.71 4.81
N ASP A 62 -22.19 1.10 6.05
CA ASP A 62 -22.40 0.19 7.20
C ASP A 62 -21.09 -0.53 7.62
N ASP A 63 -19.93 0.03 7.18
CA ASP A 63 -18.57 -0.53 7.44
C ASP A 63 -18.39 -1.90 6.75
N GLU A 64 -19.30 -2.24 5.82
CA GLU A 64 -19.29 -3.49 5.08
C GLU A 64 -18.15 -3.50 4.07
N ASP A 65 -18.21 -2.55 3.12
CA ASP A 65 -17.34 -2.51 1.92
C ASP A 65 -15.83 -2.46 2.25
N ILE A 66 -15.50 -2.14 3.52
CA ILE A 66 -14.12 -2.15 4.08
C ILE A 66 -13.38 -3.46 3.73
N MET A 67 -14.09 -4.59 3.88
CA MET A 67 -13.56 -5.95 3.60
C MET A 67 -14.55 -6.75 2.72
N ARG A 68 -15.85 -6.36 2.68
CA ARG A 68 -16.86 -6.96 1.78
C ARG A 68 -16.68 -6.48 0.32
N ALA A 69 -15.69 -5.60 0.11
CA ALA A 69 -15.21 -5.20 -1.22
C ALA A 69 -13.67 -5.05 -1.16
N GLU A 70 -12.97 -5.32 -2.28
CA GLU A 70 -11.53 -5.06 -2.39
C GLU A 70 -11.28 -3.54 -2.35
N ARG A 71 -10.93 -3.04 -1.16
CA ARG A 71 -10.46 -1.66 -0.95
C ARG A 71 -9.24 -1.36 -1.86
N ARG A 72 -9.41 -0.36 -2.73
CA ARG A 72 -8.36 0.08 -3.65
C ARG A 72 -7.44 1.05 -2.91
N PHE A 73 -6.21 1.20 -3.40
CA PHE A 73 -5.21 2.05 -2.76
C PHE A 73 -5.13 3.39 -3.49
N GLU A 74 -4.34 4.27 -2.91
CA GLU A 74 -4.02 5.60 -3.44
C GLU A 74 -2.52 5.78 -3.36
N THR A 75 -2.01 6.81 -4.00
CA THR A 75 -0.61 7.18 -3.93
C THR A 75 -0.45 8.36 -2.95
N ARG A 76 0.08 8.06 -1.75
CA ARG A 76 0.36 9.07 -0.70
C ARG A 76 1.42 10.07 -1.21
N LEU A 77 2.59 9.55 -1.59
CA LEU A 77 3.71 10.37 -2.10
C LEU A 77 4.17 9.83 -3.46
N ALA A 78 4.73 10.69 -4.31
CA ALA A 78 5.19 10.33 -5.66
C ALA A 78 6.28 11.29 -6.14
N GLY A 79 7.32 10.73 -6.78
CA GLY A 79 8.44 11.52 -7.30
C GLY A 79 9.28 12.16 -6.21
N VAL A 80 9.26 11.55 -5.03
CA VAL A 80 9.92 12.07 -3.82
C VAL A 80 11.15 11.19 -3.48
N GLU A 81 11.75 11.40 -2.29
CA GLU A 81 12.87 10.57 -1.80
C GLU A 81 12.42 9.73 -0.59
N GLY A 82 13.29 8.81 -0.16
CA GLY A 82 13.03 7.91 0.97
C GLY A 82 12.89 8.61 2.30
N GLU A 83 13.46 9.83 2.39
CA GLU A 83 13.34 10.68 3.58
C GLU A 83 11.88 11.15 3.76
N GLU A 84 11.23 11.49 2.62
CA GLU A 84 9.81 11.90 2.61
C GLU A 84 8.90 10.70 2.95
N ILE A 85 9.29 9.53 2.44
CA ILE A 85 8.57 8.27 2.67
C ILE A 85 8.50 7.97 4.17
N ALA A 86 9.66 7.91 4.83
CA ALA A 86 9.78 7.64 6.27
C ALA A 86 9.17 8.78 7.11
N ALA A 87 9.19 10.01 6.56
CA ALA A 87 8.57 11.18 7.19
C ALA A 87 7.06 11.02 7.34
N LEU A 88 6.41 10.49 6.29
CA LEU A 88 4.95 10.29 6.29
C LEU A 88 4.58 8.99 7.03
N LEU A 89 5.41 7.95 6.91
CA LEU A 89 5.24 6.68 7.69
C LEU A 89 5.25 6.97 9.20
N GLU A 90 5.99 8.03 9.58
CA GLU A 90 6.03 8.58 10.93
C GLU A 90 4.68 9.26 11.29
N ARG A 91 4.15 10.04 10.33
CA ARG A 91 2.90 10.80 10.51
C ARG A 91 1.68 9.88 10.61
N GLU A 92 1.65 8.84 9.77
CA GLU A 92 0.52 7.91 9.66
C GLU A 92 0.50 6.92 10.83
N ARG A 93 1.70 6.48 11.28
CA ARG A 93 1.82 5.56 12.46
C ARG A 93 1.33 6.24 13.74
N ARG A 94 1.45 7.58 13.79
CA ARG A 94 0.96 8.39 14.92
C ARG A 94 -0.58 8.24 15.07
N PHE A 95 -1.29 8.12 13.94
CA PHE A 95 -2.75 7.92 13.90
C PHE A 95 -3.11 6.42 13.86
N ASP A 96 -2.24 5.61 13.24
CA ASP A 96 -2.47 4.18 12.95
C ASP A 96 -1.14 3.42 13.11
N SER A 97 -0.77 3.10 14.37
CA SER A 97 0.46 2.34 14.68
C SER A 97 0.35 0.88 14.21
N ASP A 98 -0.90 0.47 13.93
CA ASP A 98 -1.23 -0.87 13.42
C ASP A 98 -1.16 -0.93 11.88
N LEU A 99 -0.48 0.06 11.25
CA LEU A 99 -0.23 0.04 9.80
C LEU A 99 0.92 -0.93 9.48
N TRP A 100 0.99 -1.34 8.21
CA TRP A 100 2.02 -2.24 7.69
C TRP A 100 2.84 -1.49 6.63
N VAL A 101 4.17 -1.51 6.74
CA VAL A 101 5.04 -0.93 5.69
C VAL A 101 5.56 -2.08 4.83
N VAL A 102 5.40 -1.94 3.51
CA VAL A 102 5.88 -2.93 2.54
C VAL A 102 6.85 -2.24 1.61
N GLU A 103 8.07 -2.76 1.46
CA GLU A 103 8.98 -2.29 0.41
C GLU A 103 8.67 -3.07 -0.87
N ILE A 104 8.59 -2.36 -2.01
CA ILE A 104 8.49 -2.97 -3.34
C ILE A 104 9.50 -2.27 -4.26
N GLU A 105 10.36 -3.08 -4.90
CA GLU A 105 11.38 -2.62 -5.83
C GLU A 105 10.97 -3.07 -7.23
N THR A 106 10.38 -2.12 -7.97
CA THR A 106 9.82 -2.36 -9.31
C THR A 106 9.65 -1.01 -10.02
N ASP A 107 9.67 -1.03 -11.35
CA ASP A 107 9.61 0.19 -12.18
C ASP A 107 8.18 0.44 -12.69
N GLU A 108 7.23 -0.40 -12.28
CA GLU A 108 5.80 -0.24 -12.60
C GLU A 108 4.96 -0.71 -11.41
N ILE A 109 3.91 0.05 -11.10
CA ILE A 109 3.09 -0.16 -9.89
C ILE A 109 1.72 -0.79 -10.25
N GLY A 110 1.11 -0.32 -11.35
CA GLY A 110 -0.30 -0.63 -11.67
C GLY A 110 -0.57 -2.12 -11.87
N THR A 111 0.46 -2.84 -12.33
CA THR A 111 0.39 -4.28 -12.64
C THR A 111 0.39 -5.16 -11.35
N LEU A 112 0.90 -4.60 -10.23
CA LEU A 112 1.13 -5.35 -8.97
C LEU A 112 0.50 -4.66 -7.73
N LEU A 113 -0.19 -3.52 -7.97
CA LEU A 113 -0.99 -2.80 -6.95
C LEU A 113 -1.84 -1.74 -7.64
N THR A 114 -3.16 -1.80 -7.42
CA THR A 114 -4.14 -0.92 -8.06
C THR A 114 -4.38 0.35 -7.21
N LEU A 115 -4.43 1.51 -7.90
CA LEU A 115 -4.55 2.84 -7.29
C LEU A 115 -5.72 3.62 -7.90
N VAL A 116 -6.35 4.49 -7.10
CA VAL A 116 -7.52 5.30 -7.52
C VAL A 116 -7.07 6.55 -8.30
N ASP A 117 -5.84 6.99 -8.05
CA ASP A 117 -5.25 8.21 -8.67
C ASP A 117 -4.34 7.85 -9.86
N GLN A 118 -3.29 7.04 -9.61
CA GLN A 118 -2.36 6.60 -10.68
C GLN A 118 -3.02 5.54 -11.59
N PRO A 119 -2.59 5.41 -12.88
CA PRO A 119 -3.21 4.45 -13.83
C PRO A 119 -2.97 2.98 -13.41
N GLN A 120 -3.94 2.14 -13.77
CA GLN A 120 -3.96 0.70 -13.42
C GLN A 120 -3.03 -0.11 -14.33
N ALA A 121 -2.43 0.56 -15.33
CA ALA A 121 -1.42 -0.02 -16.22
C ALA A 121 -0.02 0.17 -15.58
N MET A 4 -9.17 -8.77 -3.32
CA MET A 4 -9.63 -9.95 -2.55
C MET A 4 -10.09 -9.48 -1.14
N ARG A 5 -11.29 -9.85 -0.73
CA ARG A 5 -11.79 -9.56 0.62
C ARG A 5 -11.09 -10.48 1.65
N LEU A 6 -9.97 -9.97 2.18
CA LEU A 6 -9.14 -10.66 3.17
C LEU A 6 -8.74 -9.66 4.27
N LYS A 7 -7.89 -10.12 5.19
CA LYS A 7 -7.32 -9.27 6.26
C LYS A 7 -6.24 -8.33 5.69
N SER A 8 -5.90 -7.32 6.48
CA SER A 8 -4.78 -6.38 6.19
C SER A 8 -3.43 -7.15 6.11
N GLU A 9 -3.32 -8.19 6.96
CA GLU A 9 -2.16 -9.08 7.04
C GLU A 9 -2.03 -9.89 5.75
N MET A 10 -3.13 -10.59 5.42
CA MET A 10 -3.21 -11.49 4.28
C MET A 10 -3.07 -10.71 2.95
N PHE A 11 -3.45 -9.40 2.98
CA PHE A 11 -3.29 -8.51 1.82
C PHE A 11 -1.81 -8.31 1.51
N VAL A 12 -1.04 -7.90 2.53
CA VAL A 12 0.38 -7.59 2.37
C VAL A 12 1.19 -8.86 2.04
N SER A 13 0.83 -9.98 2.69
CA SER A 13 1.45 -11.29 2.42
C SER A 13 1.28 -11.68 0.94
N ALA A 14 0.08 -11.38 0.38
CA ALA A 14 -0.22 -11.60 -1.04
C ALA A 14 0.46 -10.54 -1.94
N LEU A 15 0.63 -9.31 -1.41
CA LEU A 15 1.19 -8.15 -2.16
C LEU A 15 2.66 -8.42 -2.53
N ILE A 16 3.44 -8.95 -1.57
CA ILE A 16 4.84 -9.37 -1.79
C ILE A 16 4.88 -10.41 -2.96
N ARG A 17 3.92 -11.35 -2.96
CA ARG A 17 3.79 -12.38 -4.03
C ARG A 17 3.45 -11.77 -5.40
N ARG A 18 2.62 -10.69 -5.40
CA ARG A 18 2.19 -10.02 -6.64
C ARG A 18 3.39 -9.40 -7.37
N VAL A 19 4.24 -8.69 -6.62
CA VAL A 19 5.38 -7.96 -7.20
C VAL A 19 6.48 -8.93 -7.69
N PHE A 20 6.74 -10.01 -6.91
CA PHE A 20 7.75 -11.04 -7.27
C PHE A 20 7.30 -11.84 -8.50
N ALA A 21 5.97 -11.99 -8.65
CA ALA A 21 5.37 -12.62 -9.85
C ALA A 21 5.52 -11.70 -11.08
N ALA A 22 5.66 -10.38 -10.83
CA ALA A 22 5.93 -9.37 -11.89
C ALA A 22 7.45 -9.16 -12.11
N GLY A 23 8.28 -9.87 -11.32
CA GLY A 23 9.75 -9.81 -11.45
C GLY A 23 10.37 -8.69 -10.63
N GLY A 24 9.70 -8.32 -9.54
CA GLY A 24 10.13 -7.23 -8.66
C GLY A 24 10.45 -7.71 -7.24
N PHE A 25 10.52 -6.77 -6.30
CA PHE A 25 10.92 -7.01 -4.90
C PHE A 25 9.89 -6.39 -3.94
N ALA A 26 9.82 -6.92 -2.71
CA ALA A 26 8.96 -6.37 -1.62
C ALA A 26 9.41 -6.89 -0.27
N ALA A 27 9.03 -6.15 0.80
CA ALA A 27 9.35 -6.50 2.19
C ALA A 27 8.50 -5.67 3.16
N VAL A 28 7.88 -6.36 4.14
CA VAL A 28 7.08 -5.72 5.19
C VAL A 28 8.00 -5.12 6.26
N GLU A 29 8.18 -3.80 6.22
CA GLU A 29 9.03 -3.06 7.17
C GLU A 29 8.33 -2.84 8.52
N LYS A 30 7.03 -2.50 8.47
CA LYS A 30 6.22 -2.29 9.68
C LYS A 30 4.95 -3.13 9.59
N LYS A 31 4.50 -3.64 10.76
CA LYS A 31 3.35 -4.53 10.88
C LYS A 31 2.40 -4.01 11.97
N GLY A 32 1.15 -3.74 11.58
CA GLY A 32 0.11 -3.29 12.50
C GLY A 32 -0.98 -4.33 12.70
N ALA A 33 -2.24 -3.88 12.81
CA ALA A 33 -3.41 -4.76 13.05
C ALA A 33 -3.65 -5.71 11.87
N GLU A 34 -3.80 -7.01 12.17
CA GLU A 34 -3.93 -8.05 11.14
C GLU A 34 -5.22 -7.89 10.33
N ALA A 35 -6.36 -7.66 10.99
CA ALA A 35 -7.67 -7.53 10.32
C ALA A 35 -8.03 -6.06 10.05
N ALA A 36 -7.74 -5.18 11.02
CA ALA A 36 -8.25 -3.79 11.05
C ALA A 36 -7.14 -2.75 10.76
N GLY A 37 -6.04 -3.18 10.11
CA GLY A 37 -4.87 -2.32 9.90
C GLY A 37 -4.89 -1.53 8.60
N ALA A 38 -4.35 -0.30 8.63
CA ALA A 38 -4.09 0.50 7.41
C ALA A 38 -2.87 -0.08 6.68
N ILE A 39 -2.72 0.20 5.38
CA ILE A 39 -1.60 -0.34 4.56
C ILE A 39 -1.00 0.80 3.74
N PHE A 40 0.30 1.06 3.92
CA PHE A 40 1.04 2.11 3.22
C PHE A 40 2.27 1.48 2.54
N VAL A 41 2.26 1.52 1.20
CA VAL A 41 3.29 0.89 0.35
C VAL A 41 4.07 1.99 -0.38
N ARG A 42 5.35 1.74 -0.68
CA ARG A 42 6.18 2.67 -1.46
C ARG A 42 6.73 1.94 -2.70
N GLN A 43 6.41 2.44 -3.91
CA GLN A 43 6.98 1.88 -5.17
C GLN A 43 8.31 2.57 -5.47
N ARG A 44 9.38 1.79 -5.56
CA ARG A 44 10.71 2.27 -5.90
C ARG A 44 10.93 2.10 -7.41
N LEU A 45 11.36 3.18 -8.06
CA LEU A 45 11.59 3.23 -9.50
C LEU A 45 13.08 3.02 -9.83
N ARG A 46 13.33 2.78 -11.12
CA ARG A 46 14.69 2.66 -11.70
C ARG A 46 15.48 3.99 -11.58
N ASP A 47 14.72 5.10 -11.41
CA ASP A 47 15.25 6.47 -11.32
C ASP A 47 16.01 6.72 -9.99
N GLY A 48 15.68 5.91 -8.97
CA GLY A 48 16.12 6.18 -7.59
C GLY A 48 15.04 6.91 -6.79
N ARG A 49 13.93 7.25 -7.47
CA ARG A 49 12.77 7.89 -6.85
C ARG A 49 11.77 6.85 -6.37
N GLU A 50 10.76 7.31 -5.61
CA GLU A 50 9.75 6.44 -4.98
C GLU A 50 8.36 7.10 -4.97
N ASN A 51 7.34 6.27 -4.79
CA ASN A 51 5.93 6.66 -4.60
C ASN A 51 5.52 6.32 -3.17
N LEU A 52 4.34 6.78 -2.76
CA LEU A 52 3.70 6.37 -1.50
C LEU A 52 2.24 6.11 -1.78
N TYR A 53 1.71 5.09 -1.11
CA TYR A 53 0.32 4.66 -1.25
C TYR A 53 -0.27 4.49 0.16
N GLY A 54 -1.59 4.55 0.26
CA GLY A 54 -2.31 4.32 1.52
C GLY A 54 -3.70 3.78 1.24
N PRO A 55 -4.52 3.41 2.27
CA PRO A 55 -5.90 2.96 2.03
C PRO A 55 -6.79 4.16 1.62
N ALA A 56 -7.40 4.08 0.42
CA ALA A 56 -8.32 5.11 -0.08
C ALA A 56 -9.58 5.16 0.81
N PRO A 57 -10.20 6.36 1.02
CA PRO A 57 -11.43 6.49 1.83
C PRO A 57 -12.62 5.82 1.10
N GLN A 58 -12.75 4.49 1.34
CA GLN A 58 -13.78 3.64 0.73
C GLN A 58 -15.17 4.14 1.13
N SER A 59 -15.85 4.81 0.19
CA SER A 59 -17.19 5.36 0.39
C SER A 59 -18.22 4.20 0.48
N PHE A 60 -18.33 3.66 1.70
CA PHE A 60 -19.19 2.53 2.02
C PHE A 60 -20.67 2.92 1.95
N ALA A 61 -21.50 1.97 1.54
CA ALA A 61 -22.95 2.09 1.61
C ALA A 61 -23.42 1.22 2.78
N ASP A 62 -23.91 1.85 3.87
CA ASP A 62 -24.48 1.16 5.07
C ASP A 62 -23.40 0.35 5.84
N ASP A 63 -22.12 0.79 5.71
CA ASP A 63 -20.93 0.12 6.32
C ASP A 63 -20.71 -1.29 5.74
N GLU A 64 -21.29 -1.56 4.57
CA GLU A 64 -21.12 -2.84 3.88
C GLU A 64 -19.67 -3.01 3.42
N ASP A 65 -19.20 -2.03 2.61
CA ASP A 65 -17.90 -2.09 1.89
C ASP A 65 -16.67 -2.31 2.80
N ILE A 66 -16.85 -2.06 4.10
CA ILE A 66 -15.81 -2.28 5.15
C ILE A 66 -15.33 -3.76 5.14
N MET A 67 -16.28 -4.66 4.88
CA MET A 67 -16.10 -6.13 5.00
C MET A 67 -16.82 -6.90 3.86
N ARG A 68 -17.58 -6.18 3.02
CA ARG A 68 -18.31 -6.75 1.86
C ARG A 68 -17.64 -6.36 0.54
N ALA A 69 -16.54 -5.58 0.64
CA ALA A 69 -15.73 -5.17 -0.52
C ALA A 69 -14.26 -5.07 -0.11
N GLU A 70 -13.36 -5.31 -1.08
CA GLU A 70 -11.92 -5.05 -0.96
C GLU A 70 -11.69 -3.53 -0.95
N ARG A 71 -10.81 -3.05 -0.06
CA ARG A 71 -10.44 -1.63 -0.02
C ARG A 71 -9.44 -1.36 -1.16
N ARG A 72 -9.67 -0.28 -1.92
CA ARG A 72 -8.74 0.16 -2.97
C ARG A 72 -7.82 1.21 -2.35
N PHE A 73 -6.65 1.42 -2.95
CA PHE A 73 -5.61 2.32 -2.40
C PHE A 73 -5.62 3.66 -3.10
N GLU A 74 -4.93 4.63 -2.49
CA GLU A 74 -4.75 5.99 -3.02
C GLU A 74 -3.24 6.26 -3.15
N THR A 75 -2.87 7.01 -4.20
CA THR A 75 -1.47 7.38 -4.43
C THR A 75 -1.19 8.69 -3.67
N ARG A 76 -0.39 8.61 -2.60
CA ARG A 76 -0.02 9.76 -1.77
C ARG A 76 1.05 10.60 -2.49
N LEU A 77 2.24 10.01 -2.63
CA LEU A 77 3.42 10.66 -3.21
C LEU A 77 3.81 9.97 -4.53
N ALA A 78 4.58 10.68 -5.36
CA ALA A 78 5.08 10.14 -6.64
C ALA A 78 6.36 10.85 -7.06
N GLY A 79 7.41 10.05 -7.39
CA GLY A 79 8.68 10.58 -7.90
C GLY A 79 9.48 11.36 -6.86
N VAL A 80 9.26 11.02 -5.58
CA VAL A 80 9.93 11.68 -4.43
C VAL A 80 11.06 10.79 -3.88
N GLU A 81 11.64 11.16 -2.72
CA GLU A 81 12.69 10.36 -2.06
C GLU A 81 12.11 9.59 -0.85
N GLY A 82 12.92 8.65 -0.31
CA GLY A 82 12.54 7.83 0.86
C GLY A 82 12.32 8.64 2.12
N GLU A 83 12.93 9.84 2.18
CA GLU A 83 12.75 10.78 3.31
C GLU A 83 11.33 11.37 3.29
N GLU A 84 10.81 11.69 2.07
CA GLU A 84 9.44 12.19 1.90
C GLU A 84 8.40 11.12 2.28
N ILE A 85 8.75 9.85 1.98
CA ILE A 85 7.90 8.68 2.29
C ILE A 85 7.74 8.56 3.82
N ALA A 86 8.89 8.48 4.52
CA ALA A 86 8.95 8.37 5.99
C ALA A 86 8.36 9.60 6.69
N ALA A 87 8.43 10.75 5.99
CA ALA A 87 7.94 12.05 6.50
C ALA A 87 6.43 12.03 6.79
N LEU A 88 5.64 11.34 5.94
CA LEU A 88 4.20 11.13 6.21
C LEU A 88 4.00 9.94 7.16
N LEU A 89 4.76 8.85 6.94
CA LEU A 89 4.56 7.57 7.66
C LEU A 89 4.74 7.71 9.18
N GLU A 90 5.56 8.69 9.60
CA GLU A 90 5.76 9.01 11.03
C GLU A 90 4.47 9.67 11.60
N ARG A 91 3.78 10.46 10.76
CA ARG A 91 2.54 11.18 11.13
C ARG A 91 1.32 10.24 11.15
N GLU A 92 1.33 9.23 10.24
CA GLU A 92 0.27 8.22 10.15
C GLU A 92 0.40 7.22 11.30
N ARG A 93 1.64 6.82 11.61
CA ARG A 93 1.92 5.91 12.75
C ARG A 93 1.74 6.64 14.10
N ARG A 94 1.95 7.96 14.09
CA ARG A 94 1.71 8.85 15.25
C ARG A 94 0.26 8.70 15.75
N PHE A 95 -0.66 8.78 14.78
CA PHE A 95 -2.10 8.71 15.03
C PHE A 95 -2.55 7.24 15.22
N ASP A 96 -2.11 6.39 14.30
CA ASP A 96 -2.48 4.97 14.24
C ASP A 96 -1.25 4.14 13.82
N SER A 97 -0.57 3.52 14.80
CA SER A 97 0.62 2.68 14.56
C SER A 97 0.21 1.29 14.02
N ASP A 98 -1.12 1.05 13.91
CA ASP A 98 -1.67 -0.21 13.35
C ASP A 98 -1.64 -0.21 11.81
N LEU A 99 -0.96 0.77 11.18
CA LEU A 99 -0.68 0.70 9.73
C LEU A 99 0.49 -0.27 9.47
N TRP A 100 0.58 -0.70 8.22
CA TRP A 100 1.67 -1.54 7.73
C TRP A 100 2.50 -0.70 6.76
N VAL A 101 3.82 -0.77 6.86
CA VAL A 101 4.71 -0.11 5.89
C VAL A 101 5.43 -1.19 5.08
N VAL A 102 5.30 -1.11 3.75
CA VAL A 102 5.87 -2.10 2.82
C VAL A 102 6.73 -1.36 1.80
N GLU A 103 7.97 -1.79 1.61
CA GLU A 103 8.80 -1.30 0.50
C GLU A 103 8.73 -2.31 -0.65
N ILE A 104 8.37 -1.83 -1.85
CA ILE A 104 8.37 -2.65 -3.08
C ILE A 104 9.28 -1.96 -4.12
N GLU A 105 10.04 -2.76 -4.88
CA GLU A 105 10.96 -2.25 -5.92
C GLU A 105 10.49 -2.85 -7.25
N THR A 106 9.92 -2.01 -8.12
CA THR A 106 9.29 -2.46 -9.36
C THR A 106 9.14 -1.29 -10.35
N ASP A 107 9.11 -1.63 -11.64
CA ASP A 107 9.08 -0.67 -12.74
C ASP A 107 7.67 -0.02 -12.86
N GLU A 108 6.62 -0.85 -12.71
CA GLU A 108 5.21 -0.39 -12.75
C GLU A 108 4.47 -0.84 -11.48
N ILE A 109 3.33 -0.19 -11.21
CA ILE A 109 2.50 -0.45 -10.00
C ILE A 109 1.19 -1.17 -10.39
N GLY A 110 0.76 -0.97 -11.65
CA GLY A 110 -0.61 -1.31 -12.09
C GLY A 110 -0.94 -2.80 -12.04
N THR A 111 0.07 -3.65 -12.22
CA THR A 111 -0.11 -5.12 -12.28
C THR A 111 -0.14 -5.75 -10.86
N LEU A 112 0.49 -5.09 -9.88
CA LEU A 112 0.83 -5.71 -8.56
C LEU A 112 0.20 -4.97 -7.35
N LEU A 113 -0.56 -3.90 -7.65
CA LEU A 113 -1.37 -3.17 -6.65
C LEU A 113 -2.44 -2.35 -7.38
N THR A 114 -3.60 -2.14 -6.75
CA THR A 114 -4.73 -1.40 -7.34
C THR A 114 -4.96 -0.07 -6.58
N LEU A 115 -5.07 1.03 -7.35
CA LEU A 115 -5.17 2.41 -6.81
C LEU A 115 -6.41 3.14 -7.40
N VAL A 116 -6.75 4.29 -6.80
CA VAL A 116 -7.86 5.16 -7.26
C VAL A 116 -7.32 6.32 -8.10
N ASP A 117 -5.97 6.52 -8.10
CA ASP A 117 -5.33 7.70 -8.69
C ASP A 117 -4.56 7.36 -9.98
N GLN A 118 -3.55 6.46 -9.86
CA GLN A 118 -2.69 6.04 -10.99
C GLN A 118 -3.50 5.31 -12.11
N PRO A 119 -3.00 5.34 -13.39
CA PRO A 119 -3.51 4.47 -14.49
C PRO A 119 -3.66 2.97 -14.07
N GLN A 120 -4.86 2.42 -14.25
CA GLN A 120 -5.21 1.04 -13.85
C GLN A 120 -5.56 0.20 -15.10
N ALA A 121 -5.72 -1.12 -14.89
CA ALA A 121 -6.02 -2.08 -15.97
C ALA A 121 -7.54 -2.12 -16.28
N MET A 4 -10.93 -10.19 -4.01
CA MET A 4 -10.25 -10.96 -2.95
C MET A 4 -11.02 -10.86 -1.64
N ARG A 5 -10.96 -9.67 -1.02
CA ARG A 5 -11.48 -9.40 0.32
C ARG A 5 -10.75 -10.27 1.36
N LEU A 6 -9.65 -9.72 1.86
CA LEU A 6 -8.77 -10.36 2.84
C LEU A 6 -8.33 -9.32 3.87
N LYS A 7 -7.77 -9.79 5.00
CA LYS A 7 -7.30 -8.90 6.08
C LYS A 7 -6.01 -8.17 5.66
N SER A 8 -5.63 -7.14 6.42
CA SER A 8 -4.46 -6.28 6.12
C SER A 8 -3.14 -7.08 6.13
N GLU A 9 -3.05 -8.06 7.04
CA GLU A 9 -1.89 -8.98 7.14
C GLU A 9 -1.83 -9.91 5.92
N MET A 10 -3.01 -10.35 5.46
CA MET A 10 -3.11 -11.23 4.29
C MET A 10 -2.91 -10.41 2.99
N PHE A 11 -3.18 -9.08 3.07
CA PHE A 11 -3.08 -8.18 1.93
C PHE A 11 -1.59 -7.98 1.59
N VAL A 12 -0.77 -7.73 2.64
CA VAL A 12 0.68 -7.54 2.48
C VAL A 12 1.35 -8.85 2.01
N SER A 13 0.89 -9.99 2.56
CA SER A 13 1.39 -11.33 2.18
C SER A 13 1.18 -11.56 0.68
N ALA A 14 -0.04 -11.25 0.22
CA ALA A 14 -0.44 -11.39 -1.19
C ALA A 14 0.30 -10.37 -2.08
N LEU A 15 0.48 -9.13 -1.56
CA LEU A 15 1.08 -7.99 -2.30
C LEU A 15 2.50 -8.33 -2.75
N ILE A 16 3.23 -8.97 -1.83
CA ILE A 16 4.60 -9.42 -2.06
C ILE A 16 4.64 -10.46 -3.21
N ARG A 17 3.71 -11.43 -3.20
CA ARG A 17 3.62 -12.46 -4.26
C ARG A 17 3.15 -11.83 -5.60
N ARG A 18 2.43 -10.69 -5.52
CA ARG A 18 1.98 -9.93 -6.71
C ARG A 18 3.18 -9.31 -7.45
N VAL A 19 4.12 -8.71 -6.69
CA VAL A 19 5.28 -8.02 -7.27
C VAL A 19 6.28 -9.06 -7.83
N PHE A 20 6.41 -10.22 -7.14
CA PHE A 20 7.27 -11.33 -7.58
C PHE A 20 6.67 -12.02 -8.83
N ALA A 21 5.34 -11.95 -8.97
CA ALA A 21 4.64 -12.36 -10.21
C ALA A 21 5.03 -11.45 -11.40
N ALA A 22 5.28 -10.16 -11.09
CA ALA A 22 5.79 -9.17 -12.08
C ALA A 22 7.31 -9.29 -12.28
N GLY A 23 8.01 -9.86 -11.29
CA GLY A 23 9.48 -10.02 -11.34
C GLY A 23 10.22 -9.05 -10.41
N GLY A 24 9.45 -8.19 -9.71
CA GLY A 24 10.02 -7.24 -8.73
C GLY A 24 10.34 -7.89 -7.37
N PHE A 25 10.52 -7.04 -6.34
CA PHE A 25 10.89 -7.45 -4.97
C PHE A 25 9.89 -6.84 -3.97
N ALA A 26 9.77 -7.45 -2.78
CA ALA A 26 8.97 -6.90 -1.67
C ALA A 26 9.39 -7.53 -0.34
N ALA A 27 9.14 -6.80 0.77
CA ALA A 27 9.50 -7.24 2.12
C ALA A 27 8.79 -6.37 3.17
N VAL A 28 8.13 -7.03 4.15
CA VAL A 28 7.48 -6.35 5.28
C VAL A 28 8.54 -5.87 6.29
N GLU A 29 8.73 -4.55 6.34
CA GLU A 29 9.56 -3.90 7.37
C GLU A 29 8.79 -3.83 8.70
N LYS A 30 7.79 -2.93 8.78
CA LYS A 30 7.00 -2.72 10.01
C LYS A 30 5.75 -3.59 9.98
N LYS A 31 5.34 -4.05 11.17
CA LYS A 31 4.13 -4.86 11.35
C LYS A 31 3.22 -4.19 12.39
N GLY A 32 1.90 -4.33 12.19
CA GLY A 32 0.89 -3.91 13.17
C GLY A 32 -0.25 -4.93 13.29
N ALA A 33 -1.50 -4.44 13.18
CA ALA A 33 -2.72 -5.26 13.39
C ALA A 33 -3.09 -6.07 12.14
N GLU A 34 -3.68 -7.26 12.38
CA GLU A 34 -4.04 -8.21 11.31
C GLU A 34 -5.14 -7.65 10.37
N ALA A 35 -6.33 -7.38 10.92
CA ALA A 35 -7.50 -6.93 10.13
C ALA A 35 -7.62 -5.40 10.13
N ALA A 36 -7.43 -4.80 11.31
CA ALA A 36 -7.60 -3.35 11.54
C ALA A 36 -6.32 -2.54 11.26
N GLY A 37 -5.27 -3.24 10.76
CA GLY A 37 -3.99 -2.60 10.47
C GLY A 37 -4.04 -1.70 9.26
N ALA A 38 -3.46 -0.50 9.38
CA ALA A 38 -3.19 0.36 8.20
C ALA A 38 -2.01 -0.25 7.42
N ILE A 39 -1.89 0.07 6.12
CA ILE A 39 -0.83 -0.50 5.25
C ILE A 39 -0.24 0.62 4.40
N PHE A 40 1.05 0.91 4.62
CA PHE A 40 1.79 1.92 3.87
C PHE A 40 2.99 1.26 3.18
N VAL A 41 2.92 1.23 1.84
CA VAL A 41 3.89 0.56 0.97
C VAL A 41 4.70 1.62 0.21
N ARG A 42 6.01 1.45 0.15
CA ARG A 42 6.90 2.34 -0.64
C ARG A 42 7.36 1.57 -1.88
N GLN A 43 7.33 2.21 -3.06
CA GLN A 43 7.88 1.62 -4.30
C GLN A 43 9.26 2.20 -4.57
N ARG A 44 10.24 1.32 -4.79
CA ARG A 44 11.60 1.71 -5.08
C ARG A 44 11.80 1.72 -6.61
N LEU A 45 11.83 2.93 -7.17
CA LEU A 45 12.05 3.14 -8.60
C LEU A 45 13.55 3.03 -8.94
N ARG A 46 13.81 2.43 -10.11
CA ARG A 46 15.14 2.42 -10.76
C ARG A 46 15.68 3.83 -11.07
N ASP A 47 14.78 4.84 -10.99
CA ASP A 47 15.13 6.25 -11.18
C ASP A 47 15.99 6.80 -10.02
N GLY A 48 16.04 6.06 -8.90
CA GLY A 48 16.63 6.55 -7.66
C GLY A 48 15.61 7.28 -6.80
N ARG A 49 14.32 7.06 -7.13
CA ARG A 49 13.18 7.71 -6.46
C ARG A 49 12.34 6.64 -5.76
N GLU A 50 11.38 7.10 -4.95
CA GLU A 50 10.44 6.23 -4.23
C GLU A 50 9.05 6.86 -4.17
N ASN A 51 8.02 6.02 -4.29
CA ASN A 51 6.62 6.39 -4.07
C ASN A 51 6.17 5.87 -2.70
N LEU A 52 4.97 6.26 -2.27
CA LEU A 52 4.35 5.81 -1.01
C LEU A 52 2.86 5.65 -1.26
N TYR A 53 2.28 4.60 -0.68
CA TYR A 53 0.87 4.22 -0.87
C TYR A 53 0.23 3.99 0.49
N GLY A 54 -1.05 4.32 0.60
CA GLY A 54 -1.80 4.14 1.85
C GLY A 54 -3.25 3.77 1.58
N PRO A 55 -4.04 3.36 2.62
CA PRO A 55 -5.48 3.04 2.44
C PRO A 55 -6.29 4.28 2.01
N ALA A 56 -7.04 4.15 0.91
CA ALA A 56 -7.83 5.24 0.30
C ALA A 56 -9.27 5.25 0.84
N PRO A 57 -10.01 6.40 0.69
CA PRO A 57 -11.49 6.43 0.85
C PRO A 57 -12.17 5.42 -0.11
N GLN A 58 -12.63 4.30 0.47
CA GLN A 58 -13.29 3.22 -0.27
C GLN A 58 -14.63 3.70 -0.83
N SER A 59 -14.78 3.65 -2.16
CA SER A 59 -16.00 4.08 -2.86
C SER A 59 -17.11 3.01 -2.69
N PHE A 60 -17.85 3.13 -1.57
CA PHE A 60 -18.89 2.17 -1.18
C PHE A 60 -20.25 2.51 -1.83
N ALA A 61 -21.03 1.46 -2.09
CA ALA A 61 -22.43 1.56 -2.52
C ALA A 61 -23.31 1.15 -1.33
N ASP A 62 -24.01 2.14 -0.72
CA ASP A 62 -24.97 1.94 0.39
C ASP A 62 -24.28 1.38 1.67
N ASP A 63 -22.96 1.63 1.79
CA ASP A 63 -22.10 1.13 2.92
C ASP A 63 -22.01 -0.40 2.96
N GLU A 64 -22.34 -1.06 1.84
CA GLU A 64 -22.22 -2.51 1.73
C GLU A 64 -20.74 -2.89 1.53
N ASP A 65 -20.07 -2.14 0.63
CA ASP A 65 -18.67 -2.41 0.20
C ASP A 65 -17.64 -2.28 1.34
N ILE A 66 -18.05 -1.69 2.49
CA ILE A 66 -17.18 -1.58 3.70
C ILE A 66 -16.66 -2.98 4.13
N MET A 67 -17.53 -3.97 3.91
CA MET A 67 -17.34 -5.38 4.29
C MET A 67 -17.53 -6.31 3.07
N ARG A 68 -18.18 -5.78 2.00
CA ARG A 68 -18.45 -6.53 0.74
C ARG A 68 -17.41 -6.18 -0.35
N ALA A 69 -16.38 -5.40 0.03
CA ALA A 69 -15.21 -5.11 -0.82
C ALA A 69 -14.00 -4.89 0.09
N GLU A 70 -12.79 -5.04 -0.49
CA GLU A 70 -11.52 -4.77 0.20
C GLU A 70 -11.14 -3.28 0.03
N ARG A 71 -10.32 -2.79 0.97
CA ARG A 71 -9.80 -1.41 0.94
C ARG A 71 -8.79 -1.24 -0.22
N ARG A 72 -9.14 -0.36 -1.19
CA ARG A 72 -8.25 0.00 -2.29
C ARG A 72 -7.33 1.12 -1.82
N PHE A 73 -6.15 1.22 -2.44
CA PHE A 73 -5.09 2.12 -1.97
C PHE A 73 -5.07 3.40 -2.79
N GLU A 74 -4.22 4.33 -2.37
CA GLU A 74 -3.95 5.60 -3.03
C GLU A 74 -2.46 5.86 -2.98
N THR A 75 -2.02 6.85 -3.73
CA THR A 75 -0.62 7.26 -3.73
C THR A 75 -0.44 8.45 -2.76
N ARG A 76 0.21 8.19 -1.60
CA ARG A 76 0.55 9.23 -0.63
C ARG A 76 1.60 10.18 -1.24
N LEU A 77 2.77 9.61 -1.58
CA LEU A 77 3.90 10.35 -2.19
C LEU A 77 4.27 9.70 -3.52
N ALA A 78 4.87 10.47 -4.45
CA ALA A 78 5.17 9.98 -5.81
C ALA A 78 6.47 10.59 -6.35
N GLY A 79 7.45 9.70 -6.63
CA GLY A 79 8.72 10.10 -7.26
C GLY A 79 9.59 10.99 -6.37
N VAL A 80 9.48 10.78 -5.05
CA VAL A 80 10.19 11.57 -4.04
C VAL A 80 11.42 10.80 -3.53
N GLU A 81 12.04 11.24 -2.43
CA GLU A 81 13.19 10.51 -1.81
C GLU A 81 12.75 9.80 -0.52
N GLY A 82 13.65 8.95 0.03
CA GLY A 82 13.39 8.18 1.26
C GLY A 82 13.19 9.04 2.51
N GLU A 83 13.74 10.27 2.49
CA GLU A 83 13.53 11.28 3.54
C GLU A 83 12.04 11.61 3.67
N GLU A 84 11.40 11.83 2.51
CA GLU A 84 9.96 12.18 2.45
C GLU A 84 9.10 10.99 2.85
N ILE A 85 9.51 9.77 2.41
CA ILE A 85 8.81 8.52 2.72
C ILE A 85 8.73 8.33 4.26
N ALA A 86 9.89 8.41 4.92
CA ALA A 86 10.00 8.27 6.38
C ALA A 86 9.33 9.43 7.12
N ALA A 87 9.29 10.61 6.47
CA ALA A 87 8.63 11.82 7.02
C ALA A 87 7.11 11.63 7.17
N LEU A 88 6.50 10.93 6.19
CA LEU A 88 5.07 10.62 6.24
C LEU A 88 4.81 9.40 7.12
N LEU A 89 5.68 8.37 7.03
CA LEU A 89 5.57 7.15 7.87
C LEU A 89 5.62 7.52 9.35
N GLU A 90 6.29 8.65 9.65
CA GLU A 90 6.37 9.27 10.96
C GLU A 90 4.97 9.80 11.38
N ARG A 91 4.29 10.49 10.45
CA ARG A 91 2.98 11.11 10.69
C ARG A 91 1.91 10.02 10.93
N GLU A 92 1.89 9.02 10.04
CA GLU A 92 0.87 7.96 10.04
C GLU A 92 1.04 7.02 11.25
N ARG A 93 2.31 6.76 11.63
CA ARG A 93 2.61 5.94 12.84
C ARG A 93 2.24 6.71 14.13
N ARG A 94 2.32 8.06 14.07
CA ARG A 94 2.04 8.97 15.21
C ARG A 94 0.58 8.81 15.65
N PHE A 95 -0.33 8.73 14.65
CA PHE A 95 -1.76 8.45 14.88
C PHE A 95 -1.96 6.95 15.19
N ASP A 96 -1.45 6.09 14.28
CA ASP A 96 -1.70 4.64 14.29
C ASP A 96 -0.41 3.87 14.00
N SER A 97 0.20 3.30 15.05
CA SER A 97 1.44 2.49 14.93
C SER A 97 1.12 1.05 14.43
N ASP A 98 -0.17 0.74 14.25
CA ASP A 98 -0.63 -0.55 13.69
C ASP A 98 -0.48 -0.62 12.16
N LEU A 99 0.20 0.38 11.54
CA LEU A 99 0.49 0.36 10.10
C LEU A 99 1.62 -0.63 9.80
N TRP A 100 1.55 -1.24 8.61
CA TRP A 100 2.57 -2.15 8.09
C TRP A 100 3.32 -1.42 6.99
N VAL A 101 4.65 -1.38 7.10
CA VAL A 101 5.49 -0.77 6.07
C VAL A 101 6.10 -1.90 5.23
N VAL A 102 5.75 -1.94 3.94
CA VAL A 102 6.30 -2.93 2.97
C VAL A 102 7.09 -2.19 1.90
N GLU A 103 8.38 -2.52 1.75
CA GLU A 103 9.20 -1.97 0.67
C GLU A 103 9.15 -2.90 -0.55
N ILE A 104 8.47 -2.44 -1.62
CA ILE A 104 8.42 -3.13 -2.91
C ILE A 104 9.38 -2.41 -3.88
N GLU A 105 10.11 -3.18 -4.69
CA GLU A 105 11.04 -2.65 -5.68
C GLU A 105 10.57 -3.09 -7.06
N THR A 106 10.07 -2.14 -7.84
CA THR A 106 9.45 -2.43 -9.15
C THR A 106 9.41 -1.17 -10.03
N ASP A 107 9.22 -1.42 -11.32
CA ASP A 107 9.15 -0.38 -12.38
C ASP A 107 7.78 0.30 -12.37
N GLU A 108 6.73 -0.53 -12.21
CA GLU A 108 5.32 -0.11 -12.30
C GLU A 108 4.52 -0.61 -11.08
N ILE A 109 3.32 -0.03 -10.86
CA ILE A 109 2.56 -0.26 -9.61
C ILE A 109 1.20 -0.94 -9.86
N GLY A 110 0.49 -0.52 -10.92
CA GLY A 110 -0.92 -0.90 -11.14
C GLY A 110 -1.13 -2.40 -11.31
N THR A 111 -0.12 -3.08 -11.85
CA THR A 111 -0.14 -4.53 -12.10
C THR A 111 -0.06 -5.34 -10.78
N LEU A 112 0.57 -4.77 -9.74
CA LEU A 112 0.89 -5.48 -8.48
C LEU A 112 0.28 -4.79 -7.23
N LEU A 113 -0.47 -3.70 -7.45
CA LEU A 113 -1.20 -2.98 -6.39
C LEU A 113 -2.12 -1.93 -7.03
N THR A 114 -3.42 -1.97 -6.68
CA THR A 114 -4.42 -1.04 -7.22
C THR A 114 -4.48 0.26 -6.40
N LEU A 115 -4.55 1.39 -7.13
CA LEU A 115 -4.60 2.75 -6.56
C LEU A 115 -5.78 3.51 -7.18
N VAL A 116 -6.50 4.28 -6.36
CA VAL A 116 -7.63 5.13 -6.81
C VAL A 116 -7.10 6.37 -7.56
N ASP A 117 -5.84 6.77 -7.25
CA ASP A 117 -5.23 8.00 -7.78
C ASP A 117 -4.50 7.74 -9.10
N GLN A 118 -3.52 6.82 -9.08
CA GLN A 118 -2.75 6.45 -10.28
C GLN A 118 -3.59 5.57 -11.24
N PRO A 119 -3.28 5.57 -12.58
CA PRO A 119 -3.99 4.72 -13.58
C PRO A 119 -3.95 3.22 -13.20
N GLN A 120 -5.14 2.62 -13.09
CA GLN A 120 -5.32 1.20 -12.75
C GLN A 120 -5.16 0.34 -14.01
N ALA A 121 -5.92 0.70 -15.04
CA ALA A 121 -5.95 0.01 -16.34
C ALA A 121 -6.58 0.96 -17.39
N MET A 4 -8.78 -9.15 -4.09
CA MET A 4 -9.39 -10.19 -3.23
C MET A 4 -9.88 -9.55 -1.92
N ARG A 5 -11.13 -9.86 -1.56
CA ARG A 5 -11.72 -9.48 -0.26
C ARG A 5 -11.12 -10.39 0.84
N LEU A 6 -10.05 -9.88 1.50
CA LEU A 6 -9.28 -10.62 2.53
C LEU A 6 -8.86 -9.68 3.68
N LYS A 7 -8.07 -10.23 4.64
CA LYS A 7 -7.42 -9.44 5.71
C LYS A 7 -6.34 -8.52 5.13
N SER A 8 -6.02 -7.46 5.88
CA SER A 8 -4.93 -6.54 5.57
C SER A 8 -3.56 -7.27 5.58
N GLU A 9 -3.42 -8.24 6.50
CA GLU A 9 -2.26 -9.15 6.59
C GLU A 9 -2.17 -10.04 5.36
N MET A 10 -3.32 -10.63 4.99
CA MET A 10 -3.42 -11.53 3.85
C MET A 10 -3.20 -10.77 2.52
N PHE A 11 -3.44 -9.44 2.55
CA PHE A 11 -3.26 -8.57 1.38
C PHE A 11 -1.77 -8.31 1.15
N VAL A 12 -1.03 -7.96 2.22
CA VAL A 12 0.42 -7.63 2.11
C VAL A 12 1.24 -8.87 1.73
N SER A 13 0.84 -10.03 2.28
CA SER A 13 1.45 -11.33 1.96
C SER A 13 1.34 -11.61 0.44
N ALA A 14 0.15 -11.34 -0.11
CA ALA A 14 -0.12 -11.50 -1.55
C ALA A 14 0.61 -10.41 -2.39
N LEU A 15 0.68 -9.19 -1.84
CA LEU A 15 1.21 -7.98 -2.52
C LEU A 15 2.69 -8.16 -2.85
N ILE A 16 3.40 -8.72 -1.88
CA ILE A 16 4.84 -9.00 -1.97
C ILE A 16 5.13 -9.94 -3.17
N ARG A 17 4.33 -11.00 -3.33
CA ARG A 17 4.51 -11.96 -4.44
C ARG A 17 4.07 -11.37 -5.80
N ARG A 18 3.17 -10.35 -5.78
CA ARG A 18 2.74 -9.63 -7.01
C ARG A 18 3.96 -8.97 -7.69
N VAL A 19 4.80 -8.29 -6.88
CA VAL A 19 5.95 -7.53 -7.40
C VAL A 19 7.09 -8.48 -7.82
N PHE A 20 7.28 -9.60 -7.08
CA PHE A 20 8.29 -10.64 -7.40
C PHE A 20 7.92 -11.37 -8.71
N ALA A 21 6.61 -11.44 -9.01
CA ALA A 21 6.11 -11.94 -10.30
C ALA A 21 6.49 -10.98 -11.46
N ALA A 22 6.62 -9.68 -11.14
CA ALA A 22 7.07 -8.63 -12.09
C ALA A 22 8.60 -8.41 -12.01
N GLY A 23 9.29 -9.25 -11.19
CA GLY A 23 10.76 -9.19 -11.05
C GLY A 23 11.24 -8.21 -9.99
N GLY A 24 10.30 -7.41 -9.43
CA GLY A 24 10.60 -6.43 -8.39
C GLY A 24 10.78 -7.06 -7.01
N PHE A 25 11.05 -6.19 -6.02
CA PHE A 25 11.40 -6.59 -4.63
C PHE A 25 10.29 -6.11 -3.68
N ALA A 26 10.15 -6.77 -2.53
CA ALA A 26 9.20 -6.38 -1.47
C ALA A 26 9.62 -6.92 -0.11
N ALA A 27 9.16 -6.23 0.94
CA ALA A 27 9.42 -6.60 2.34
C ALA A 27 8.50 -5.79 3.25
N VAL A 28 7.66 -6.49 4.05
CA VAL A 28 6.76 -5.84 5.01
C VAL A 28 7.56 -5.41 6.28
N GLU A 29 7.95 -4.13 6.29
CA GLU A 29 8.74 -3.50 7.36
C GLU A 29 7.94 -3.44 8.68
N LYS A 30 6.84 -2.67 8.68
CA LYS A 30 5.98 -2.49 9.87
C LYS A 30 4.78 -3.43 9.81
N LYS A 31 4.36 -3.93 10.99
CA LYS A 31 3.19 -4.80 11.13
C LYS A 31 2.19 -4.17 12.11
N GLY A 32 0.90 -4.23 11.78
CA GLY A 32 -0.18 -3.79 12.66
C GLY A 32 -1.23 -4.89 12.84
N ALA A 33 -2.52 -4.50 12.75
CA ALA A 33 -3.65 -5.43 12.93
C ALA A 33 -3.94 -6.22 11.64
N GLU A 34 -4.21 -7.54 11.79
CA GLU A 34 -4.38 -8.45 10.64
C GLU A 34 -5.59 -8.07 9.76
N ALA A 35 -6.78 -7.98 10.36
CA ALA A 35 -8.02 -7.69 9.61
C ALA A 35 -8.32 -6.17 9.53
N ALA A 36 -8.42 -5.52 10.71
CA ALA A 36 -8.85 -4.11 10.82
C ALA A 36 -7.69 -3.10 10.67
N GLY A 37 -6.48 -3.60 10.37
CA GLY A 37 -5.30 -2.73 10.18
C GLY A 37 -5.35 -1.97 8.87
N ALA A 38 -4.68 -0.79 8.83
CA ALA A 38 -4.48 -0.03 7.58
C ALA A 38 -3.21 -0.56 6.87
N ILE A 39 -3.01 -0.22 5.59
CA ILE A 39 -1.84 -0.66 4.80
C ILE A 39 -1.28 0.56 4.04
N PHE A 40 0.00 0.86 4.26
CA PHE A 40 0.72 1.92 3.56
C PHE A 40 1.96 1.30 2.89
N VAL A 41 1.95 1.28 1.55
CA VAL A 41 3.01 0.67 0.73
C VAL A 41 3.81 1.78 0.04
N ARG A 42 5.12 1.68 0.12
CA ARG A 42 6.04 2.65 -0.48
C ARG A 42 6.74 2.01 -1.70
N GLN A 43 6.49 2.55 -2.90
CA GLN A 43 7.20 2.11 -4.13
C GLN A 43 8.57 2.78 -4.19
N ARG A 44 9.52 2.08 -4.82
CA ARG A 44 10.85 2.59 -5.10
C ARG A 44 11.14 2.33 -6.58
N LEU A 45 11.40 3.38 -7.33
CA LEU A 45 11.87 3.30 -8.70
C LEU A 45 13.39 3.11 -8.67
N ARG A 46 13.89 2.22 -9.54
CA ARG A 46 15.33 1.95 -9.72
C ARG A 46 16.10 3.22 -10.18
N ASP A 47 15.33 4.23 -10.63
CA ASP A 47 15.82 5.53 -11.07
C ASP A 47 16.36 6.33 -9.88
N GLY A 48 15.64 6.29 -8.76
CA GLY A 48 16.01 7.02 -7.55
C GLY A 48 14.83 7.56 -6.76
N ARG A 49 13.64 7.59 -7.38
CA ARG A 49 12.43 8.18 -6.77
C ARG A 49 11.66 7.14 -5.95
N GLU A 50 10.75 7.63 -5.08
CA GLU A 50 9.86 6.81 -4.26
C GLU A 50 8.39 7.25 -4.47
N ASN A 51 7.46 6.46 -3.94
CA ASN A 51 6.01 6.73 -3.91
C ASN A 51 5.46 6.20 -2.57
N LEU A 52 4.26 6.65 -2.19
CA LEU A 52 3.56 6.13 -1.00
C LEU A 52 2.11 5.89 -1.40
N TYR A 53 1.53 4.81 -0.87
CA TYR A 53 0.15 4.39 -1.15
C TYR A 53 -0.52 4.06 0.17
N GLY A 54 -1.84 4.28 0.24
CA GLY A 54 -2.62 4.01 1.44
C GLY A 54 -4.02 3.53 1.09
N PRO A 55 -4.88 3.19 2.09
CA PRO A 55 -6.28 2.78 1.83
C PRO A 55 -7.09 3.97 1.26
N ALA A 56 -7.59 3.81 0.02
CA ALA A 56 -8.42 4.83 -0.66
C ALA A 56 -9.75 5.05 0.10
N PRO A 57 -10.40 6.25 -0.05
CA PRO A 57 -11.74 6.49 0.53
C PRO A 57 -12.80 5.63 -0.19
N GLN A 58 -12.94 4.39 0.29
CA GLN A 58 -13.83 3.36 -0.28
C GLN A 58 -15.28 3.87 -0.24
N SER A 59 -16.05 3.61 -1.32
CA SER A 59 -17.46 3.98 -1.40
C SER A 59 -18.31 2.98 -0.58
N PHE A 60 -18.20 3.11 0.76
CA PHE A 60 -18.84 2.19 1.71
C PHE A 60 -20.23 2.68 2.10
N ALA A 61 -21.12 1.72 2.34
CA ALA A 61 -22.44 1.97 2.93
C ALA A 61 -22.38 1.58 4.41
N ASP A 62 -22.31 2.61 5.29
CA ASP A 62 -22.39 2.49 6.77
C ASP A 62 -21.16 1.72 7.34
N ASP A 63 -20.07 1.66 6.54
CA ASP A 63 -18.80 0.92 6.84
C ASP A 63 -18.99 -0.62 6.82
N GLU A 64 -20.16 -1.08 6.35
CA GLU A 64 -20.43 -2.51 6.13
C GLU A 64 -19.56 -3.02 4.95
N ASP A 65 -19.56 -2.20 3.88
CA ASP A 65 -18.94 -2.53 2.59
C ASP A 65 -17.39 -2.67 2.69
N ILE A 66 -16.79 -2.14 3.78
CA ILE A 66 -15.35 -2.32 4.08
C ILE A 66 -14.98 -3.82 4.15
N MET A 67 -15.91 -4.58 4.76
CA MET A 67 -15.76 -6.02 5.04
C MET A 67 -16.51 -6.87 3.99
N ARG A 68 -17.12 -6.21 2.99
CA ARG A 68 -17.88 -6.91 1.90
C ARG A 68 -17.16 -6.77 0.56
N ALA A 69 -16.33 -5.73 0.44
CA ALA A 69 -15.57 -5.44 -0.78
C ALA A 69 -14.13 -5.09 -0.41
N GLU A 70 -13.18 -5.52 -1.26
CA GLU A 70 -11.76 -5.17 -1.13
C GLU A 70 -11.60 -3.64 -1.27
N ARG A 71 -10.95 -3.02 -0.28
CA ARG A 71 -10.57 -1.60 -0.38
C ARG A 71 -9.41 -1.44 -1.37
N ARG A 72 -9.62 -0.62 -2.41
CA ARG A 72 -8.57 -0.26 -3.36
C ARG A 72 -7.67 0.79 -2.71
N PHE A 73 -6.48 1.02 -3.30
CA PHE A 73 -5.49 1.95 -2.74
C PHE A 73 -5.49 3.28 -3.48
N GLU A 74 -4.85 4.28 -2.88
CA GLU A 74 -4.68 5.63 -3.43
C GLU A 74 -3.19 5.98 -3.35
N THR A 75 -2.75 6.87 -4.23
CA THR A 75 -1.36 7.35 -4.26
C THR A 75 -1.21 8.55 -3.29
N ARG A 76 -0.63 8.29 -2.10
CA ARG A 76 -0.41 9.33 -1.07
C ARG A 76 0.70 10.29 -1.52
N LEU A 77 1.89 9.72 -1.82
CA LEU A 77 3.04 10.46 -2.34
C LEU A 77 3.46 9.86 -3.69
N ALA A 78 4.19 10.66 -4.50
CA ALA A 78 4.67 10.23 -5.82
C ALA A 78 5.92 11.02 -6.23
N GLY A 79 6.91 10.31 -6.82
CA GLY A 79 8.17 10.92 -7.29
C GLY A 79 8.94 11.65 -6.18
N VAL A 80 8.79 11.14 -4.96
CA VAL A 80 9.35 11.73 -3.74
C VAL A 80 10.65 11.00 -3.34
N GLU A 81 11.11 11.22 -2.10
CA GLU A 81 12.24 10.49 -1.51
C GLU A 81 11.78 9.71 -0.26
N GLY A 82 12.69 8.86 0.26
CA GLY A 82 12.43 8.05 1.46
C GLY A 82 12.23 8.89 2.72
N GLU A 83 12.76 10.13 2.70
CA GLU A 83 12.57 11.10 3.79
C GLU A 83 11.10 11.54 3.86
N GLU A 84 10.50 11.77 2.67
CA GLU A 84 9.07 12.13 2.54
C GLU A 84 8.16 10.98 2.96
N ILE A 85 8.59 9.75 2.63
CA ILE A 85 7.85 8.54 2.97
C ILE A 85 7.76 8.39 4.50
N ALA A 86 8.94 8.37 5.14
CA ALA A 86 9.07 8.27 6.61
C ALA A 86 8.46 9.49 7.32
N ALA A 87 8.40 10.64 6.61
CA ALA A 87 7.77 11.86 7.10
C ALA A 87 6.28 11.62 7.37
N LEU A 88 5.58 10.92 6.45
CA LEU A 88 4.16 10.60 6.61
C LEU A 88 3.96 9.42 7.57
N LEU A 89 4.77 8.36 7.38
CA LEU A 89 4.63 7.09 8.13
C LEU A 89 4.69 7.33 9.65
N GLU A 90 5.51 8.31 10.08
CA GLU A 90 5.67 8.66 11.50
C GLU A 90 4.41 9.38 12.02
N ARG A 91 3.71 10.10 11.12
CA ARG A 91 2.49 10.85 11.46
C ARG A 91 1.33 9.86 11.70
N GLU A 92 1.13 8.98 10.71
CA GLU A 92 -0.01 8.05 10.65
C GLU A 92 0.07 6.98 11.74
N ARG A 93 1.30 6.49 12.00
CA ARG A 93 1.55 5.49 13.08
C ARG A 93 1.28 6.07 14.48
N ARG A 94 1.48 7.39 14.61
CA ARG A 94 1.26 8.13 15.87
C ARG A 94 -0.22 8.03 16.27
N PHE A 95 -1.12 8.31 15.30
CA PHE A 95 -2.58 8.26 15.51
C PHE A 95 -3.07 6.81 15.57
N ASP A 96 -2.71 6.02 14.54
CA ASP A 96 -3.15 4.63 14.36
C ASP A 96 -1.95 3.78 13.96
N SER A 97 -1.35 3.10 14.96
CA SER A 97 -0.16 2.25 14.78
C SER A 97 -0.51 0.90 14.12
N ASP A 98 -1.83 0.63 13.93
CA ASP A 98 -2.31 -0.63 13.31
C ASP A 98 -2.02 -0.70 11.80
N LEU A 99 -1.42 0.36 11.20
CA LEU A 99 -1.02 0.33 9.78
C LEU A 99 0.21 -0.58 9.61
N TRP A 100 0.34 -1.11 8.39
CA TRP A 100 1.49 -1.90 7.96
C TRP A 100 2.28 -1.04 6.98
N VAL A 101 3.60 -1.27 6.90
CA VAL A 101 4.45 -0.62 5.90
C VAL A 101 5.17 -1.70 5.11
N VAL A 102 5.00 -1.69 3.78
CA VAL A 102 5.70 -2.61 2.87
C VAL A 102 6.53 -1.78 1.89
N GLU A 103 7.84 -2.02 1.83
CA GLU A 103 8.68 -1.43 0.78
C GLU A 103 8.62 -2.35 -0.45
N ILE A 104 8.34 -1.77 -1.62
CA ILE A 104 8.39 -2.48 -2.90
C ILE A 104 9.30 -1.69 -3.85
N GLU A 105 10.17 -2.38 -4.58
CA GLU A 105 11.11 -1.77 -5.54
C GLU A 105 10.76 -2.30 -6.93
N THR A 106 10.22 -1.42 -7.77
CA THR A 106 9.73 -1.79 -9.11
C THR A 106 9.51 -0.53 -9.99
N ASP A 107 9.53 -0.72 -11.33
CA ASP A 107 9.28 0.34 -12.33
C ASP A 107 7.81 0.80 -12.31
N GLU A 108 6.92 -0.19 -12.39
CA GLU A 108 5.47 0.02 -12.54
C GLU A 108 4.76 -0.28 -11.22
N ILE A 109 3.46 0.02 -11.14
CA ILE A 109 2.69 -0.13 -9.89
C ILE A 109 1.35 -0.86 -10.11
N GLY A 110 0.66 -0.55 -11.22
CA GLY A 110 -0.75 -0.96 -11.43
C GLY A 110 -0.97 -2.47 -11.38
N THR A 111 -0.04 -3.22 -11.98
CA THR A 111 -0.11 -4.69 -12.09
C THR A 111 0.09 -5.36 -10.70
N LEU A 112 0.90 -4.72 -9.84
CA LEU A 112 1.36 -5.32 -8.57
C LEU A 112 0.77 -4.59 -7.33
N LEU A 113 -0.09 -3.59 -7.59
CA LEU A 113 -0.87 -2.86 -6.58
C LEU A 113 -1.85 -1.91 -7.31
N THR A 114 -3.14 -2.15 -7.14
CA THR A 114 -4.19 -1.39 -7.83
C THR A 114 -4.51 -0.08 -7.10
N LEU A 115 -4.69 1.01 -7.88
CA LEU A 115 -4.93 2.36 -7.36
C LEU A 115 -6.19 2.97 -8.00
N VAL A 116 -6.83 3.88 -7.25
CA VAL A 116 -7.94 4.72 -7.72
C VAL A 116 -7.37 6.02 -8.34
N ASP A 117 -6.13 6.36 -7.91
CA ASP A 117 -5.47 7.62 -8.27
C ASP A 117 -4.79 7.47 -9.63
N GLN A 118 -3.80 6.55 -9.70
CA GLN A 118 -3.11 6.23 -10.95
C GLN A 118 -3.99 5.30 -11.81
N PRO A 119 -4.30 5.69 -13.08
CA PRO A 119 -5.11 4.84 -13.99
C PRO A 119 -4.32 3.61 -14.48
N GLN A 120 -5.03 2.51 -14.72
CA GLN A 120 -4.45 1.24 -15.20
C GLN A 120 -4.18 1.35 -16.71
N ALA A 121 -5.01 2.17 -17.38
CA ALA A 121 -4.86 2.51 -18.81
C ALA A 121 -4.61 4.04 -18.93
N MET A 4 -10.26 -10.02 -4.07
CA MET A 4 -10.52 -11.23 -3.26
C MET A 4 -11.35 -10.92 -2.01
N ARG A 5 -11.31 -9.65 -1.55
CA ARG A 5 -11.97 -9.20 -0.32
C ARG A 5 -11.36 -9.93 0.89
N LEU A 6 -10.14 -9.51 1.23
CA LEU A 6 -9.28 -10.18 2.21
C LEU A 6 -8.87 -9.21 3.34
N LYS A 7 -8.23 -9.76 4.39
CA LYS A 7 -7.77 -8.95 5.53
C LYS A 7 -6.47 -8.20 5.17
N SER A 8 -6.04 -7.31 6.08
CA SER A 8 -4.86 -6.43 5.89
C SER A 8 -3.57 -7.25 5.66
N GLU A 9 -3.37 -8.26 6.51
CA GLU A 9 -2.23 -9.20 6.41
C GLU A 9 -2.29 -10.01 5.12
N MET A 10 -3.50 -10.44 4.73
CA MET A 10 -3.72 -11.29 3.55
C MET A 10 -3.44 -10.50 2.27
N PHE A 11 -3.55 -9.15 2.35
CA PHE A 11 -3.27 -8.26 1.23
C PHE A 11 -1.75 -8.12 1.06
N VAL A 12 -1.03 -7.84 2.18
CA VAL A 12 0.43 -7.56 2.13
C VAL A 12 1.22 -8.79 1.63
N SER A 13 0.79 -9.97 2.08
CA SER A 13 1.38 -11.25 1.66
C SER A 13 1.24 -11.43 0.13
N ALA A 14 0.01 -11.17 -0.38
CA ALA A 14 -0.31 -11.28 -1.82
C ALA A 14 0.39 -10.18 -2.65
N LEU A 15 0.57 -9.01 -2.03
CA LEU A 15 1.17 -7.81 -2.65
C LEU A 15 2.64 -8.06 -3.02
N ILE A 16 3.33 -8.73 -2.11
CA ILE A 16 4.74 -9.14 -2.28
C ILE A 16 4.87 -10.15 -3.43
N ARG A 17 3.86 -11.04 -3.55
CA ARG A 17 3.83 -12.04 -4.65
C ARG A 17 3.48 -11.39 -6.00
N ARG A 18 2.76 -10.25 -5.95
CA ARG A 18 2.48 -9.46 -7.17
C ARG A 18 3.79 -8.87 -7.73
N VAL A 19 4.60 -8.25 -6.85
CA VAL A 19 5.81 -7.55 -7.26
C VAL A 19 6.87 -8.53 -7.80
N PHE A 20 7.05 -9.68 -7.11
CA PHE A 20 8.04 -10.72 -7.50
C PHE A 20 7.61 -11.47 -8.77
N ALA A 21 6.27 -11.56 -8.99
CA ALA A 21 5.70 -12.08 -10.25
C ALA A 21 6.12 -11.19 -11.43
N ALA A 22 6.09 -9.86 -11.19
CA ALA A 22 6.51 -8.86 -12.18
C ALA A 22 8.04 -8.84 -12.34
N GLY A 23 8.76 -9.06 -11.21
CA GLY A 23 10.24 -9.04 -11.18
C GLY A 23 10.79 -8.21 -10.01
N GLY A 24 9.96 -7.32 -9.46
CA GLY A 24 10.37 -6.40 -8.38
C GLY A 24 10.50 -7.06 -7.00
N PHE A 25 10.87 -6.25 -6.01
CA PHE A 25 11.14 -6.66 -4.61
C PHE A 25 10.05 -6.12 -3.69
N ALA A 26 9.86 -6.78 -2.53
CA ALA A 26 8.99 -6.30 -1.43
C ALA A 26 9.40 -6.95 -0.10
N ALA A 27 8.97 -6.34 1.02
CA ALA A 27 9.23 -6.86 2.38
C ALA A 27 8.39 -6.09 3.42
N VAL A 28 7.62 -6.84 4.24
CA VAL A 28 6.89 -6.27 5.38
C VAL A 28 7.87 -5.92 6.52
N GLU A 29 8.11 -4.61 6.71
CA GLU A 29 8.95 -4.08 7.79
C GLU A 29 8.12 -3.92 9.07
N LYS A 30 7.02 -3.16 8.96
CA LYS A 30 6.12 -2.90 10.10
C LYS A 30 4.87 -3.78 9.98
N LYS A 31 4.42 -4.29 11.14
CA LYS A 31 3.26 -5.17 11.24
C LYS A 31 2.33 -4.65 12.34
N GLY A 32 1.05 -4.45 11.99
CA GLY A 32 0.03 -4.02 12.94
C GLY A 32 -1.13 -5.01 12.98
N ALA A 33 -2.37 -4.50 12.92
CA ALA A 33 -3.59 -5.31 13.01
C ALA A 33 -3.78 -6.15 11.72
N GLU A 34 -3.84 -7.48 11.89
CA GLU A 34 -3.92 -8.44 10.77
C GLU A 34 -5.25 -8.29 10.00
N ALA A 35 -6.35 -8.17 10.75
CA ALA A 35 -7.71 -8.09 10.20
C ALA A 35 -8.03 -6.69 9.64
N ALA A 36 -7.91 -5.66 10.51
CA ALA A 36 -8.42 -4.29 10.24
C ALA A 36 -7.32 -3.22 10.24
N GLY A 37 -6.07 -3.62 9.94
CA GLY A 37 -4.92 -2.69 9.92
C GLY A 37 -4.82 -1.86 8.65
N ALA A 38 -4.18 -0.69 8.77
CA ALA A 38 -3.86 0.18 7.61
C ALA A 38 -2.62 -0.40 6.90
N ILE A 39 -2.48 -0.15 5.60
CA ILE A 39 -1.35 -0.66 4.78
C ILE A 39 -0.70 0.53 4.03
N PHE A 40 0.53 0.88 4.43
CA PHE A 40 1.33 1.92 3.77
C PHE A 40 2.51 1.27 3.05
N VAL A 41 2.49 1.35 1.72
CA VAL A 41 3.46 0.71 0.83
C VAL A 41 4.35 1.79 0.21
N ARG A 42 5.67 1.63 0.28
CA ARG A 42 6.62 2.63 -0.25
C ARG A 42 7.39 2.05 -1.45
N GLN A 43 7.22 2.72 -2.60
CA GLN A 43 7.82 2.35 -3.89
C GLN A 43 9.25 2.88 -4.00
N ARG A 44 10.12 2.14 -4.71
CA ARG A 44 11.49 2.57 -5.03
C ARG A 44 11.74 2.35 -6.53
N LEU A 45 12.12 3.44 -7.23
CA LEU A 45 12.33 3.43 -8.70
C LEU A 45 13.82 3.18 -9.04
N ARG A 46 14.07 2.91 -10.34
CA ARG A 46 15.43 2.84 -10.92
C ARG A 46 16.10 4.24 -10.87
N ASP A 47 15.24 5.27 -10.91
CA ASP A 47 15.64 6.70 -10.84
C ASP A 47 16.37 7.02 -9.53
N GLY A 48 16.12 6.20 -8.49
CA GLY A 48 16.58 6.47 -7.14
C GLY A 48 15.60 7.37 -6.39
N ARG A 49 14.35 7.40 -6.87
CA ARG A 49 13.25 8.16 -6.24
C ARG A 49 12.31 7.17 -5.55
N GLU A 50 11.28 7.70 -4.88
CA GLU A 50 10.30 6.90 -4.13
C GLU A 50 8.88 7.46 -4.29
N ASN A 51 7.91 6.62 -3.93
CA ASN A 51 6.50 6.98 -3.75
C ASN A 51 6.02 6.35 -2.44
N LEU A 52 4.87 6.80 -1.94
CA LEU A 52 4.23 6.25 -0.74
C LEU A 52 2.77 6.06 -1.05
N TYR A 53 2.19 4.99 -0.52
CA TYR A 53 0.80 4.61 -0.76
C TYR A 53 0.12 4.35 0.58
N GLY A 54 -1.21 4.41 0.57
CA GLY A 54 -2.03 4.17 1.76
C GLY A 54 -3.39 3.65 1.36
N PRO A 55 -4.25 3.20 2.33
CA PRO A 55 -5.62 2.77 2.02
C PRO A 55 -6.52 3.98 1.69
N ALA A 56 -7.05 4.02 0.46
CA ALA A 56 -8.00 5.09 0.06
C ALA A 56 -9.30 4.93 0.86
N PRO A 57 -9.98 6.06 1.25
CA PRO A 57 -11.25 6.01 2.02
C PRO A 57 -12.35 5.33 1.19
N GLN A 58 -12.64 4.05 1.56
CA GLN A 58 -13.56 3.16 0.84
C GLN A 58 -14.94 3.82 0.65
N SER A 59 -15.36 3.95 -0.62
CA SER A 59 -16.69 4.45 -0.97
C SER A 59 -17.72 3.33 -0.71
N PHE A 60 -18.23 3.27 0.53
CA PHE A 60 -19.22 2.26 0.95
C PHE A 60 -20.51 2.93 1.41
N ALA A 61 -21.60 2.15 1.41
CA ALA A 61 -22.92 2.57 1.86
C ALA A 61 -23.58 1.42 2.64
N ASP A 62 -24.24 1.77 3.77
CA ASP A 62 -24.96 0.83 4.65
C ASP A 62 -23.98 -0.19 5.30
N ASP A 63 -22.66 0.12 5.24
CA ASP A 63 -21.55 -0.73 5.72
C ASP A 63 -21.50 -2.13 5.05
N GLU A 64 -22.17 -2.25 3.89
CA GLU A 64 -22.26 -3.51 3.14
C GLU A 64 -21.01 -3.72 2.29
N ASP A 65 -20.60 -2.65 1.58
CA ASP A 65 -19.48 -2.68 0.61
C ASP A 65 -18.11 -2.89 1.31
N ILE A 66 -18.12 -2.89 2.66
CA ILE A 66 -16.99 -3.35 3.50
C ILE A 66 -16.67 -4.83 3.17
N MET A 67 -17.73 -5.64 3.21
CA MET A 67 -17.67 -7.10 3.02
C MET A 67 -17.84 -7.47 1.55
N ARG A 68 -18.56 -6.62 0.80
CA ARG A 68 -18.94 -6.88 -0.61
C ARG A 68 -17.92 -6.30 -1.61
N ALA A 69 -16.94 -5.54 -1.10
CA ALA A 69 -15.82 -5.00 -1.90
C ALA A 69 -14.62 -4.72 -0.99
N GLU A 70 -13.40 -5.01 -1.47
CA GLU A 70 -12.18 -4.63 -0.75
C GLU A 70 -11.85 -3.16 -1.07
N ARG A 71 -11.04 -2.54 -0.21
CA ARG A 71 -10.65 -1.13 -0.41
C ARG A 71 -9.49 -1.01 -1.41
N ARG A 72 -9.61 -0.06 -2.33
CA ARG A 72 -8.55 0.31 -3.27
C ARG A 72 -7.59 1.26 -2.53
N PHE A 73 -6.37 1.41 -3.05
CA PHE A 73 -5.33 2.23 -2.41
C PHE A 73 -5.23 3.61 -3.08
N GLU A 74 -4.38 4.46 -2.51
CA GLU A 74 -4.12 5.83 -2.97
C GLU A 74 -2.61 6.09 -2.93
N THR A 75 -2.17 7.19 -3.54
CA THR A 75 -0.77 7.62 -3.51
C THR A 75 -0.61 8.76 -2.47
N ARG A 76 0.10 8.48 -1.36
CA ARG A 76 0.39 9.48 -0.31
C ARG A 76 1.44 10.49 -0.80
N LEU A 77 2.53 9.97 -1.40
CA LEU A 77 3.70 10.78 -1.86
C LEU A 77 4.17 10.25 -3.21
N ALA A 78 4.89 11.09 -3.99
CA ALA A 78 5.34 10.70 -5.35
C ALA A 78 6.61 11.46 -5.79
N GLY A 79 7.57 10.72 -6.39
CA GLY A 79 8.84 11.28 -6.90
C GLY A 79 9.71 11.88 -5.80
N VAL A 80 9.55 11.36 -4.58
CA VAL A 80 10.16 11.90 -3.36
C VAL A 80 11.35 11.01 -2.94
N GLU A 81 11.84 11.19 -1.70
CA GLU A 81 12.95 10.38 -1.14
C GLU A 81 12.51 9.67 0.15
N GLY A 82 13.39 8.77 0.65
CA GLY A 82 13.11 7.95 1.84
C GLY A 82 12.89 8.76 3.11
N GLU A 83 13.46 9.97 3.16
CA GLU A 83 13.27 10.91 4.27
C GLU A 83 11.81 11.39 4.31
N GLU A 84 11.27 11.73 3.13
CA GLU A 84 9.87 12.18 2.96
C GLU A 84 8.89 11.03 3.27
N ILE A 85 9.28 9.81 2.86
CA ILE A 85 8.49 8.58 3.10
C ILE A 85 8.32 8.34 4.61
N ALA A 86 9.47 8.25 5.31
CA ALA A 86 9.51 8.00 6.76
C ALA A 86 8.94 9.19 7.55
N ALA A 87 8.93 10.38 6.92
CA ALA A 87 8.33 11.59 7.51
C ALA A 87 6.81 11.43 7.66
N LEU A 88 6.14 10.80 6.67
CA LEU A 88 4.69 10.51 6.79
C LEU A 88 4.46 9.23 7.61
N LEU A 89 5.29 8.20 7.39
CA LEU A 89 5.18 6.90 8.11
C LEU A 89 5.22 7.09 9.63
N GLU A 90 5.97 8.12 10.09
CA GLU A 90 6.08 8.44 11.52
C GLU A 90 4.78 9.11 12.02
N ARG A 91 4.12 9.88 11.13
CA ARG A 91 2.88 10.59 11.46
C ARG A 91 1.74 9.58 11.63
N GLU A 92 1.62 8.71 10.63
CA GLU A 92 0.53 7.72 10.54
C GLU A 92 0.65 6.70 11.67
N ARG A 93 1.89 6.23 11.93
CA ARG A 93 2.17 5.24 13.02
C ARG A 93 1.91 5.87 14.42
N ARG A 94 2.09 7.20 14.51
CA ARG A 94 1.84 7.97 15.74
C ARG A 94 0.35 7.87 16.14
N PHE A 95 -0.53 8.06 15.13
CA PHE A 95 -2.00 8.03 15.30
C PHE A 95 -2.57 6.61 15.11
N ASP A 96 -1.76 5.69 14.53
CA ASP A 96 -2.19 4.32 14.21
C ASP A 96 -0.95 3.42 13.99
N SER A 97 -0.48 2.80 15.08
CA SER A 97 0.63 1.83 15.01
C SER A 97 0.15 0.46 14.45
N ASP A 98 -1.17 0.35 14.19
CA ASP A 98 -1.80 -0.84 13.59
C ASP A 98 -1.57 -0.92 12.06
N LEU A 99 -0.81 0.04 11.50
CA LEU A 99 -0.48 0.04 10.06
C LEU A 99 0.69 -0.93 9.77
N TRP A 100 0.80 -1.31 8.49
CA TRP A 100 1.83 -2.22 7.97
C TRP A 100 2.65 -1.47 6.92
N VAL A 101 3.99 -1.47 7.06
CA VAL A 101 4.88 -0.89 6.04
C VAL A 101 5.44 -2.02 5.19
N VAL A 102 5.11 -2.03 3.89
CA VAL A 102 5.70 -2.94 2.91
C VAL A 102 6.58 -2.11 1.99
N GLU A 103 7.91 -2.32 2.05
CA GLU A 103 8.83 -1.61 1.17
C GLU A 103 9.00 -2.40 -0.14
N ILE A 104 8.43 -1.85 -1.22
CA ILE A 104 8.50 -2.44 -2.56
C ILE A 104 9.53 -1.66 -3.41
N GLU A 105 10.14 -2.35 -4.35
CA GLU A 105 11.19 -1.81 -5.21
C GLU A 105 10.96 -2.32 -6.62
N THR A 106 10.47 -1.46 -7.51
CA THR A 106 10.10 -1.84 -8.88
C THR A 106 10.06 -0.59 -9.76
N ASP A 107 10.16 -0.80 -11.08
CA ASP A 107 10.15 0.26 -12.08
C ASP A 107 8.74 0.85 -12.24
N GLU A 108 7.75 -0.06 -12.33
CA GLU A 108 6.34 0.32 -12.55
C GLU A 108 5.47 -0.17 -11.38
N ILE A 109 4.47 0.64 -11.01
CA ILE A 109 3.54 0.34 -9.90
C ILE A 109 2.25 -0.32 -10.47
N GLY A 110 1.82 0.14 -11.66
CA GLY A 110 0.56 -0.29 -12.27
C GLY A 110 0.69 -1.66 -12.91
N THR A 111 0.66 -2.68 -12.07
CA THR A 111 0.79 -4.10 -12.43
C THR A 111 0.81 -4.96 -11.15
N LEU A 112 1.33 -4.36 -10.05
CA LEU A 112 1.57 -5.07 -8.78
C LEU A 112 0.89 -4.37 -7.58
N LEU A 113 0.27 -3.21 -7.82
CA LEU A 113 -0.53 -2.50 -6.80
C LEU A 113 -1.53 -1.56 -7.50
N THR A 114 -2.77 -1.52 -6.99
CA THR A 114 -3.88 -0.76 -7.59
C THR A 114 -4.21 0.49 -6.75
N LEU A 115 -4.18 1.67 -7.40
CA LEU A 115 -4.35 2.99 -6.76
C LEU A 115 -5.49 3.78 -7.42
N VAL A 116 -6.11 4.71 -6.67
CA VAL A 116 -7.18 5.59 -7.17
C VAL A 116 -6.57 6.84 -7.83
N ASP A 117 -5.37 7.22 -7.36
CA ASP A 117 -4.60 8.35 -7.91
C ASP A 117 -3.98 7.96 -9.27
N GLN A 118 -3.38 6.77 -9.31
CA GLN A 118 -2.76 6.20 -10.51
C GLN A 118 -3.76 5.27 -11.24
N PRO A 119 -3.49 4.91 -12.53
CA PRO A 119 -4.25 3.85 -13.27
C PRO A 119 -4.26 2.46 -12.54
N GLN A 120 -5.02 1.52 -13.11
CA GLN A 120 -5.12 0.13 -12.62
C GLN A 120 -3.81 -0.62 -12.95
N ALA A 121 -3.48 -0.62 -14.25
CA ALA A 121 -2.35 -1.35 -14.80
C ALA A 121 -1.98 -0.76 -16.19
N MET A 4 -10.02 -9.32 -3.63
CA MET A 4 -9.82 -10.30 -2.55
C MET A 4 -9.92 -9.61 -1.16
N ARG A 5 -11.06 -9.79 -0.47
CA ARG A 5 -11.25 -9.30 0.91
C ARG A 5 -10.56 -10.27 1.91
N LEU A 6 -9.39 -9.87 2.39
CA LEU A 6 -8.57 -10.63 3.35
C LEU A 6 -7.97 -9.67 4.38
N LYS A 7 -7.27 -10.22 5.41
CA LYS A 7 -6.72 -9.42 6.53
C LYS A 7 -5.48 -8.61 6.04
N SER A 8 -5.02 -7.67 6.89
CA SER A 8 -3.87 -6.77 6.58
C SER A 8 -2.58 -7.57 6.30
N GLU A 9 -2.32 -8.57 7.16
CA GLU A 9 -1.16 -9.48 7.06
C GLU A 9 -1.22 -10.32 5.77
N MET A 10 -2.44 -10.76 5.42
CA MET A 10 -2.67 -11.57 4.21
C MET A 10 -2.65 -10.67 2.95
N PHE A 11 -2.92 -9.36 3.11
CA PHE A 11 -2.93 -8.40 1.99
C PHE A 11 -1.50 -8.05 1.58
N VAL A 12 -0.62 -7.82 2.59
CA VAL A 12 0.80 -7.49 2.35
C VAL A 12 1.52 -8.69 1.73
N SER A 13 1.22 -9.90 2.25
CA SER A 13 1.78 -11.15 1.74
C SER A 13 1.37 -11.37 0.28
N ALA A 14 0.06 -11.21 0.01
CA ALA A 14 -0.51 -11.32 -1.36
C ALA A 14 0.11 -10.28 -2.30
N LEU A 15 0.35 -9.06 -1.76
CA LEU A 15 0.87 -7.91 -2.53
C LEU A 15 2.28 -8.20 -3.04
N ILE A 16 3.06 -8.87 -2.21
CA ILE A 16 4.42 -9.31 -2.53
C ILE A 16 4.39 -10.32 -3.70
N ARG A 17 3.45 -11.26 -3.67
CA ARG A 17 3.31 -12.29 -4.73
C ARG A 17 2.74 -11.65 -6.03
N ARG A 18 2.00 -10.52 -5.88
CA ARG A 18 1.54 -9.71 -7.03
C ARG A 18 2.74 -9.10 -7.78
N VAL A 19 3.66 -8.46 -7.03
CA VAL A 19 4.79 -7.73 -7.64
C VAL A 19 5.80 -8.69 -8.30
N PHE A 20 6.06 -9.84 -7.65
CA PHE A 20 6.97 -10.88 -8.18
C PHE A 20 6.35 -11.59 -9.40
N ALA A 21 5.00 -11.65 -9.45
CA ALA A 21 4.25 -12.11 -10.63
C ALA A 21 4.42 -11.12 -11.82
N ALA A 22 4.67 -9.83 -11.51
CA ALA A 22 4.94 -8.78 -12.53
C ALA A 22 6.46 -8.59 -12.77
N GLY A 23 7.29 -9.22 -11.91
CA GLY A 23 8.76 -9.21 -12.06
C GLY A 23 9.48 -8.18 -11.19
N GLY A 24 8.74 -7.47 -10.32
CA GLY A 24 9.31 -6.53 -9.36
C GLY A 24 9.67 -7.16 -8.01
N PHE A 25 10.09 -6.33 -7.05
CA PHE A 25 10.56 -6.75 -5.70
C PHE A 25 9.57 -6.28 -4.62
N ALA A 26 9.60 -6.93 -3.43
CA ALA A 26 8.81 -6.52 -2.26
C ALA A 26 9.39 -7.09 -0.95
N ALA A 27 9.11 -6.39 0.16
CA ALA A 27 9.56 -6.78 1.51
C ALA A 27 8.83 -5.95 2.58
N VAL A 28 8.15 -6.62 3.52
CA VAL A 28 7.45 -5.96 4.65
C VAL A 28 8.48 -5.36 5.64
N GLU A 29 8.64 -4.04 5.58
CA GLU A 29 9.49 -3.26 6.51
C GLU A 29 8.93 -3.35 7.94
N LYS A 30 7.74 -2.74 8.13
CA LYS A 30 7.07 -2.61 9.43
C LYS A 30 5.84 -3.53 9.50
N LYS A 31 5.61 -4.07 10.70
CA LYS A 31 4.48 -4.95 11.01
C LYS A 31 3.60 -4.29 12.08
N GLY A 32 2.30 -4.22 11.82
CA GLY A 32 1.31 -3.76 12.80
C GLY A 32 0.29 -4.84 13.10
N ALA A 33 -0.99 -4.46 13.25
CA ALA A 33 -2.09 -5.40 13.58
C ALA A 33 -2.50 -6.23 12.34
N GLU A 34 -2.52 -7.57 12.48
CA GLU A 34 -2.73 -8.52 11.36
C GLU A 34 -4.10 -8.33 10.68
N ALA A 35 -5.17 -8.22 11.46
CA ALA A 35 -6.55 -8.09 10.93
C ALA A 35 -6.91 -6.63 10.61
N ALA A 36 -6.90 -5.77 11.65
CA ALA A 36 -7.48 -4.41 11.58
C ALA A 36 -6.46 -3.32 11.21
N GLY A 37 -5.19 -3.72 10.98
CA GLY A 37 -4.11 -2.77 10.67
C GLY A 37 -4.28 -2.02 9.35
N ALA A 38 -3.70 -0.81 9.27
CA ALA A 38 -3.59 -0.06 8.00
C ALA A 38 -2.40 -0.61 7.20
N ILE A 39 -2.31 -0.27 5.90
CA ILE A 39 -1.20 -0.71 5.04
C ILE A 39 -0.69 0.49 4.22
N PHE A 40 0.54 0.92 4.50
CA PHE A 40 1.23 1.95 3.70
C PHE A 40 2.41 1.32 2.96
N VAL A 41 2.30 1.26 1.64
CA VAL A 41 3.32 0.65 0.77
C VAL A 41 4.05 1.75 0.03
N ARG A 42 5.36 1.60 -0.16
CA ARG A 42 6.14 2.53 -0.98
C ARG A 42 6.48 1.81 -2.29
N GLN A 43 6.30 2.50 -3.41
CA GLN A 43 6.88 2.09 -4.69
C GLN A 43 8.32 2.60 -4.74
N ARG A 44 9.21 1.84 -5.37
CA ARG A 44 10.58 2.30 -5.64
C ARG A 44 10.87 2.21 -7.14
N LEU A 45 11.43 3.28 -7.66
CA LEU A 45 12.03 3.33 -8.99
C LEU A 45 13.54 3.14 -8.80
N ARG A 46 14.16 2.44 -9.76
CA ARG A 46 15.62 2.27 -9.84
C ARG A 46 16.35 3.63 -10.04
N ASP A 47 15.56 4.66 -10.44
CA ASP A 47 16.00 6.06 -10.58
C ASP A 47 16.32 6.72 -9.22
N GLY A 48 15.88 6.05 -8.13
CA GLY A 48 16.02 6.59 -6.78
C GLY A 48 14.76 7.31 -6.32
N ARG A 49 13.79 7.44 -7.25
CA ARG A 49 12.48 8.07 -6.95
C ARG A 49 11.58 7.02 -6.32
N GLU A 50 10.52 7.47 -5.64
CA GLU A 50 9.63 6.60 -4.86
C GLU A 50 8.22 7.17 -4.82
N ASN A 51 7.22 6.30 -4.66
CA ASN A 51 5.82 6.71 -4.38
C ASN A 51 5.43 6.13 -3.02
N LEU A 52 4.27 6.54 -2.51
CA LEU A 52 3.74 6.09 -1.22
C LEU A 52 2.23 5.88 -1.39
N TYR A 53 1.71 4.84 -0.75
CA TYR A 53 0.30 4.44 -0.84
C TYR A 53 -0.27 4.21 0.56
N GLY A 54 -1.59 4.31 0.68
CA GLY A 54 -2.29 4.09 1.94
C GLY A 54 -3.71 3.60 1.70
N PRO A 55 -4.43 3.07 2.73
CA PRO A 55 -5.80 2.54 2.55
C PRO A 55 -6.82 3.67 2.32
N ALA A 56 -7.61 3.55 1.25
CA ALA A 56 -8.64 4.52 0.86
C ALA A 56 -10.05 3.97 1.17
N PRO A 57 -11.10 4.85 1.19
CA PRO A 57 -12.52 4.40 1.18
C PRO A 57 -12.85 3.66 -0.15
N GLN A 58 -13.39 2.43 -0.02
CA GLN A 58 -13.78 1.60 -1.18
C GLN A 58 -15.11 2.10 -1.79
N SER A 59 -15.41 1.61 -3.00
CA SER A 59 -16.67 1.90 -3.68
C SER A 59 -17.77 0.92 -3.21
N PHE A 60 -18.28 1.13 -1.97
CA PHE A 60 -19.37 0.32 -1.41
C PHE A 60 -20.73 0.89 -1.79
N ALA A 61 -21.66 0.01 -2.17
CA ALA A 61 -23.04 0.36 -2.53
C ALA A 61 -23.96 -0.07 -1.38
N ASP A 62 -24.49 0.92 -0.64
CA ASP A 62 -25.44 0.73 0.49
C ASP A 62 -24.83 -0.16 1.60
N ASP A 63 -23.52 0.01 1.82
CA ASP A 63 -22.72 -0.70 2.85
C ASP A 63 -22.65 -2.22 2.64
N GLU A 64 -22.89 -2.68 1.39
CA GLU A 64 -22.70 -4.10 1.03
C GLU A 64 -21.19 -4.44 1.02
N ASP A 65 -20.43 -3.73 0.17
CA ASP A 65 -19.01 -4.05 -0.13
C ASP A 65 -18.08 -3.90 1.09
N ILE A 66 -18.58 -3.35 2.21
CA ILE A 66 -17.85 -3.32 3.51
C ILE A 66 -17.38 -4.75 3.89
N MET A 67 -18.28 -5.70 3.61
CA MET A 67 -18.16 -7.13 3.99
C MET A 67 -18.21 -8.04 2.74
N ARG A 68 -18.41 -7.45 1.55
CA ARG A 68 -18.46 -8.19 0.26
C ARG A 68 -17.19 -7.94 -0.59
N ALA A 69 -16.42 -6.89 -0.26
CA ALA A 69 -15.20 -6.52 -1.03
C ALA A 69 -14.15 -5.90 -0.09
N GLU A 70 -12.91 -5.80 -0.60
CA GLU A 70 -11.76 -5.27 0.15
C GLU A 70 -11.68 -3.73 0.03
N ARG A 71 -10.93 -3.12 0.96
CA ARG A 71 -10.56 -1.70 0.89
C ARG A 71 -9.60 -1.46 -0.30
N ARG A 72 -9.94 -0.50 -1.17
CA ARG A 72 -9.07 -0.07 -2.27
C ARG A 72 -8.12 1.01 -1.72
N PHE A 73 -6.94 1.17 -2.36
CA PHE A 73 -5.88 2.07 -1.85
C PHE A 73 -5.86 3.39 -2.61
N GLU A 74 -4.99 4.30 -2.15
CA GLU A 74 -4.77 5.63 -2.74
C GLU A 74 -3.26 5.95 -2.70
N THR A 75 -2.81 6.85 -3.58
CA THR A 75 -1.41 7.27 -3.66
C THR A 75 -1.19 8.52 -2.77
N ARG A 76 -0.43 8.35 -1.67
CA ARG A 76 -0.11 9.43 -0.72
C ARG A 76 0.95 10.39 -1.32
N LEU A 77 2.13 9.83 -1.66
CA LEU A 77 3.25 10.59 -2.28
C LEU A 77 3.56 10.00 -3.66
N ALA A 78 4.25 10.77 -4.53
CA ALA A 78 4.53 10.35 -5.90
C ALA A 78 5.80 11.03 -6.45
N GLY A 79 6.76 10.21 -6.94
CA GLY A 79 8.00 10.69 -7.58
C GLY A 79 8.91 11.47 -6.63
N VAL A 80 8.92 11.04 -5.37
CA VAL A 80 9.67 11.66 -4.26
C VAL A 80 10.89 10.79 -3.91
N GLU A 81 11.52 11.03 -2.75
CA GLU A 81 12.63 10.17 -2.24
C GLU A 81 12.25 9.51 -0.90
N GLY A 82 13.12 8.61 -0.41
CA GLY A 82 12.90 7.86 0.84
C GLY A 82 12.88 8.74 2.09
N GLU A 83 13.44 9.95 1.96
CA GLU A 83 13.38 11.00 3.00
C GLU A 83 11.91 11.43 3.20
N GLU A 84 11.22 11.68 2.07
CA GLU A 84 9.80 12.08 2.05
C GLU A 84 8.90 10.94 2.54
N ILE A 85 9.24 9.71 2.11
CA ILE A 85 8.48 8.50 2.46
C ILE A 85 8.50 8.29 3.99
N ALA A 86 9.70 8.21 4.57
CA ALA A 86 9.89 8.00 6.02
C ALA A 86 9.37 9.21 6.84
N ALA A 87 9.40 10.41 6.20
CA ALA A 87 8.87 11.66 6.81
C ALA A 87 7.36 11.55 7.06
N LEU A 88 6.65 10.76 6.20
CA LEU A 88 5.23 10.45 6.44
C LEU A 88 5.06 9.29 7.43
N LEU A 89 5.82 8.19 7.23
CA LEU A 89 5.64 6.96 8.04
C LEU A 89 5.88 7.19 9.55
N GLU A 90 6.70 8.19 9.90
CA GLU A 90 6.90 8.60 11.30
C GLU A 90 5.59 9.19 11.86
N ARG A 91 4.86 9.92 10.99
CA ARG A 91 3.63 10.61 11.38
C ARG A 91 2.49 9.58 11.54
N GLU A 92 2.32 8.72 10.53
CA GLU A 92 1.24 7.71 10.48
C GLU A 92 1.34 6.72 11.66
N ARG A 93 2.59 6.35 12.01
CA ARG A 93 2.84 5.47 13.18
C ARG A 93 2.57 6.21 14.51
N ARG A 94 2.77 7.54 14.51
CA ARG A 94 2.47 8.41 15.68
C ARG A 94 0.96 8.38 16.00
N PHE A 95 0.13 8.56 14.95
CA PHE A 95 -1.34 8.52 15.07
C PHE A 95 -1.82 7.10 15.42
N ASP A 96 -1.42 6.11 14.59
CA ASP A 96 -1.79 4.68 14.77
C ASP A 96 -0.65 3.79 14.25
N SER A 97 0.11 3.18 15.18
CA SER A 97 1.31 2.33 14.85
C SER A 97 0.93 0.92 14.32
N ASP A 98 -0.38 0.59 14.26
CA ASP A 98 -0.88 -0.71 13.76
C ASP A 98 -0.74 -0.87 12.22
N LEU A 99 -0.14 0.13 11.53
CA LEU A 99 0.08 0.04 10.07
C LEU A 99 1.26 -0.89 9.73
N TRP A 100 1.21 -1.41 8.50
CA TRP A 100 2.25 -2.25 7.90
C TRP A 100 2.89 -1.46 6.77
N VAL A 101 4.21 -1.41 6.73
CA VAL A 101 4.95 -0.71 5.68
C VAL A 101 5.69 -1.74 4.83
N VAL A 102 5.47 -1.69 3.49
CA VAL A 102 6.09 -2.67 2.54
C VAL A 102 6.87 -1.90 1.46
N GLU A 103 8.17 -2.18 1.33
CA GLU A 103 9.01 -1.64 0.25
C GLU A 103 8.90 -2.56 -0.98
N ILE A 104 8.18 -2.08 -2.01
CA ILE A 104 8.11 -2.74 -3.32
C ILE A 104 8.91 -1.91 -4.33
N GLU A 105 9.52 -2.58 -5.31
CA GLU A 105 10.21 -1.89 -6.41
C GLU A 105 9.56 -2.31 -7.73
N THR A 106 9.13 -1.31 -8.50
CA THR A 106 8.44 -1.48 -9.78
C THR A 106 8.29 -0.10 -10.45
N ASP A 107 7.93 -0.08 -11.74
CA ASP A 107 7.45 1.14 -12.42
C ASP A 107 5.91 1.09 -12.55
N GLU A 108 5.40 -0.13 -12.80
CA GLU A 108 3.97 -0.38 -13.02
C GLU A 108 3.29 -0.81 -11.70
N ILE A 109 2.64 0.16 -11.03
CA ILE A 109 1.94 -0.08 -9.76
C ILE A 109 0.54 -0.69 -9.99
N GLY A 110 -0.08 -0.33 -11.14
CA GLY A 110 -1.49 -0.67 -11.43
C GLY A 110 -1.76 -2.18 -11.59
N THR A 111 -0.70 -2.95 -11.85
CA THR A 111 -0.81 -4.42 -12.05
C THR A 111 -0.75 -5.18 -10.70
N LEU A 112 -0.11 -4.56 -9.69
CA LEU A 112 0.26 -5.24 -8.42
C LEU A 112 -0.27 -4.51 -7.16
N LEU A 113 -1.07 -3.44 -7.36
CA LEU A 113 -1.80 -2.73 -6.28
C LEU A 113 -2.84 -1.79 -6.92
N THR A 114 -4.09 -1.83 -6.39
CA THR A 114 -5.23 -1.06 -6.93
C THR A 114 -5.41 0.27 -6.19
N LEU A 115 -5.51 1.39 -6.96
CA LEU A 115 -5.52 2.77 -6.41
C LEU A 115 -6.68 3.61 -7.00
N VAL A 116 -7.32 4.42 -6.15
CA VAL A 116 -8.41 5.35 -6.56
C VAL A 116 -7.81 6.62 -7.19
N ASP A 117 -6.58 6.97 -6.74
CA ASP A 117 -5.83 8.14 -7.21
C ASP A 117 -5.40 7.96 -8.69
N GLN A 118 -4.71 6.84 -8.96
CA GLN A 118 -4.21 6.48 -10.29
C GLN A 118 -5.39 6.14 -11.25
N PRO A 119 -5.27 6.48 -12.59
CA PRO A 119 -6.39 6.33 -13.57
C PRO A 119 -6.91 4.88 -13.71
N GLN A 120 -8.22 4.78 -14.04
CA GLN A 120 -8.91 3.51 -14.29
C GLN A 120 -8.24 2.76 -15.47
N ALA A 121 -7.90 3.53 -16.52
CA ALA A 121 -7.18 3.05 -17.69
C ALA A 121 -6.16 4.15 -18.12
N MET A 4 -9.12 -8.18 -3.36
CA MET A 4 -9.51 -9.39 -2.62
C MET A 4 -9.85 -9.04 -1.16
N ARG A 5 -11.08 -9.39 -0.75
CA ARG A 5 -11.55 -9.27 0.65
C ARG A 5 -10.81 -10.27 1.55
N LEU A 6 -9.75 -9.77 2.20
CA LEU A 6 -8.92 -10.53 3.14
C LEU A 6 -8.41 -9.59 4.26
N LYS A 7 -7.59 -10.13 5.18
CA LYS A 7 -6.91 -9.33 6.21
C LYS A 7 -5.85 -8.42 5.56
N SER A 8 -5.52 -7.32 6.25
CA SER A 8 -4.46 -6.39 5.86
C SER A 8 -3.09 -7.11 5.80
N GLU A 9 -2.90 -8.06 6.74
CA GLU A 9 -1.71 -8.95 6.80
C GLU A 9 -1.61 -9.81 5.54
N MET A 10 -2.74 -10.48 5.23
CA MET A 10 -2.84 -11.40 4.10
C MET A 10 -2.77 -10.62 2.76
N PHE A 11 -3.13 -9.31 2.81
CA PHE A 11 -3.01 -8.41 1.66
C PHE A 11 -1.53 -8.15 1.36
N VAL A 12 -0.74 -7.83 2.41
CA VAL A 12 0.72 -7.59 2.26
C VAL A 12 1.41 -8.82 1.70
N SER A 13 1.03 -9.99 2.24
CA SER A 13 1.54 -11.29 1.78
C SER A 13 1.31 -11.45 0.26
N ALA A 14 0.04 -11.26 -0.17
CA ALA A 14 -0.36 -11.38 -1.59
C ALA A 14 0.32 -10.33 -2.48
N LEU A 15 0.47 -9.11 -1.94
CA LEU A 15 1.06 -7.92 -2.61
C LEU A 15 2.50 -8.22 -3.06
N ILE A 16 3.25 -8.85 -2.17
CA ILE A 16 4.64 -9.24 -2.40
C ILE A 16 4.74 -10.28 -3.52
N ARG A 17 3.78 -11.21 -3.60
CA ARG A 17 3.73 -12.24 -4.67
C ARG A 17 3.28 -11.61 -6.01
N ARG A 18 2.52 -10.50 -5.93
CA ARG A 18 2.09 -9.74 -7.12
C ARG A 18 3.30 -9.08 -7.81
N VAL A 19 4.19 -8.48 -7.00
CA VAL A 19 5.36 -7.75 -7.54
C VAL A 19 6.39 -8.74 -8.13
N PHE A 20 6.62 -9.89 -7.43
CA PHE A 20 7.57 -10.94 -7.88
C PHE A 20 7.06 -11.63 -9.16
N ALA A 21 5.72 -11.69 -9.31
CA ALA A 21 5.06 -12.17 -10.55
C ALA A 21 5.25 -11.16 -11.71
N ALA A 22 5.39 -9.86 -11.36
CA ALA A 22 5.66 -8.78 -12.33
C ALA A 22 7.18 -8.52 -12.51
N GLY A 23 8.02 -9.35 -11.86
CA GLY A 23 9.49 -9.23 -11.96
C GLY A 23 10.06 -8.07 -11.15
N GLY A 24 9.50 -7.88 -9.95
CA GLY A 24 9.89 -6.82 -9.02
C GLY A 24 10.16 -7.37 -7.63
N PHE A 25 10.62 -6.51 -6.71
CA PHE A 25 11.01 -6.93 -5.33
C PHE A 25 10.02 -6.37 -4.31
N ALA A 26 9.92 -7.04 -3.14
CA ALA A 26 9.14 -6.57 -1.99
C ALA A 26 9.65 -7.20 -0.69
N ALA A 27 9.35 -6.51 0.43
CA ALA A 27 9.73 -6.95 1.78
C ALA A 27 8.96 -6.13 2.81
N VAL A 28 8.42 -6.79 3.84
CA VAL A 28 7.69 -6.12 4.93
C VAL A 28 8.72 -5.55 5.92
N GLU A 29 8.90 -4.23 5.93
CA GLU A 29 9.79 -3.54 6.89
C GLU A 29 9.14 -3.49 8.27
N LYS A 30 7.91 -2.95 8.32
CA LYS A 30 7.14 -2.77 9.56
C LYS A 30 5.83 -3.56 9.50
N LYS A 31 5.40 -4.05 10.66
CA LYS A 31 4.12 -4.74 10.84
C LYS A 31 3.21 -3.92 11.78
N GLY A 32 1.90 -4.03 11.54
CA GLY A 32 0.86 -3.53 12.45
C GLY A 32 -0.22 -4.58 12.68
N ALA A 33 -1.50 -4.16 12.69
CA ALA A 33 -2.65 -5.06 12.97
C ALA A 33 -3.01 -5.90 11.73
N GLU A 34 -3.44 -7.15 11.96
CA GLU A 34 -3.72 -8.13 10.90
C GLU A 34 -4.94 -7.75 10.05
N ALA A 35 -6.12 -7.64 10.67
CA ALA A 35 -7.39 -7.40 9.96
C ALA A 35 -7.72 -5.90 9.88
N ALA A 36 -7.48 -5.19 10.99
CA ALA A 36 -7.87 -3.78 11.17
C ALA A 36 -6.69 -2.82 10.96
N GLY A 37 -5.58 -3.32 10.39
CA GLY A 37 -4.36 -2.54 10.22
C GLY A 37 -4.34 -1.71 8.94
N ALA A 38 -3.67 -0.56 9.00
CA ALA A 38 -3.38 0.26 7.81
C ALA A 38 -2.18 -0.35 7.06
N ILE A 39 -1.95 0.06 5.81
CA ILE A 39 -0.86 -0.47 4.97
C ILE A 39 -0.29 0.71 4.15
N PHE A 40 0.98 1.06 4.41
CA PHE A 40 1.70 2.08 3.64
C PHE A 40 2.87 1.43 2.89
N VAL A 41 2.76 1.43 1.55
CA VAL A 41 3.68 0.75 0.65
C VAL A 41 4.53 1.81 -0.09
N ARG A 42 5.84 1.64 -0.08
CA ARG A 42 6.79 2.57 -0.71
C ARG A 42 7.48 1.87 -1.89
N GLN A 43 7.34 2.45 -3.10
CA GLN A 43 7.88 1.87 -4.35
C GLN A 43 9.15 2.59 -4.78
N ARG A 44 10.25 1.84 -4.91
CA ARG A 44 11.50 2.37 -5.48
C ARG A 44 11.42 2.35 -7.03
N LEU A 45 11.40 3.54 -7.63
CA LEU A 45 11.47 3.74 -9.10
C LEU A 45 12.87 3.42 -9.63
N ARG A 46 12.91 3.30 -10.96
CA ARG A 46 14.09 2.93 -11.75
C ARG A 46 15.32 3.84 -11.50
N ASP A 47 15.09 5.12 -11.15
CA ASP A 47 16.17 6.13 -11.07
C ASP A 47 16.74 6.19 -9.64
N GLY A 48 15.85 6.08 -8.64
CA GLY A 48 16.23 6.25 -7.24
C GLY A 48 15.10 6.80 -6.40
N ARG A 49 14.19 7.57 -7.05
CA ARG A 49 13.03 8.16 -6.36
C ARG A 49 12.03 7.10 -5.93
N GLU A 50 11.06 7.49 -5.10
CA GLU A 50 10.09 6.57 -4.51
C GLU A 50 8.69 7.19 -4.50
N ASN A 51 7.69 6.32 -4.54
CA ASN A 51 6.29 6.64 -4.29
C ASN A 51 5.89 6.11 -2.91
N LEU A 52 4.74 6.56 -2.42
CA LEU A 52 4.14 6.08 -1.18
C LEU A 52 2.65 5.88 -1.45
N TYR A 53 2.11 4.80 -0.89
CA TYR A 53 0.71 4.41 -1.07
C TYR A 53 0.11 4.16 0.31
N GLY A 54 -1.19 4.45 0.47
CA GLY A 54 -1.88 4.28 1.75
C GLY A 54 -3.32 3.85 1.57
N PRO A 55 -4.04 3.42 2.65
CA PRO A 55 -5.45 2.99 2.56
C PRO A 55 -6.37 4.16 2.16
N ALA A 56 -7.12 3.99 1.07
CA ALA A 56 -8.04 5.00 0.55
C ALA A 56 -9.41 4.90 1.25
N PRO A 57 -10.18 6.04 1.35
CA PRO A 57 -11.59 6.00 1.81
C PRO A 57 -12.48 5.26 0.79
N GLN A 58 -12.73 3.97 1.07
CA GLN A 58 -13.64 3.13 0.28
C GLN A 58 -15.07 3.68 0.40
N SER A 59 -15.55 4.25 -0.71
CA SER A 59 -16.92 4.79 -0.82
C SER A 59 -17.92 3.63 -0.65
N PHE A 60 -18.42 3.48 0.59
CA PHE A 60 -19.38 2.43 0.96
C PHE A 60 -20.81 2.88 0.65
N ALA A 61 -21.56 2.00 0.00
CA ALA A 61 -22.98 2.20 -0.29
C ALA A 61 -23.77 1.44 0.78
N ASP A 62 -24.31 2.20 1.76
CA ASP A 62 -25.13 1.67 2.88
C ASP A 62 -24.25 0.82 3.85
N ASP A 63 -22.96 1.24 4.00
CA ASP A 63 -21.97 0.59 4.90
C ASP A 63 -21.65 -0.86 4.49
N GLU A 64 -22.02 -1.25 3.27
CA GLU A 64 -21.86 -2.63 2.80
C GLU A 64 -20.40 -2.90 2.42
N ASP A 65 -19.76 -1.94 1.72
CA ASP A 65 -18.36 -2.07 1.22
C ASP A 65 -17.33 -2.23 2.37
N ILE A 66 -17.76 -1.98 3.62
CA ILE A 66 -16.95 -2.22 4.83
C ILE A 66 -16.60 -3.72 4.95
N MET A 67 -17.59 -4.56 4.64
CA MET A 67 -17.51 -6.03 4.79
C MET A 67 -17.70 -6.75 3.44
N ARG A 68 -18.07 -5.98 2.37
CA ARG A 68 -18.36 -6.54 1.03
C ARG A 68 -17.41 -5.95 -0.03
N ALA A 69 -16.35 -5.25 0.42
CA ALA A 69 -15.26 -4.78 -0.42
C ALA A 69 -13.98 -4.70 0.42
N GLU A 70 -12.84 -4.88 -0.24
CA GLU A 70 -11.51 -4.85 0.40
C GLU A 70 -11.04 -3.39 0.59
N ARG A 71 -9.86 -3.25 1.23
CA ARG A 71 -9.18 -1.95 1.32
C ARG A 71 -8.41 -1.69 0.01
N ARG A 72 -8.92 -0.77 -0.81
CA ARG A 72 -8.23 -0.29 -2.01
C ARG A 72 -7.41 0.93 -1.59
N PHE A 73 -6.27 1.13 -2.26
CA PHE A 73 -5.25 2.10 -1.85
C PHE A 73 -5.36 3.39 -2.66
N GLU A 74 -4.52 4.36 -2.29
CA GLU A 74 -4.33 5.63 -2.98
C GLU A 74 -2.82 5.94 -2.98
N THR A 75 -2.41 6.93 -3.75
CA THR A 75 -1.02 7.35 -3.84
C THR A 75 -0.80 8.55 -2.89
N ARG A 76 -0.09 8.31 -1.77
CA ARG A 76 0.28 9.36 -0.79
C ARG A 76 1.31 10.31 -1.44
N LEU A 77 2.47 9.75 -1.84
CA LEU A 77 3.59 10.50 -2.45
C LEU A 77 3.93 9.91 -3.83
N ALA A 78 4.61 10.72 -4.68
CA ALA A 78 4.99 10.30 -6.04
C ALA A 78 6.30 10.97 -6.46
N GLY A 79 7.33 10.14 -6.74
CA GLY A 79 8.61 10.61 -7.31
C GLY A 79 9.46 11.41 -6.34
N VAL A 80 9.33 11.10 -5.05
CA VAL A 80 10.07 11.75 -3.96
C VAL A 80 11.02 10.74 -3.29
N GLU A 81 12.14 11.23 -2.74
CA GLU A 81 13.18 10.36 -2.14
C GLU A 81 12.71 9.79 -0.78
N GLY A 82 13.50 8.82 -0.27
CA GLY A 82 13.23 8.10 0.98
C GLY A 82 13.13 8.98 2.23
N GLU A 83 13.66 10.22 2.14
CA GLU A 83 13.51 11.22 3.22
C GLU A 83 12.03 11.60 3.35
N GLU A 84 11.41 11.97 2.22
CA GLU A 84 9.98 12.37 2.14
C GLU A 84 9.06 11.19 2.47
N ILE A 85 9.46 9.99 2.03
CA ILE A 85 8.74 8.74 2.33
C ILE A 85 8.66 8.53 3.85
N ALA A 86 9.82 8.53 4.50
CA ALA A 86 9.95 8.37 5.96
C ALA A 86 9.32 9.54 6.73
N ALA A 87 9.28 10.72 6.06
CA ALA A 87 8.67 11.94 6.63
C ALA A 87 7.15 11.80 6.76
N LEU A 88 6.50 11.07 5.83
CA LEU A 88 5.06 10.75 5.95
C LEU A 88 4.85 9.53 6.87
N LEU A 89 5.72 8.51 6.72
CA LEU A 89 5.62 7.25 7.51
C LEU A 89 5.63 7.54 9.02
N GLU A 90 6.34 8.62 9.41
CA GLU A 90 6.44 9.05 10.82
C GLU A 90 5.08 9.61 11.30
N ARG A 91 4.36 10.28 10.38
CA ARG A 91 3.09 10.94 10.68
C ARG A 91 1.98 9.89 10.87
N GLU A 92 1.92 8.96 9.91
CA GLU A 92 0.86 7.94 9.84
C GLU A 92 1.03 6.88 10.93
N ARG A 93 2.29 6.57 11.28
CA ARG A 93 2.60 5.63 12.41
C ARG A 93 2.29 6.27 13.77
N ARG A 94 2.41 7.62 13.84
CA ARG A 94 2.12 8.42 15.05
C ARG A 94 0.64 8.21 15.45
N PHE A 95 -0.26 8.36 14.45
CA PHE A 95 -1.71 8.19 14.64
C PHE A 95 -2.05 6.71 14.82
N ASP A 96 -1.62 5.86 13.87
CA ASP A 96 -1.87 4.41 13.89
C ASP A 96 -0.59 3.65 13.55
N SER A 97 0.06 3.10 14.59
CA SER A 97 1.19 2.17 14.44
C SER A 97 0.72 0.79 13.90
N ASP A 98 -0.61 0.65 13.70
CA ASP A 98 -1.22 -0.52 13.05
C ASP A 98 -0.91 -0.58 11.54
N LEU A 99 -0.13 0.39 11.01
CA LEU A 99 0.28 0.39 9.61
C LEU A 99 1.42 -0.62 9.37
N TRP A 100 1.41 -1.21 8.17
CA TRP A 100 2.49 -2.06 7.67
C TRP A 100 3.27 -1.27 6.64
N VAL A 101 4.58 -1.15 6.81
CA VAL A 101 5.44 -0.49 5.82
C VAL A 101 6.09 -1.58 4.97
N VAL A 102 5.75 -1.60 3.67
CA VAL A 102 6.25 -2.61 2.73
C VAL A 102 7.10 -1.90 1.67
N GLU A 103 8.39 -2.23 1.61
CA GLU A 103 9.27 -1.70 0.56
C GLU A 103 9.15 -2.60 -0.68
N ILE A 104 8.50 -2.08 -1.71
CA ILE A 104 8.47 -2.72 -3.04
C ILE A 104 9.43 -1.95 -3.96
N GLU A 105 9.86 -2.59 -5.05
CA GLU A 105 10.89 -2.05 -5.96
C GLU A 105 10.52 -2.45 -7.38
N THR A 106 10.07 -1.46 -8.17
CA THR A 106 9.49 -1.67 -9.51
C THR A 106 9.31 -0.32 -10.24
N ASP A 107 9.13 -0.40 -11.56
CA ASP A 107 8.88 0.78 -12.43
C ASP A 107 7.39 1.16 -12.40
N GLU A 108 6.51 0.14 -12.57
CA GLU A 108 5.05 0.34 -12.66
C GLU A 108 4.35 -0.18 -11.40
N ILE A 109 3.21 0.43 -11.06
CA ILE A 109 2.43 0.07 -9.86
C ILE A 109 1.09 -0.61 -10.24
N GLY A 110 0.49 -0.15 -11.36
CA GLY A 110 -0.86 -0.57 -11.77
C GLY A 110 -0.88 -1.95 -12.43
N THR A 111 -0.56 -2.97 -11.63
CA THR A 111 -0.45 -4.37 -12.05
C THR A 111 -0.17 -5.24 -10.81
N LEU A 112 0.60 -4.67 -9.86
CA LEU A 112 1.06 -5.39 -8.66
C LEU A 112 0.49 -4.77 -7.37
N LEU A 113 -0.25 -3.65 -7.51
CA LEU A 113 -1.03 -3.02 -6.43
C LEU A 113 -2.15 -2.19 -7.08
N THR A 114 -3.29 -2.05 -6.38
CA THR A 114 -4.46 -1.30 -6.86
C THR A 114 -4.63 0.01 -6.08
N LEU A 115 -4.81 1.12 -6.83
CA LEU A 115 -4.95 2.49 -6.29
C LEU A 115 -6.23 3.13 -6.83
N VAL A 116 -6.70 4.20 -6.17
CA VAL A 116 -7.83 5.04 -6.65
C VAL A 116 -7.30 6.38 -7.20
N ASP A 117 -5.97 6.57 -7.16
CA ASP A 117 -5.32 7.86 -7.43
C ASP A 117 -4.69 7.86 -8.83
N GLN A 118 -3.81 6.86 -9.09
CA GLN A 118 -3.17 6.67 -10.42
C GLN A 118 -4.25 6.25 -11.46
N PRO A 119 -4.11 6.69 -12.76
CA PRO A 119 -5.13 6.42 -13.83
C PRO A 119 -5.42 4.91 -14.02
N GLN A 120 -6.58 4.49 -13.48
CA GLN A 120 -7.05 3.09 -13.56
C GLN A 120 -7.59 2.80 -14.97
N ALA A 121 -7.05 1.73 -15.60
CA ALA A 121 -7.50 1.22 -16.91
C ALA A 121 -7.41 2.32 -18.01
N MET A 4 -8.65 -8.65 -3.67
CA MET A 4 -9.02 -9.73 -2.72
C MET A 4 -9.59 -9.12 -1.42
N ARG A 5 -10.76 -9.59 -0.97
CA ARG A 5 -11.41 -9.14 0.29
C ARG A 5 -10.81 -9.95 1.47
N LEU A 6 -9.81 -9.38 2.12
CA LEU A 6 -9.00 -10.08 3.14
C LEU A 6 -8.65 -9.15 4.32
N LYS A 7 -7.72 -9.62 5.19
CA LYS A 7 -7.21 -8.81 6.30
C LYS A 7 -5.88 -8.12 5.91
N SER A 8 -5.36 -7.29 6.81
CA SER A 8 -4.16 -6.47 6.59
C SER A 8 -2.89 -7.32 6.32
N GLU A 9 -2.68 -8.35 7.16
CA GLU A 9 -1.55 -9.29 7.04
C GLU A 9 -1.66 -10.11 5.74
N MET A 10 -2.89 -10.49 5.40
CA MET A 10 -3.17 -11.31 4.21
C MET A 10 -2.99 -10.47 2.94
N PHE A 11 -3.14 -9.11 3.05
CA PHE A 11 -2.95 -8.22 1.89
C PHE A 11 -1.47 -8.08 1.59
N VAL A 12 -0.67 -7.73 2.63
CA VAL A 12 0.77 -7.42 2.48
C VAL A 12 1.54 -8.63 1.91
N SER A 13 1.18 -9.83 2.38
CA SER A 13 1.77 -11.08 1.92
C SER A 13 1.43 -11.33 0.44
N ALA A 14 0.12 -11.23 0.11
CA ALA A 14 -0.38 -11.44 -1.27
C ALA A 14 0.19 -10.39 -2.24
N LEU A 15 0.46 -9.19 -1.71
CA LEU A 15 1.02 -8.03 -2.44
C LEU A 15 2.44 -8.34 -2.94
N ILE A 16 3.21 -8.99 -2.07
CA ILE A 16 4.57 -9.45 -2.37
C ILE A 16 4.54 -10.55 -3.44
N ARG A 17 3.50 -11.40 -3.40
CA ARG A 17 3.30 -12.46 -4.42
C ARG A 17 2.84 -11.84 -5.77
N ARG A 18 2.18 -10.64 -5.71
CA ARG A 18 1.78 -9.90 -6.92
C ARG A 18 3.02 -9.37 -7.67
N VAL A 19 3.98 -8.80 -6.92
CA VAL A 19 5.18 -8.17 -7.52
C VAL A 19 6.13 -9.23 -8.10
N PHE A 20 6.36 -10.34 -7.36
CA PHE A 20 7.24 -11.45 -7.79
C PHE A 20 6.62 -12.18 -9.00
N ALA A 21 5.27 -12.17 -9.10
CA ALA A 21 4.53 -12.68 -10.28
C ALA A 21 4.81 -11.82 -11.52
N ALA A 22 5.05 -10.51 -11.29
CA ALA A 22 5.36 -9.54 -12.36
C ALA A 22 6.89 -9.45 -12.62
N GLY A 23 7.69 -10.17 -11.83
CA GLY A 23 9.15 -10.10 -11.91
C GLY A 23 9.72 -8.90 -11.17
N GLY A 24 9.22 -8.70 -9.94
CA GLY A 24 9.65 -7.60 -9.05
C GLY A 24 10.00 -8.11 -7.66
N PHE A 25 10.44 -7.19 -6.78
CA PHE A 25 10.91 -7.52 -5.41
C PHE A 25 9.95 -6.90 -4.38
N ALA A 26 9.90 -7.49 -3.17
CA ALA A 26 9.13 -6.94 -2.03
C ALA A 26 9.57 -7.56 -0.69
N ALA A 27 9.14 -6.90 0.41
CA ALA A 27 9.41 -7.31 1.79
C ALA A 27 8.69 -6.35 2.76
N VAL A 28 8.08 -6.88 3.82
CA VAL A 28 7.40 -6.05 4.85
C VAL A 28 8.43 -5.46 5.85
N GLU A 29 8.56 -4.12 5.84
CA GLU A 29 9.42 -3.38 6.78
C GLU A 29 8.72 -3.26 8.15
N LYS A 30 7.53 -2.63 8.15
CA LYS A 30 6.75 -2.35 9.37
C LYS A 30 5.53 -3.27 9.44
N LYS A 31 5.20 -3.72 10.65
CA LYS A 31 4.03 -4.55 10.94
C LYS A 31 3.10 -3.83 11.92
N GLY A 32 1.79 -3.97 11.71
CA GLY A 32 0.77 -3.48 12.63
C GLY A 32 -0.27 -4.53 12.96
N ALA A 33 -1.56 -4.11 13.02
CA ALA A 33 -2.69 -4.99 13.33
C ALA A 33 -3.01 -5.90 12.13
N GLU A 34 -3.01 -7.22 12.37
CA GLU A 34 -3.11 -8.25 11.31
C GLU A 34 -4.48 -8.22 10.62
N ALA A 35 -5.55 -7.97 11.40
CA ALA A 35 -6.93 -7.92 10.87
C ALA A 35 -7.30 -6.52 10.34
N ALA A 36 -7.24 -5.50 11.22
CA ALA A 36 -7.83 -4.15 10.96
C ALA A 36 -6.77 -3.05 10.76
N GLY A 37 -5.53 -3.44 10.49
CA GLY A 37 -4.43 -2.48 10.31
C GLY A 37 -4.47 -1.73 8.98
N ALA A 38 -3.91 -0.50 8.97
CA ALA A 38 -3.73 0.29 7.73
C ALA A 38 -2.51 -0.28 6.96
N ILE A 39 -2.48 -0.12 5.62
CA ILE A 39 -1.38 -0.67 4.77
C ILE A 39 -0.80 0.46 3.90
N PHE A 40 0.50 0.68 4.03
CA PHE A 40 1.27 1.68 3.28
C PHE A 40 2.39 0.99 2.52
N VAL A 41 2.59 1.35 1.24
CA VAL A 41 3.56 0.68 0.35
C VAL A 41 4.45 1.72 -0.34
N ARG A 42 5.75 1.43 -0.48
CA ARG A 42 6.70 2.29 -1.20
C ARG A 42 7.12 1.60 -2.52
N GLN A 43 6.68 2.16 -3.66
CA GLN A 43 7.10 1.73 -5.00
C GLN A 43 8.45 2.33 -5.34
N ARG A 44 9.47 1.49 -5.38
CA ARG A 44 10.85 1.90 -5.62
C ARG A 44 11.20 1.70 -7.09
N LEU A 45 11.40 2.83 -7.78
CA LEU A 45 11.96 2.86 -9.13
C LEU A 45 13.49 2.75 -9.04
N ARG A 46 14.08 2.08 -10.03
CA ARG A 46 15.55 1.97 -10.25
C ARG A 46 16.29 3.34 -10.18
N ASP A 47 15.56 4.43 -10.54
CA ASP A 47 16.12 5.80 -10.59
C ASP A 47 16.37 6.39 -9.18
N GLY A 48 15.88 5.67 -8.15
CA GLY A 48 16.03 6.10 -6.75
C GLY A 48 14.84 6.89 -6.25
N ARG A 49 13.77 6.95 -7.07
CA ARG A 49 12.51 7.59 -6.69
C ARG A 49 11.58 6.54 -6.10
N GLU A 50 10.68 6.99 -5.23
CA GLU A 50 9.75 6.14 -4.51
C GLU A 50 8.38 6.82 -4.43
N ASN A 51 7.32 6.02 -4.58
CA ASN A 51 5.92 6.47 -4.49
C ASN A 51 5.31 5.83 -3.25
N LEU A 52 4.63 6.61 -2.39
CA LEU A 52 3.99 6.08 -1.17
C LEU A 52 2.51 5.90 -1.43
N TYR A 53 1.95 4.84 -0.85
CA TYR A 53 0.53 4.49 -0.98
C TYR A 53 -0.08 4.30 0.40
N GLY A 54 -1.40 4.46 0.48
CA GLY A 54 -2.17 4.26 1.71
C GLY A 54 -3.49 3.56 1.42
N PRO A 55 -4.20 3.01 2.44
CA PRO A 55 -5.47 2.31 2.22
C PRO A 55 -6.62 3.32 2.10
N ALA A 56 -7.11 3.53 0.86
CA ALA A 56 -8.11 4.57 0.57
C ALA A 56 -9.41 4.32 1.34
N PRO A 57 -10.16 5.42 1.73
CA PRO A 57 -11.48 5.28 2.36
C PRO A 57 -12.44 4.54 1.42
N GLN A 58 -12.91 3.37 1.87
CA GLN A 58 -13.74 2.43 1.09
C GLN A 58 -15.01 3.11 0.51
N SER A 59 -15.51 2.60 -0.62
CA SER A 59 -16.78 3.05 -1.22
C SER A 59 -17.98 2.40 -0.46
N PHE A 60 -18.01 2.63 0.87
CA PHE A 60 -18.94 1.92 1.79
C PHE A 60 -20.30 2.61 1.89
N ALA A 61 -21.37 1.80 1.89
CA ALA A 61 -22.75 2.25 2.11
C ALA A 61 -23.17 1.86 3.53
N ASP A 62 -23.51 2.88 4.36
CA ASP A 62 -24.06 2.71 5.74
C ASP A 62 -23.03 2.05 6.70
N ASP A 63 -21.73 2.09 6.29
CA ASP A 63 -20.60 1.43 7.02
C ASP A 63 -20.78 -0.10 7.10
N GLU A 64 -21.58 -0.65 6.17
CA GLU A 64 -21.77 -2.11 6.04
C GLU A 64 -20.60 -2.71 5.23
N ASP A 65 -20.34 -2.06 4.09
CA ASP A 65 -19.42 -2.54 3.02
C ASP A 65 -17.92 -2.58 3.45
N ILE A 66 -17.62 -2.02 4.65
CA ILE A 66 -16.25 -1.97 5.26
C ILE A 66 -15.49 -3.31 5.13
N MET A 67 -16.18 -4.39 5.51
CA MET A 67 -15.63 -5.75 5.62
C MET A 67 -16.45 -6.73 4.76
N ARG A 68 -17.11 -6.19 3.72
CA ARG A 68 -17.96 -6.96 2.80
C ARG A 68 -17.32 -6.94 1.41
N ALA A 69 -16.63 -5.83 1.09
CA ALA A 69 -15.85 -5.67 -0.15
C ALA A 69 -14.43 -5.20 0.19
N GLU A 70 -13.49 -5.44 -0.75
CA GLU A 70 -12.09 -5.02 -0.62
C GLU A 70 -11.98 -3.48 -0.63
N ARG A 71 -11.30 -2.91 0.38
CA ARG A 71 -10.96 -1.48 0.37
C ARG A 71 -9.77 -1.27 -0.58
N ARG A 72 -9.94 -0.37 -1.54
CA ARG A 72 -8.92 -0.06 -2.56
C ARG A 72 -7.90 0.92 -1.95
N PHE A 73 -6.76 1.10 -2.61
CA PHE A 73 -5.66 1.95 -2.13
C PHE A 73 -5.64 3.28 -2.88
N GLU A 74 -4.77 4.18 -2.43
CA GLU A 74 -4.57 5.52 -2.99
C GLU A 74 -3.08 5.84 -2.95
N THR A 75 -2.67 6.89 -3.67
CA THR A 75 -1.26 7.28 -3.79
C THR A 75 -0.98 8.50 -2.87
N ARG A 76 -0.20 8.29 -1.77
CA ARG A 76 0.17 9.36 -0.82
C ARG A 76 1.19 10.31 -1.47
N LEU A 77 2.28 9.71 -1.99
CA LEU A 77 3.43 10.43 -2.56
C LEU A 77 3.79 9.80 -3.91
N ALA A 78 4.51 10.55 -4.77
CA ALA A 78 4.81 10.12 -6.14
C ALA A 78 6.17 10.67 -6.63
N GLY A 79 7.12 9.75 -6.90
CA GLY A 79 8.40 10.08 -7.51
C GLY A 79 9.32 10.91 -6.62
N VAL A 80 9.20 10.70 -5.31
CA VAL A 80 9.95 11.44 -4.28
C VAL A 80 11.10 10.57 -3.74
N GLU A 81 11.77 11.03 -2.66
CA GLU A 81 12.84 10.26 -1.99
C GLU A 81 12.30 9.51 -0.76
N GLY A 82 13.10 8.55 -0.26
CA GLY A 82 12.74 7.73 0.91
C GLY A 82 12.57 8.54 2.19
N GLU A 83 13.27 9.69 2.25
CA GLU A 83 13.12 10.71 3.31
C GLU A 83 11.65 11.16 3.43
N GLU A 84 11.02 11.47 2.27
CA GLU A 84 9.63 11.95 2.22
C GLU A 84 8.66 10.82 2.58
N ILE A 85 8.95 9.60 2.06
CA ILE A 85 8.14 8.39 2.32
C ILE A 85 8.05 8.14 3.83
N ALA A 86 9.22 8.04 4.46
CA ALA A 86 9.36 7.79 5.91
C ALA A 86 8.81 8.96 6.75
N ALA A 87 8.88 10.19 6.18
CA ALA A 87 8.39 11.41 6.84
C ALA A 87 6.88 11.37 7.05
N LEU A 88 6.16 10.82 6.05
CA LEU A 88 4.71 10.67 6.14
C LEU A 88 4.32 9.43 6.94
N LEU A 89 5.10 8.35 6.79
CA LEU A 89 4.92 7.09 7.58
C LEU A 89 4.99 7.39 9.09
N GLU A 90 5.75 8.45 9.41
CA GLU A 90 5.88 9.01 10.75
C GLU A 90 4.56 9.68 11.21
N ARG A 91 3.95 10.48 10.30
CA ARG A 91 2.74 11.26 10.60
C ARG A 91 1.52 10.33 10.79
N GLU A 92 1.47 9.30 9.95
CA GLU A 92 0.41 8.27 9.97
C GLU A 92 0.55 7.34 11.19
N ARG A 93 1.81 6.91 11.48
CA ARG A 93 2.09 6.00 12.64
C ARG A 93 1.80 6.70 13.98
N ARG A 94 1.97 8.03 13.99
CA ARG A 94 1.71 8.88 15.16
C ARG A 94 0.22 8.79 15.58
N PHE A 95 -0.67 8.59 14.58
CA PHE A 95 -2.12 8.39 14.80
C PHE A 95 -2.50 6.89 14.81
N ASP A 96 -1.68 6.05 14.16
CA ASP A 96 -1.97 4.62 14.00
C ASP A 96 -0.67 3.83 13.76
N SER A 97 -0.06 3.33 14.84
CA SER A 97 1.16 2.48 14.78
C SER A 97 0.81 1.06 14.28
N ASP A 98 -0.50 0.76 14.21
CA ASP A 98 -1.01 -0.51 13.68
C ASP A 98 -1.08 -0.50 12.14
N LEU A 99 -0.41 0.45 11.48
CA LEU A 99 -0.20 0.42 10.02
C LEU A 99 0.99 -0.51 9.69
N TRP A 100 1.05 -0.95 8.43
CA TRP A 100 2.12 -1.80 7.88
C TRP A 100 2.83 -1.01 6.78
N VAL A 101 4.14 -1.27 6.58
CA VAL A 101 4.90 -0.70 5.44
C VAL A 101 5.58 -1.84 4.70
N VAL A 102 5.38 -1.89 3.36
CA VAL A 102 6.03 -2.89 2.49
C VAL A 102 6.94 -2.15 1.50
N GLU A 103 8.22 -2.56 1.42
CA GLU A 103 9.13 -2.11 0.38
C GLU A 103 8.96 -3.00 -0.85
N ILE A 104 8.43 -2.44 -1.94
CA ILE A 104 8.38 -3.12 -3.25
C ILE A 104 9.33 -2.40 -4.22
N GLU A 105 10.06 -3.17 -5.03
CA GLU A 105 11.03 -2.63 -5.99
C GLU A 105 10.64 -3.17 -7.36
N THR A 106 10.10 -2.30 -8.22
CA THR A 106 9.60 -2.67 -9.54
C THR A 106 9.46 -1.43 -10.44
N ASP A 107 9.31 -1.67 -11.74
CA ASP A 107 9.11 -0.63 -12.76
C ASP A 107 7.68 -0.07 -12.70
N GLU A 108 6.69 -0.96 -12.81
CA GLU A 108 5.26 -0.58 -12.90
C GLU A 108 4.51 -1.01 -11.64
N ILE A 109 3.47 -0.24 -11.27
CA ILE A 109 2.76 -0.39 -9.99
C ILE A 109 1.36 -1.02 -10.16
N GLY A 110 0.66 -0.67 -11.26
CA GLY A 110 -0.76 -0.98 -11.43
C GLY A 110 -1.08 -2.47 -11.42
N THR A 111 -0.18 -3.24 -12.04
CA THR A 111 -0.33 -4.70 -12.18
C THR A 111 -0.25 -5.43 -10.83
N LEU A 112 0.46 -4.84 -9.86
CA LEU A 112 0.82 -5.51 -8.61
C LEU A 112 0.31 -4.75 -7.36
N LEU A 113 -0.41 -3.63 -7.56
CA LEU A 113 -1.11 -2.90 -6.48
C LEU A 113 -2.24 -2.05 -7.10
N THR A 114 -3.41 -2.05 -6.44
CA THR A 114 -4.64 -1.43 -6.99
C THR A 114 -4.95 -0.09 -6.30
N LEU A 115 -5.02 1.01 -7.09
CA LEU A 115 -5.11 2.39 -6.57
C LEU A 115 -6.28 3.16 -7.23
N VAL A 116 -6.82 4.16 -6.50
CA VAL A 116 -7.88 5.06 -7.01
C VAL A 116 -7.26 6.30 -7.67
N ASP A 117 -6.06 6.70 -7.18
CA ASP A 117 -5.38 7.93 -7.62
C ASP A 117 -4.64 7.71 -8.95
N GLN A 118 -3.94 6.56 -9.05
CA GLN A 118 -3.26 6.16 -10.31
C GLN A 118 -4.31 5.75 -11.37
N PRO A 119 -4.11 6.15 -12.67
CA PRO A 119 -5.06 5.83 -13.77
C PRO A 119 -5.18 4.30 -13.99
N GLN A 120 -6.44 3.83 -14.11
CA GLN A 120 -6.76 2.41 -14.26
C GLN A 120 -6.37 1.91 -15.67
N ALA A 121 -5.44 0.94 -15.71
CA ALA A 121 -4.88 0.36 -16.96
C ALA A 121 -4.12 1.43 -17.78
N MET A 4 -9.82 -9.24 -3.86
CA MET A 4 -10.27 -10.60 -3.51
C MET A 4 -10.98 -10.61 -2.13
N ARG A 5 -11.36 -9.40 -1.66
CA ARG A 5 -11.95 -9.14 -0.32
C ARG A 5 -11.10 -9.78 0.79
N LEU A 6 -9.94 -9.17 1.03
CA LEU A 6 -8.96 -9.65 2.02
C LEU A 6 -8.95 -8.74 3.25
N LYS A 7 -8.33 -9.21 4.32
CA LYS A 7 -8.00 -8.37 5.49
C LYS A 7 -6.62 -7.73 5.28
N SER A 8 -6.18 -6.90 6.24
CA SER A 8 -4.88 -6.18 6.16
C SER A 8 -3.69 -7.17 5.98
N GLU A 9 -3.70 -8.23 6.79
CA GLU A 9 -2.70 -9.32 6.76
C GLU A 9 -2.71 -10.05 5.41
N MET A 10 -3.91 -10.45 5.00
CA MET A 10 -4.12 -11.34 3.86
C MET A 10 -3.88 -10.59 2.52
N PHE A 11 -4.08 -9.26 2.56
CA PHE A 11 -3.86 -8.39 1.38
C PHE A 11 -2.37 -8.21 1.12
N VAL A 12 -1.60 -8.04 2.21
CA VAL A 12 -0.14 -7.83 2.11
C VAL A 12 0.57 -9.14 1.76
N SER A 13 0.08 -10.26 2.34
CA SER A 13 0.57 -11.62 2.02
C SER A 13 0.47 -11.90 0.51
N ALA A 14 -0.63 -11.41 -0.09
CA ALA A 14 -0.87 -11.48 -1.53
C ALA A 14 0.02 -10.47 -2.29
N LEU A 15 0.14 -9.24 -1.71
CA LEU A 15 0.79 -8.06 -2.35
C LEU A 15 2.26 -8.34 -2.69
N ILE A 16 2.97 -9.01 -1.76
CA ILE A 16 4.37 -9.43 -1.95
C ILE A 16 4.48 -10.28 -3.25
N ARG A 17 3.61 -11.30 -3.39
CA ARG A 17 3.65 -12.24 -4.53
C ARG A 17 3.16 -11.57 -5.83
N ARG A 18 2.31 -10.51 -5.70
CA ARG A 18 1.84 -9.70 -6.84
C ARG A 18 3.02 -9.03 -7.56
N VAL A 19 3.95 -8.44 -6.78
CA VAL A 19 5.10 -7.72 -7.35
C VAL A 19 6.14 -8.71 -7.92
N PHE A 20 6.29 -9.87 -7.25
CA PHE A 20 7.20 -10.96 -7.70
C PHE A 20 6.66 -11.60 -8.99
N ALA A 21 5.32 -11.56 -9.17
CA ALA A 21 4.67 -11.97 -10.44
C ALA A 21 5.06 -11.01 -11.59
N ALA A 22 5.32 -9.73 -11.23
CA ALA A 22 5.78 -8.69 -12.17
C ALA A 22 7.32 -8.71 -12.33
N GLY A 23 8.03 -9.33 -11.37
CA GLY A 23 9.49 -9.44 -11.39
C GLY A 23 10.19 -8.46 -10.44
N GLY A 24 9.40 -7.71 -9.66
CA GLY A 24 9.93 -6.79 -8.64
C GLY A 24 10.28 -7.50 -7.33
N PHE A 25 10.36 -6.72 -6.25
CA PHE A 25 10.73 -7.18 -4.90
C PHE A 25 9.73 -6.60 -3.88
N ALA A 26 9.55 -7.27 -2.73
CA ALA A 26 8.68 -6.78 -1.64
C ALA A 26 9.08 -7.38 -0.31
N ALA A 27 8.68 -6.69 0.78
CA ALA A 27 8.95 -7.10 2.16
C ALA A 27 8.13 -6.25 3.14
N VAL A 28 7.40 -6.92 4.04
CA VAL A 28 6.60 -6.25 5.09
C VAL A 28 7.54 -5.69 6.18
N GLU A 29 7.82 -4.38 6.10
CA GLU A 29 8.70 -3.67 7.05
C GLU A 29 8.07 -3.59 8.45
N LYS A 30 6.82 -3.08 8.50
CA LYS A 30 6.06 -2.92 9.75
C LYS A 30 4.79 -3.79 9.71
N LYS A 31 4.39 -4.30 10.88
CA LYS A 31 3.24 -5.21 11.02
C LYS A 31 2.34 -4.71 12.16
N GLY A 32 1.07 -4.38 11.82
CA GLY A 32 0.10 -3.87 12.79
C GLY A 32 -1.03 -4.84 13.08
N ALA A 33 -2.29 -4.40 12.85
CA ALA A 33 -3.49 -5.22 13.09
C ALA A 33 -3.85 -6.03 11.83
N GLU A 34 -3.99 -7.37 12.00
CA GLU A 34 -4.25 -8.32 10.90
C GLU A 34 -5.56 -8.02 10.16
N ALA A 35 -6.65 -7.86 10.90
CA ALA A 35 -7.98 -7.61 10.34
C ALA A 35 -8.25 -6.10 10.15
N ALA A 36 -8.24 -5.37 11.27
CA ALA A 36 -8.75 -3.98 11.33
C ALA A 36 -7.68 -2.91 11.02
N GLY A 37 -6.45 -3.34 10.64
CA GLY A 37 -5.33 -2.42 10.41
C GLY A 37 -5.42 -1.61 9.11
N ALA A 38 -4.46 -0.69 8.94
CA ALA A 38 -4.28 0.09 7.68
C ALA A 38 -3.06 -0.46 6.94
N ILE A 39 -2.95 -0.16 5.63
CA ILE A 39 -1.83 -0.63 4.79
C ILE A 39 -1.22 0.56 4.04
N PHE A 40 0.03 0.91 4.38
CA PHE A 40 0.80 1.93 3.68
C PHE A 40 2.01 1.28 2.99
N VAL A 41 1.97 1.31 1.66
CA VAL A 41 2.97 0.68 0.79
C VAL A 41 3.82 1.78 0.15
N ARG A 42 5.12 1.54 0.03
CA ARG A 42 6.06 2.47 -0.58
C ARG A 42 6.79 1.78 -1.74
N GLN A 43 6.50 2.24 -2.97
CA GLN A 43 7.14 1.76 -4.20
C GLN A 43 8.52 2.42 -4.36
N ARG A 44 9.49 1.69 -4.92
CA ARG A 44 10.86 2.19 -5.14
C ARG A 44 11.21 2.07 -6.63
N LEU A 45 11.70 3.19 -7.20
CA LEU A 45 11.98 3.32 -8.63
C LEU A 45 13.48 3.08 -8.92
N ARG A 46 13.70 2.53 -10.11
CA ARG A 46 15.03 2.39 -10.74
C ARG A 46 15.58 3.77 -11.17
N ASP A 47 14.66 4.75 -11.28
CA ASP A 47 15.00 6.17 -11.55
C ASP A 47 15.63 6.85 -10.31
N GLY A 48 15.37 6.26 -9.13
CA GLY A 48 15.87 6.78 -7.86
C GLY A 48 14.83 7.58 -7.09
N ARG A 49 13.55 7.31 -7.39
CA ARG A 49 12.40 7.94 -6.70
C ARG A 49 11.66 6.89 -5.86
N GLU A 50 10.58 7.32 -5.21
CA GLU A 50 9.65 6.46 -4.45
C GLU A 50 8.23 7.06 -4.50
N ASN A 51 7.24 6.19 -4.25
CA ASN A 51 5.82 6.57 -4.09
C ASN A 51 5.31 6.04 -2.75
N LEU A 52 4.11 6.45 -2.36
CA LEU A 52 3.46 6.04 -1.11
C LEU A 52 1.98 5.79 -1.42
N TYR A 53 1.41 4.75 -0.80
CA TYR A 53 0.04 4.31 -1.02
C TYR A 53 -0.66 4.10 0.31
N GLY A 54 -1.94 4.50 0.38
CA GLY A 54 -2.76 4.31 1.57
C GLY A 54 -4.14 3.81 1.19
N PRO A 55 -4.92 3.21 2.14
CA PRO A 55 -6.26 2.68 1.84
C PRO A 55 -7.26 3.84 1.60
N ALA A 56 -7.67 4.00 0.33
CA ALA A 56 -8.58 5.08 -0.11
C ALA A 56 -10.00 4.88 0.49
N PRO A 57 -10.77 5.99 0.72
CA PRO A 57 -12.16 5.90 1.21
C PRO A 57 -13.08 5.18 0.19
N GLN A 58 -13.32 3.88 0.45
CA GLN A 58 -14.19 3.04 -0.41
C GLN A 58 -15.66 3.50 -0.29
N SER A 59 -16.41 3.33 -1.39
CA SER A 59 -17.84 3.67 -1.43
C SER A 59 -18.66 2.63 -0.64
N PHE A 60 -18.85 2.91 0.66
CA PHE A 60 -19.66 2.07 1.55
C PHE A 60 -21.07 2.63 1.69
N ALA A 61 -22.05 1.72 1.73
CA ALA A 61 -23.45 2.03 2.06
C ALA A 61 -23.75 1.45 3.43
N ASP A 62 -24.05 2.32 4.40
CA ASP A 62 -24.37 1.95 5.81
C ASP A 62 -23.22 1.10 6.44
N ASP A 63 -21.96 1.41 6.03
CA ASP A 63 -20.73 0.78 6.56
C ASP A 63 -20.63 -0.73 6.24
N GLU A 64 -21.44 -1.22 5.29
CA GLU A 64 -21.46 -2.63 4.89
C GLU A 64 -20.13 -3.00 4.19
N ASP A 65 -19.79 -2.20 3.16
CA ASP A 65 -18.63 -2.45 2.26
C ASP A 65 -17.27 -2.42 3.00
N ILE A 66 -17.27 -1.86 4.22
CA ILE A 66 -16.07 -1.81 5.10
C ILE A 66 -15.52 -3.24 5.37
N MET A 67 -16.46 -4.17 5.55
CA MET A 67 -16.21 -5.54 6.03
C MET A 67 -16.85 -6.61 5.09
N ARG A 68 -17.59 -6.14 4.06
CA ARG A 68 -18.28 -7.03 3.09
C ARG A 68 -17.79 -6.78 1.65
N ALA A 69 -16.90 -5.78 1.47
CA ALA A 69 -16.26 -5.47 0.17
C ALA A 69 -14.80 -5.07 0.41
N GLU A 70 -14.00 -5.04 -0.67
CA GLU A 70 -12.56 -4.71 -0.60
C GLU A 70 -12.34 -3.22 -0.87
N ARG A 71 -11.46 -2.61 -0.07
CA ARG A 71 -11.09 -1.19 -0.21
C ARG A 71 -9.93 -1.04 -1.21
N ARG A 72 -10.11 -0.09 -2.13
CA ARG A 72 -9.11 0.27 -3.13
C ARG A 72 -8.14 1.28 -2.50
N PHE A 73 -6.92 1.38 -3.04
CA PHE A 73 -5.88 2.25 -2.49
C PHE A 73 -5.78 3.55 -3.28
N GLU A 74 -4.94 4.46 -2.80
CA GLU A 74 -4.65 5.75 -3.43
C GLU A 74 -3.16 6.04 -3.30
N THR A 75 -2.63 6.80 -4.25
CA THR A 75 -1.23 7.23 -4.21
C THR A 75 -1.12 8.50 -3.35
N ARG A 76 -0.60 8.35 -2.12
CA ARG A 76 -0.39 9.46 -1.17
C ARG A 76 0.68 10.43 -1.74
N LEU A 77 1.90 9.90 -1.87
CA LEU A 77 3.06 10.63 -2.41
C LEU A 77 3.54 9.95 -3.68
N ALA A 78 4.22 10.69 -4.58
CA ALA A 78 4.68 10.14 -5.86
C ALA A 78 5.90 10.90 -6.40
N GLY A 79 6.91 10.13 -6.90
CA GLY A 79 8.13 10.69 -7.51
C GLY A 79 8.99 11.46 -6.51
N VAL A 80 8.89 11.08 -5.23
CA VAL A 80 9.56 11.75 -4.11
C VAL A 80 10.61 10.82 -3.47
N GLU A 81 11.40 11.34 -2.51
CA GLU A 81 12.44 10.56 -1.82
C GLU A 81 11.85 9.80 -0.61
N GLY A 82 12.62 8.83 -0.09
CA GLY A 82 12.23 8.02 1.07
C GLY A 82 12.03 8.82 2.35
N GLU A 83 12.65 10.01 2.40
CA GLU A 83 12.51 10.93 3.55
C GLU A 83 11.09 11.51 3.56
N GLU A 84 10.56 11.84 2.36
CA GLU A 84 9.17 12.31 2.19
C GLU A 84 8.18 11.21 2.58
N ILE A 85 8.53 9.97 2.18
CA ILE A 85 7.74 8.77 2.46
C ILE A 85 7.58 8.57 3.99
N ALA A 86 8.73 8.47 4.69
CA ALA A 86 8.77 8.21 6.14
C ALA A 86 8.24 9.42 6.95
N ALA A 87 8.23 10.61 6.31
CA ALA A 87 7.65 11.84 6.87
C ALA A 87 6.13 11.70 7.09
N LEU A 88 5.46 10.87 6.26
CA LEU A 88 4.05 10.49 6.49
C LEU A 88 3.94 9.32 7.49
N LEU A 89 4.78 8.27 7.33
CA LEU A 89 4.68 7.03 8.16
C LEU A 89 4.80 7.33 9.66
N GLU A 90 5.53 8.41 10.02
CA GLU A 90 5.66 8.86 11.41
C GLU A 90 4.32 9.46 11.93
N ARG A 91 3.58 10.12 11.03
CA ARG A 91 2.29 10.77 11.34
C ARG A 91 1.19 9.72 11.50
N GLU A 92 1.14 8.77 10.55
CA GLU A 92 0.12 7.72 10.51
C GLU A 92 0.22 6.80 11.72
N ARG A 93 1.47 6.44 12.08
CA ARG A 93 1.74 5.58 13.26
C ARG A 93 1.42 6.31 14.59
N ARG A 94 1.54 7.66 14.56
CA ARG A 94 1.25 8.53 15.73
C ARG A 94 -0.24 8.40 16.11
N PHE A 95 -1.12 8.47 15.09
CA PHE A 95 -2.57 8.33 15.29
C PHE A 95 -2.97 6.86 15.50
N ASP A 96 -2.41 5.96 14.68
CA ASP A 96 -2.69 4.51 14.72
C ASP A 96 -1.47 3.73 14.21
N SER A 97 -0.73 3.12 15.15
CA SER A 97 0.49 2.34 14.88
C SER A 97 0.16 1.06 14.11
N ASP A 98 -1.08 0.57 14.27
CA ASP A 98 -1.58 -0.71 13.69
C ASP A 98 -1.69 -0.71 12.14
N LEU A 99 -1.07 0.27 11.47
CA LEU A 99 -0.84 0.23 10.03
C LEU A 99 0.34 -0.75 9.72
N TRP A 100 0.44 -1.14 8.44
CA TRP A 100 1.49 -2.04 7.93
C TRP A 100 2.31 -1.29 6.89
N VAL A 101 3.63 -1.28 7.03
CA VAL A 101 4.53 -0.66 6.02
C VAL A 101 5.13 -1.78 5.19
N VAL A 102 5.05 -1.64 3.85
CA VAL A 102 5.57 -2.63 2.90
C VAL A 102 6.43 -1.91 1.88
N GLU A 103 7.71 -2.27 1.76
CA GLU A 103 8.55 -1.79 0.65
C GLU A 103 8.33 -2.71 -0.54
N ILE A 104 8.10 -2.13 -1.72
CA ILE A 104 8.03 -2.85 -2.98
C ILE A 104 8.95 -2.14 -3.99
N GLU A 105 9.90 -2.88 -4.57
CA GLU A 105 10.87 -2.34 -5.53
C GLU A 105 10.39 -2.73 -6.93
N THR A 106 9.80 -1.76 -7.64
CA THR A 106 9.19 -1.97 -8.96
C THR A 106 8.96 -0.61 -9.63
N ASP A 107 8.87 -0.61 -10.98
CA ASP A 107 8.63 0.63 -11.75
C ASP A 107 7.13 0.81 -12.02
N GLU A 108 6.41 -0.32 -12.08
CA GLU A 108 4.96 -0.37 -12.32
C GLU A 108 4.23 -0.65 -11.01
N ILE A 109 2.97 -0.19 -10.90
CA ILE A 109 2.20 -0.31 -9.67
C ILE A 109 0.83 -0.98 -9.90
N GLY A 110 0.17 -0.66 -11.02
CA GLY A 110 -1.24 -1.01 -11.23
C GLY A 110 -1.50 -2.51 -11.20
N THR A 111 -0.62 -3.25 -11.88
CA THR A 111 -0.70 -4.72 -12.01
C THR A 111 -0.53 -5.46 -10.66
N LEU A 112 0.12 -4.80 -9.69
CA LEU A 112 0.51 -5.42 -8.40
C LEU A 112 -0.12 -4.69 -7.18
N LEU A 113 -0.89 -3.61 -7.45
CA LEU A 113 -1.62 -2.85 -6.42
C LEU A 113 -2.58 -1.84 -7.12
N THR A 114 -3.87 -1.92 -6.78
CA THR A 114 -4.93 -1.13 -7.44
C THR A 114 -5.10 0.23 -6.74
N LEU A 115 -5.20 1.32 -7.54
CA LEU A 115 -5.23 2.72 -7.05
C LEU A 115 -6.36 3.53 -7.71
N VAL A 116 -6.91 4.50 -6.98
CA VAL A 116 -7.89 5.48 -7.50
C VAL A 116 -7.15 6.70 -8.11
N ASP A 117 -5.88 6.90 -7.71
CA ASP A 117 -5.06 8.05 -8.15
C ASP A 117 -4.35 7.70 -9.48
N GLN A 118 -3.36 6.78 -9.42
CA GLN A 118 -2.64 6.30 -10.62
C GLN A 118 -3.57 5.43 -11.49
N PRO A 119 -3.45 5.50 -12.87
CA PRO A 119 -4.32 4.74 -13.80
C PRO A 119 -4.03 3.22 -13.77
N GLN A 120 -4.95 2.45 -14.40
CA GLN A 120 -4.86 0.98 -14.47
C GLN A 120 -3.72 0.58 -15.42
N ALA A 121 -2.69 -0.08 -14.87
CA ALA A 121 -1.51 -0.52 -15.64
C ALA A 121 -0.82 -1.70 -14.89
N MET A 4 -10.65 -9.82 -4.04
CA MET A 4 -10.25 -10.70 -2.93
C MET A 4 -10.35 -9.94 -1.59
N ARG A 5 -11.45 -10.14 -0.84
CA ARG A 5 -11.55 -9.65 0.54
C ARG A 5 -10.71 -10.54 1.46
N LEU A 6 -9.77 -9.91 2.15
CA LEU A 6 -8.86 -10.58 3.08
C LEU A 6 -8.43 -9.58 4.16
N LYS A 7 -7.65 -10.05 5.16
CA LYS A 7 -7.08 -9.18 6.20
C LYS A 7 -6.00 -8.26 5.61
N SER A 8 -5.63 -7.23 6.36
CA SER A 8 -4.57 -6.28 6.00
C SER A 8 -3.21 -7.01 5.87
N GLU A 9 -3.01 -8.02 6.74
CA GLU A 9 -1.85 -8.96 6.72
C GLU A 9 -1.88 -9.80 5.44
N MET A 10 -3.04 -10.40 5.18
CA MET A 10 -3.22 -11.30 4.02
C MET A 10 -3.13 -10.49 2.71
N PHE A 11 -3.37 -9.15 2.81
CA PHE A 11 -3.26 -8.24 1.66
C PHE A 11 -1.79 -8.03 1.33
N VAL A 12 -0.95 -7.74 2.36
CA VAL A 12 0.49 -7.47 2.16
C VAL A 12 1.21 -8.72 1.65
N SER A 13 0.81 -9.89 2.18
CA SER A 13 1.36 -11.18 1.76
C SER A 13 1.03 -11.46 0.28
N ALA A 14 -0.25 -11.22 -0.09
CA ALA A 14 -0.73 -11.37 -1.49
C ALA A 14 -0.07 -10.32 -2.42
N LEU A 15 0.19 -9.14 -1.86
CA LEU A 15 0.81 -7.98 -2.57
C LEU A 15 2.23 -8.32 -3.02
N ILE A 16 2.97 -8.96 -2.11
CA ILE A 16 4.32 -9.46 -2.36
C ILE A 16 4.29 -10.50 -3.50
N ARG A 17 3.26 -11.36 -3.50
CA ARG A 17 3.06 -12.37 -4.56
C ARG A 17 2.61 -11.72 -5.88
N ARG A 18 1.95 -10.54 -5.80
CA ARG A 18 1.55 -9.76 -6.99
C ARG A 18 2.77 -9.17 -7.70
N VAL A 19 3.73 -8.62 -6.91
CA VAL A 19 4.92 -7.96 -7.48
C VAL A 19 5.88 -9.00 -8.09
N PHE A 20 6.07 -10.17 -7.42
CA PHE A 20 6.94 -11.26 -7.94
C PHE A 20 6.31 -11.93 -9.17
N ALA A 21 4.96 -11.90 -9.26
CA ALA A 21 4.22 -12.29 -10.48
C ALA A 21 4.51 -11.32 -11.65
N ALA A 22 4.87 -10.08 -11.32
CA ALA A 22 5.23 -9.03 -12.30
C ALA A 22 6.77 -8.84 -12.40
N GLY A 23 7.54 -9.69 -11.68
CA GLY A 23 9.01 -9.64 -11.70
C GLY A 23 9.63 -8.72 -10.65
N GLY A 24 8.78 -7.89 -10.01
CA GLY A 24 9.22 -6.97 -8.95
C GLY A 24 9.54 -7.67 -7.62
N PHE A 25 10.13 -6.91 -6.69
CA PHE A 25 10.55 -7.39 -5.36
C PHE A 25 9.60 -6.81 -4.30
N ALA A 26 9.55 -7.45 -3.11
CA ALA A 26 8.79 -6.95 -1.95
C ALA A 26 9.27 -7.58 -0.65
N ALA A 27 9.02 -6.87 0.47
CA ALA A 27 9.36 -7.31 1.83
C ALA A 27 8.66 -6.41 2.86
N VAL A 28 8.02 -7.04 3.87
CA VAL A 28 7.35 -6.33 4.97
C VAL A 28 8.40 -5.81 5.98
N GLU A 29 8.61 -4.49 5.98
CA GLU A 29 9.48 -3.81 6.96
C GLU A 29 8.77 -3.68 8.31
N LYS A 30 7.64 -2.96 8.30
CA LYS A 30 6.84 -2.67 9.51
C LYS A 30 5.61 -3.57 9.56
N LYS A 31 5.21 -3.97 10.77
CA LYS A 31 4.12 -4.92 10.99
C LYS A 31 3.32 -4.56 12.26
N GLY A 32 2.01 -4.36 12.10
CA GLY A 32 1.12 -4.03 13.22
C GLY A 32 -0.08 -4.97 13.31
N ALA A 33 -1.29 -4.39 13.28
CA ALA A 33 -2.56 -5.15 13.41
C ALA A 33 -2.87 -5.89 12.09
N GLU A 34 -3.12 -7.20 12.19
CA GLU A 34 -3.26 -8.09 11.03
C GLU A 34 -4.60 -7.89 10.30
N ALA A 35 -5.70 -7.86 11.07
CA ALA A 35 -7.05 -7.71 10.52
C ALA A 35 -7.40 -6.22 10.31
N ALA A 36 -7.27 -5.42 11.39
CA ALA A 36 -7.78 -4.03 11.43
C ALA A 36 -6.66 -2.99 11.25
N GLY A 37 -5.48 -3.42 10.75
CA GLY A 37 -4.33 -2.51 10.57
C GLY A 37 -4.39 -1.68 9.29
N ALA A 38 -3.71 -0.53 9.30
CA ALA A 38 -3.51 0.31 8.11
C ALA A 38 -2.31 -0.24 7.32
N ILE A 39 -2.26 0.02 5.99
CA ILE A 39 -1.18 -0.49 5.13
C ILE A 39 -0.62 0.66 4.27
N PHE A 40 0.68 0.94 4.43
CA PHE A 40 1.42 1.92 3.62
C PHE A 40 2.51 1.19 2.85
N VAL A 41 2.38 1.20 1.52
CA VAL A 41 3.30 0.51 0.61
C VAL A 41 4.13 1.56 -0.12
N ARG A 42 5.44 1.34 -0.15
CA ARG A 42 6.39 2.22 -0.84
C ARG A 42 6.98 1.47 -2.04
N GLN A 43 6.59 1.93 -3.25
CA GLN A 43 7.20 1.46 -4.50
C GLN A 43 8.52 2.20 -4.71
N ARG A 44 9.54 1.48 -5.15
CA ARG A 44 10.82 2.05 -5.54
C ARG A 44 10.97 1.86 -7.05
N LEU A 45 11.01 2.98 -7.79
CA LEU A 45 11.27 2.98 -9.23
C LEU A 45 12.73 2.53 -9.47
N ARG A 46 12.93 1.80 -10.56
CA ARG A 46 14.22 1.22 -10.95
C ARG A 46 15.36 2.26 -11.13
N ASP A 47 15.01 3.55 -11.28
CA ASP A 47 15.99 4.62 -11.50
C ASP A 47 16.60 5.07 -10.15
N GLY A 48 15.76 5.13 -9.10
CA GLY A 48 16.19 5.60 -7.78
C GLY A 48 15.06 6.16 -6.96
N ARG A 49 14.03 6.71 -7.63
CA ARG A 49 12.89 7.39 -6.96
C ARG A 49 11.93 6.38 -6.31
N GLU A 50 10.90 6.93 -5.61
CA GLU A 50 9.90 6.14 -4.88
C GLU A 50 8.51 6.81 -4.94
N ASN A 51 7.48 6.02 -4.55
CA ASN A 51 6.08 6.47 -4.44
C ASN A 51 5.48 5.85 -3.18
N LEU A 52 4.61 6.59 -2.48
CA LEU A 52 3.94 6.10 -1.26
C LEU A 52 2.47 5.82 -1.57
N TYR A 53 1.94 4.77 -0.95
CA TYR A 53 0.55 4.33 -1.10
C TYR A 53 -0.06 4.10 0.28
N GLY A 54 -1.38 4.31 0.39
CA GLY A 54 -2.11 4.17 1.66
C GLY A 54 -3.52 3.62 1.45
N PRO A 55 -4.24 3.21 2.55
CA PRO A 55 -5.59 2.61 2.43
C PRO A 55 -6.66 3.70 2.13
N ALA A 56 -7.20 3.66 0.90
CA ALA A 56 -8.21 4.64 0.44
C ALA A 56 -9.61 4.32 1.00
N PRO A 57 -10.48 5.36 1.24
CA PRO A 57 -11.88 5.16 1.64
C PRO A 57 -12.68 4.50 0.50
N GLN A 58 -12.86 3.17 0.62
CA GLN A 58 -13.55 2.36 -0.42
C GLN A 58 -15.03 2.80 -0.56
N SER A 59 -15.58 2.67 -1.77
CA SER A 59 -16.96 3.07 -2.08
C SER A 59 -17.96 2.06 -1.48
N PHE A 60 -18.42 2.33 -0.24
CA PHE A 60 -19.38 1.46 0.46
C PHE A 60 -20.81 1.99 0.32
N ALA A 61 -21.74 1.07 0.02
CA ALA A 61 -23.18 1.33 -0.05
C ALA A 61 -23.88 0.47 1.00
N ASP A 62 -24.69 1.13 1.86
CA ASP A 62 -25.44 0.49 2.98
C ASP A 62 -24.47 -0.03 4.07
N ASP A 63 -23.18 0.42 3.99
CA ASP A 63 -22.07 -0.05 4.85
C ASP A 63 -21.81 -1.56 4.66
N GLU A 64 -22.24 -2.08 3.49
CA GLU A 64 -22.01 -3.48 3.12
C GLU A 64 -20.52 -3.74 2.92
N ASP A 65 -19.90 -2.96 2.03
CA ASP A 65 -18.52 -3.17 1.54
C ASP A 65 -17.46 -3.23 2.66
N ILE A 66 -17.82 -2.69 3.85
CA ILE A 66 -16.96 -2.69 5.04
C ILE A 66 -16.56 -4.14 5.43
N MET A 67 -17.55 -5.05 5.38
CA MET A 67 -17.39 -6.48 5.75
C MET A 67 -17.84 -7.44 4.62
N ARG A 68 -18.23 -6.90 3.44
CA ARG A 68 -18.58 -7.73 2.26
C ARG A 68 -17.42 -7.71 1.24
N ALA A 69 -16.96 -6.49 0.91
CA ALA A 69 -15.97 -6.27 -0.16
C ALA A 69 -14.58 -5.96 0.42
N GLU A 70 -13.57 -5.90 -0.48
CA GLU A 70 -12.17 -5.61 -0.11
C GLU A 70 -11.91 -4.09 -0.08
N ARG A 71 -10.74 -3.71 0.44
CA ARG A 71 -10.28 -2.31 0.46
C ARG A 71 -9.39 -2.04 -0.75
N ARG A 72 -9.39 -0.77 -1.20
CA ARG A 72 -8.60 -0.31 -2.36
C ARG A 72 -7.68 0.82 -1.86
N PHE A 73 -6.52 0.98 -2.52
CA PHE A 73 -5.47 1.92 -2.07
C PHE A 73 -5.48 3.20 -2.89
N GLU A 74 -4.62 4.15 -2.48
CA GLU A 74 -4.44 5.44 -3.16
C GLU A 74 -2.94 5.79 -3.18
N THR A 75 -2.57 6.74 -4.04
CA THR A 75 -1.18 7.15 -4.24
C THR A 75 -0.91 8.45 -3.44
N ARG A 76 -0.17 8.33 -2.32
CA ARG A 76 0.12 9.45 -1.41
C ARG A 76 1.22 10.35 -2.02
N LEU A 77 2.35 9.72 -2.38
CA LEU A 77 3.53 10.40 -2.95
C LEU A 77 3.91 9.70 -4.27
N ALA A 78 4.69 10.38 -5.13
CA ALA A 78 5.15 9.82 -6.41
C ALA A 78 6.43 10.53 -6.90
N GLY A 79 7.41 9.74 -7.39
CA GLY A 79 8.67 10.27 -7.95
C GLY A 79 9.55 10.99 -6.93
N VAL A 80 9.34 10.69 -5.66
CA VAL A 80 10.05 11.32 -4.53
C VAL A 80 11.25 10.44 -4.11
N GLU A 81 11.88 10.74 -2.96
CA GLU A 81 12.91 9.87 -2.36
C GLU A 81 12.33 9.11 -1.15
N GLY A 82 13.07 8.09 -0.68
CA GLY A 82 12.66 7.27 0.48
C GLY A 82 12.57 8.06 1.78
N GLU A 83 13.18 9.25 1.82
CA GLU A 83 13.12 10.15 2.98
C GLU A 83 11.75 10.86 3.04
N GLU A 84 11.17 11.17 1.86
CA GLU A 84 9.82 11.77 1.78
C GLU A 84 8.75 10.73 2.17
N ILE A 85 9.01 9.48 1.76
CA ILE A 85 8.20 8.32 2.14
C ILE A 85 8.17 8.19 3.67
N ALA A 86 9.39 8.11 4.24
CA ALA A 86 9.61 7.95 5.68
C ALA A 86 9.14 9.17 6.48
N ALA A 87 9.09 10.33 5.80
CA ALA A 87 8.63 11.59 6.39
C ALA A 87 7.15 11.53 6.78
N LEU A 88 6.33 10.81 5.98
CA LEU A 88 4.93 10.54 6.36
C LEU A 88 4.83 9.33 7.31
N LEU A 89 5.59 8.25 6.99
CA LEU A 89 5.57 6.97 7.75
C LEU A 89 5.74 7.21 9.27
N GLU A 90 6.64 8.15 9.61
CA GLU A 90 6.93 8.54 11.01
C GLU A 90 5.72 9.24 11.66
N ARG A 91 4.94 10.00 10.86
CA ARG A 91 3.77 10.76 11.34
C ARG A 91 2.60 9.81 11.65
N GLU A 92 2.26 8.97 10.64
CA GLU A 92 1.15 8.01 10.70
C GLU A 92 1.34 7.02 11.86
N ARG A 93 2.58 6.52 12.02
CA ARG A 93 2.91 5.55 13.10
C ARG A 93 2.90 6.22 14.49
N ARG A 94 3.24 7.52 14.54
CA ARG A 94 3.25 8.33 15.77
C ARG A 94 1.83 8.42 16.37
N PHE A 95 0.82 8.49 15.50
CA PHE A 95 -0.58 8.41 15.90
C PHE A 95 -0.96 6.95 16.20
N ASP A 96 -0.84 6.08 15.18
CA ASP A 96 -1.22 4.67 15.28
C ASP A 96 -0.17 3.80 14.57
N SER A 97 0.66 3.13 15.38
CA SER A 97 1.81 2.33 14.95
C SER A 97 1.40 0.92 14.42
N ASP A 98 0.09 0.61 14.45
CA ASP A 98 -0.44 -0.69 13.96
C ASP A 98 -0.48 -0.79 12.41
N LEU A 99 0.08 0.23 11.73
CA LEU A 99 0.22 0.20 10.26
C LEU A 99 1.39 -0.71 9.85
N TRP A 100 1.38 -1.12 8.59
CA TRP A 100 2.42 -1.97 7.98
C TRP A 100 3.13 -1.18 6.89
N VAL A 101 4.43 -1.37 6.73
CA VAL A 101 5.22 -0.79 5.63
C VAL A 101 5.83 -1.93 4.83
N VAL A 102 5.44 -2.04 3.54
CA VAL A 102 6.01 -3.01 2.61
C VAL A 102 6.81 -2.26 1.54
N GLU A 103 8.12 -2.56 1.48
CA GLU A 103 8.97 -2.00 0.42
C GLU A 103 8.88 -2.92 -0.81
N ILE A 104 8.19 -2.42 -1.86
CA ILE A 104 8.11 -3.11 -3.15
C ILE A 104 9.02 -2.37 -4.14
N GLU A 105 9.83 -3.10 -4.90
CA GLU A 105 10.76 -2.51 -5.88
C GLU A 105 10.32 -2.96 -7.26
N THR A 106 9.80 -2.02 -8.05
CA THR A 106 9.21 -2.31 -9.35
C THR A 106 9.17 -1.07 -10.26
N ASP A 107 9.06 -1.30 -11.57
CA ASP A 107 9.01 -0.25 -12.60
C ASP A 107 7.62 0.42 -12.63
N GLU A 108 6.57 -0.41 -12.58
CA GLU A 108 5.16 0.03 -12.63
C GLU A 108 4.44 -0.39 -11.33
N ILE A 109 3.16 -0.01 -11.18
CA ILE A 109 2.42 -0.23 -9.93
C ILE A 109 1.04 -0.92 -10.15
N GLY A 110 0.40 -0.63 -11.29
CA GLY A 110 -1.02 -0.95 -11.51
C GLY A 110 -1.33 -2.44 -11.51
N THR A 111 -0.40 -3.26 -12.03
CA THR A 111 -0.57 -4.72 -12.15
C THR A 111 -0.46 -5.44 -10.78
N LEU A 112 0.30 -4.81 -9.86
CA LEU A 112 0.74 -5.46 -8.61
C LEU A 112 0.19 -4.77 -7.35
N LEU A 113 -0.52 -3.65 -7.52
CA LEU A 113 -1.22 -2.96 -6.43
C LEU A 113 -2.39 -2.15 -7.02
N THR A 114 -3.56 -2.21 -6.37
CA THR A 114 -4.79 -1.57 -6.86
C THR A 114 -4.99 -0.18 -6.23
N LEU A 115 -5.19 0.85 -7.09
CA LEU A 115 -5.25 2.26 -6.65
C LEU A 115 -6.49 2.98 -7.20
N VAL A 116 -6.98 3.97 -6.44
CA VAL A 116 -8.09 4.86 -6.85
C VAL A 116 -7.52 6.10 -7.58
N ASP A 117 -6.30 6.50 -7.18
CA ASP A 117 -5.64 7.73 -7.67
C ASP A 117 -5.13 7.54 -9.11
N GLN A 118 -4.18 6.58 -9.27
CA GLN A 118 -3.57 6.27 -10.58
C GLN A 118 -4.63 5.75 -11.60
N PRO A 119 -4.45 6.05 -12.93
CA PRO A 119 -5.40 5.59 -13.97
C PRO A 119 -5.37 4.05 -14.17
N GLN A 120 -6.50 3.50 -14.69
CA GLN A 120 -6.66 2.04 -14.88
C GLN A 120 -5.64 1.48 -15.87
N ALA A 121 -5.35 2.24 -16.93
CA ALA A 121 -4.30 1.90 -17.90
C ALA A 121 -3.01 2.67 -17.54
N MET A 4 -10.25 -8.44 -3.65
CA MET A 4 -10.12 -9.81 -3.12
C MET A 4 -10.93 -10.02 -1.83
N ARG A 5 -11.28 -8.90 -1.15
CA ARG A 5 -12.10 -8.89 0.09
C ARG A 5 -11.46 -9.76 1.19
N LEU A 6 -10.31 -9.30 1.69
CA LEU A 6 -9.47 -10.05 2.64
C LEU A 6 -9.05 -9.16 3.81
N LYS A 7 -8.22 -9.72 4.71
CA LYS A 7 -7.58 -8.95 5.78
C LYS A 7 -6.48 -8.04 5.21
N SER A 8 -6.14 -6.99 5.95
CA SER A 8 -5.01 -6.11 5.67
C SER A 8 -3.68 -6.91 5.65
N GLU A 9 -3.60 -7.92 6.54
CA GLU A 9 -2.49 -8.87 6.63
C GLU A 9 -2.30 -9.65 5.32
N MET A 10 -3.41 -10.22 4.84
CA MET A 10 -3.42 -11.05 3.64
C MET A 10 -3.28 -10.17 2.37
N PHE A 11 -3.68 -8.88 2.46
CA PHE A 11 -3.52 -7.92 1.34
C PHE A 11 -2.03 -7.70 1.07
N VAL A 12 -1.25 -7.54 2.16
CA VAL A 12 0.22 -7.39 2.11
C VAL A 12 0.87 -8.61 1.44
N SER A 13 0.55 -9.81 1.98
CA SER A 13 1.09 -11.08 1.50
C SER A 13 0.80 -11.25 -0.01
N ALA A 14 -0.46 -11.01 -0.38
CA ALA A 14 -0.94 -11.09 -1.78
C ALA A 14 -0.23 -10.06 -2.68
N LEU A 15 -0.01 -8.84 -2.14
CA LEU A 15 0.64 -7.72 -2.85
C LEU A 15 2.06 -8.12 -3.28
N ILE A 16 2.76 -8.78 -2.35
CA ILE A 16 4.11 -9.30 -2.56
C ILE A 16 4.11 -10.37 -3.69
N ARG A 17 3.08 -11.23 -3.72
CA ARG A 17 2.91 -12.26 -4.78
C ARG A 17 2.58 -11.61 -6.15
N ARG A 18 1.89 -10.45 -6.12
CA ARG A 18 1.53 -9.69 -7.34
C ARG A 18 2.79 -9.13 -8.02
N VAL A 19 3.69 -8.53 -7.21
CA VAL A 19 4.90 -7.87 -7.73
C VAL A 19 5.92 -8.92 -8.26
N PHE A 20 6.09 -10.03 -7.52
CA PHE A 20 7.01 -11.13 -7.89
C PHE A 20 6.50 -11.86 -9.16
N ALA A 21 5.17 -11.88 -9.34
CA ALA A 21 4.53 -12.37 -10.58
C ALA A 21 4.84 -11.43 -11.77
N ALA A 22 4.92 -10.12 -11.47
CA ALA A 22 5.23 -9.07 -12.47
C ALA A 22 6.75 -8.88 -12.68
N GLY A 23 7.58 -9.59 -11.88
CA GLY A 23 9.05 -9.55 -12.02
C GLY A 23 9.74 -8.59 -11.05
N GLY A 24 8.93 -7.87 -10.27
CA GLY A 24 9.42 -6.93 -9.24
C GLY A 24 9.80 -7.62 -7.92
N PHE A 25 10.06 -6.79 -6.90
CA PHE A 25 10.50 -7.22 -5.55
C PHE A 25 9.54 -6.64 -4.50
N ALA A 26 9.52 -7.26 -3.31
CA ALA A 26 8.72 -6.78 -2.16
C ALA A 26 9.30 -7.32 -0.86
N ALA A 27 8.98 -6.64 0.24
CA ALA A 27 9.43 -6.99 1.59
C ALA A 27 8.57 -6.25 2.63
N VAL A 28 7.87 -7.01 3.50
CA VAL A 28 7.05 -6.45 4.57
C VAL A 28 7.90 -6.21 5.84
N GLU A 29 8.24 -4.94 6.06
CA GLU A 29 9.07 -4.49 7.18
C GLU A 29 8.26 -4.44 8.49
N LYS A 30 7.18 -3.63 8.51
CA LYS A 30 6.36 -3.43 9.71
C LYS A 30 5.09 -4.29 9.63
N LYS A 31 4.62 -4.75 10.80
CA LYS A 31 3.45 -5.61 10.93
C LYS A 31 2.49 -5.00 11.97
N GLY A 32 1.28 -4.64 11.52
CA GLY A 32 0.24 -4.07 12.37
C GLY A 32 -0.95 -5.02 12.55
N ALA A 33 -2.18 -4.48 12.51
CA ALA A 33 -3.41 -5.27 12.74
C ALA A 33 -3.78 -6.11 11.51
N GLU A 34 -4.32 -7.31 11.76
CA GLU A 34 -4.66 -8.27 10.69
C GLU A 34 -5.80 -7.75 9.81
N ALA A 35 -6.99 -7.58 10.39
CA ALA A 35 -8.20 -7.21 9.63
C ALA A 35 -8.42 -5.69 9.57
N ALA A 36 -8.03 -4.97 10.64
CA ALA A 36 -8.29 -3.52 10.78
C ALA A 36 -6.98 -2.70 10.67
N GLY A 37 -5.99 -3.24 9.95
CA GLY A 37 -4.68 -2.58 9.82
C GLY A 37 -4.62 -1.61 8.64
N ALA A 38 -3.92 -0.48 8.83
CA ALA A 38 -3.56 0.43 7.74
C ALA A 38 -2.38 -0.19 6.96
N ILE A 39 -2.19 0.18 5.69
CA ILE A 39 -1.16 -0.45 4.82
C ILE A 39 -0.48 0.66 4.02
N PHE A 40 0.76 1.00 4.41
CA PHE A 40 1.57 1.99 3.72
C PHE A 40 2.72 1.27 2.99
N VAL A 41 2.65 1.32 1.67
CA VAL A 41 3.59 0.64 0.76
C VAL A 41 4.41 1.71 0.04
N ARG A 42 5.68 1.42 -0.27
CA ARG A 42 6.50 2.30 -1.09
C ARG A 42 6.89 1.56 -2.38
N GLN A 43 6.60 2.15 -3.55
CA GLN A 43 7.15 1.71 -4.83
C GLN A 43 8.54 2.33 -5.02
N ARG A 44 9.46 1.55 -5.58
CA ARG A 44 10.76 2.03 -6.04
C ARG A 44 10.87 1.74 -7.54
N LEU A 45 10.92 2.81 -8.33
CA LEU A 45 11.14 2.70 -9.79
C LEU A 45 12.58 2.24 -10.07
N ARG A 46 12.72 1.52 -11.18
CA ARG A 46 14.04 1.10 -11.74
C ARG A 46 14.91 2.33 -12.11
N ASP A 47 14.25 3.50 -12.27
CA ASP A 47 14.93 4.80 -12.42
C ASP A 47 15.64 5.19 -11.10
N GLY A 48 14.87 5.16 -10.00
CA GLY A 48 15.39 5.51 -8.68
C GLY A 48 14.39 6.30 -7.84
N ARG A 49 13.31 6.81 -8.46
CA ARG A 49 12.25 7.57 -7.76
C ARG A 49 11.42 6.62 -6.91
N GLU A 50 10.65 7.18 -5.95
CA GLU A 50 9.80 6.37 -5.04
C GLU A 50 8.44 7.05 -4.81
N ASN A 51 7.45 6.23 -4.44
CA ASN A 51 6.05 6.67 -4.20
C ASN A 51 5.54 6.00 -2.91
N LEU A 52 4.81 6.75 -2.08
CA LEU A 52 4.18 6.24 -0.86
C LEU A 52 2.69 6.01 -1.11
N TYR A 53 2.14 4.95 -0.52
CA TYR A 53 0.74 4.54 -0.68
C TYR A 53 0.07 4.39 0.68
N GLY A 54 -1.27 4.39 0.67
CA GLY A 54 -2.09 4.20 1.87
C GLY A 54 -3.46 3.63 1.49
N PRO A 55 -4.28 3.16 2.48
CA PRO A 55 -5.62 2.63 2.19
C PRO A 55 -6.64 3.76 1.90
N ALA A 56 -7.17 3.82 0.66
CA ALA A 56 -8.20 4.81 0.27
C ALA A 56 -9.59 4.34 0.70
N PRO A 57 -10.60 5.26 0.84
CA PRO A 57 -12.01 4.88 1.06
C PRO A 57 -12.58 4.11 -0.15
N GLN A 58 -13.68 3.40 0.07
CA GLN A 58 -14.33 2.55 -0.94
C GLN A 58 -15.77 3.04 -1.18
N SER A 59 -16.42 2.47 -2.20
CA SER A 59 -17.82 2.73 -2.49
C SER A 59 -18.70 1.81 -1.63
N PHE A 60 -19.19 2.33 -0.49
CA PHE A 60 -20.02 1.58 0.46
C PHE A 60 -21.31 2.34 0.78
N ALA A 61 -22.41 1.60 0.96
CA ALA A 61 -23.72 2.13 1.34
C ALA A 61 -24.11 1.60 2.73
N ASP A 62 -24.44 2.53 3.65
CA ASP A 62 -24.90 2.23 5.03
C ASP A 62 -23.79 1.52 5.87
N ASP A 63 -22.53 1.59 5.39
CA ASP A 63 -21.34 0.92 6.01
C ASP A 63 -21.49 -0.62 6.01
N GLU A 64 -22.36 -1.15 5.14
CA GLU A 64 -22.60 -2.59 4.98
C GLU A 64 -21.48 -3.25 4.15
N ASP A 65 -20.96 -2.48 3.16
CA ASP A 65 -20.00 -2.99 2.15
C ASP A 65 -18.55 -2.96 2.63
N ILE A 66 -18.30 -2.40 3.84
CA ILE A 66 -16.93 -2.28 4.43
C ILE A 66 -16.18 -3.63 4.41
N MET A 67 -16.86 -4.67 4.87
CA MET A 67 -16.30 -6.03 5.01
C MET A 67 -16.62 -6.86 3.74
N ARG A 68 -17.72 -6.48 3.05
CA ARG A 68 -18.35 -7.28 1.99
C ARG A 68 -17.94 -6.80 0.58
N ALA A 69 -17.05 -5.81 0.53
CA ALA A 69 -16.47 -5.28 -0.72
C ALA A 69 -14.99 -4.94 -0.48
N GLU A 70 -14.16 -5.11 -1.51
CA GLU A 70 -12.74 -4.76 -1.47
C GLU A 70 -12.59 -3.23 -1.65
N ARG A 71 -11.61 -2.66 -0.95
CA ARG A 71 -11.28 -1.23 -1.03
C ARG A 71 -10.12 -1.01 -2.01
N ARG A 72 -10.02 0.21 -2.51
CA ARG A 72 -8.94 0.63 -3.39
C ARG A 72 -7.92 1.40 -2.55
N PHE A 73 -6.69 1.52 -3.04
CA PHE A 73 -5.62 2.25 -2.35
C PHE A 73 -5.43 3.63 -2.98
N GLU A 74 -4.54 4.42 -2.40
CA GLU A 74 -4.23 5.79 -2.83
C GLU A 74 -2.71 6.01 -2.79
N THR A 75 -2.25 7.02 -3.53
CA THR A 75 -0.84 7.42 -3.53
C THR A 75 -0.69 8.65 -2.62
N ARG A 76 0.01 8.48 -1.48
CA ARG A 76 0.24 9.56 -0.49
C ARG A 76 1.26 10.57 -1.07
N LEU A 77 2.40 10.03 -1.53
CA LEU A 77 3.51 10.79 -2.11
C LEU A 77 3.89 10.14 -3.45
N ALA A 78 4.35 10.93 -4.43
CA ALA A 78 4.67 10.41 -5.76
C ALA A 78 5.88 11.13 -6.39
N GLY A 79 6.80 10.33 -6.97
CA GLY A 79 8.01 10.83 -7.63
C GLY A 79 8.91 11.62 -6.68
N VAL A 80 9.08 11.05 -5.48
CA VAL A 80 9.82 11.67 -4.37
C VAL A 80 10.98 10.76 -3.94
N GLU A 81 11.73 11.18 -2.91
CA GLU A 81 12.82 10.39 -2.33
C GLU A 81 12.34 9.62 -1.08
N GLY A 82 13.19 8.68 -0.63
CA GLY A 82 12.89 7.79 0.50
C GLY A 82 12.73 8.52 1.83
N GLU A 83 13.36 9.70 1.95
CA GLU A 83 13.27 10.56 3.15
C GLU A 83 11.80 10.97 3.39
N GLU A 84 11.13 11.39 2.30
CA GLU A 84 9.72 11.80 2.33
C GLU A 84 8.80 10.65 2.76
N ILE A 85 9.12 9.44 2.26
CA ILE A 85 8.35 8.23 2.54
C ILE A 85 8.33 7.96 4.08
N ALA A 86 9.54 7.87 4.66
CA ALA A 86 9.74 7.59 6.11
C ALA A 86 9.27 8.76 6.99
N ALA A 87 9.34 9.99 6.43
CA ALA A 87 8.94 11.22 7.13
C ALA A 87 7.46 11.21 7.49
N LEU A 88 6.63 10.59 6.62
CA LEU A 88 5.20 10.41 6.89
C LEU A 88 4.95 9.18 7.78
N LEU A 89 5.68 8.08 7.51
CA LEU A 89 5.50 6.79 8.23
C LEU A 89 5.64 6.95 9.75
N GLU A 90 6.51 7.89 10.16
CA GLU A 90 6.73 8.20 11.58
C GLU A 90 5.52 8.94 12.17
N ARG A 91 4.87 9.78 11.34
CA ARG A 91 3.74 10.60 11.75
C ARG A 91 2.49 9.72 11.95
N GLU A 92 2.27 8.80 10.99
CA GLU A 92 1.07 7.93 10.96
C GLU A 92 1.14 6.84 12.03
N ARG A 93 2.35 6.26 12.22
CA ARG A 93 2.58 5.22 13.26
C ARG A 93 2.42 5.79 14.68
N ARG A 94 2.71 7.11 14.82
CA ARG A 94 2.52 7.87 16.08
C ARG A 94 1.04 7.81 16.52
N PHE A 95 0.13 8.00 15.55
CA PHE A 95 -1.32 7.95 15.80
C PHE A 95 -1.82 6.50 15.91
N ASP A 96 -1.46 5.67 14.92
CA ASP A 96 -1.93 4.27 14.80
C ASP A 96 -0.77 3.37 14.34
N SER A 97 -0.28 2.53 15.26
CA SER A 97 0.81 1.56 15.01
C SER A 97 0.29 0.31 14.26
N ASP A 98 -1.03 0.24 13.99
CA ASP A 98 -1.64 -0.89 13.26
C ASP A 98 -1.30 -0.89 11.75
N LEU A 99 -0.49 0.08 11.29
CA LEU A 99 -0.07 0.13 9.88
C LEU A 99 1.04 -0.91 9.60
N TRP A 100 1.07 -1.38 8.36
CA TRP A 100 2.11 -2.25 7.81
C TRP A 100 2.95 -1.42 6.85
N VAL A 101 4.26 -1.63 6.84
CA VAL A 101 5.17 -0.98 5.88
C VAL A 101 5.74 -2.06 4.97
N VAL A 102 5.42 -1.97 3.66
CA VAL A 102 5.87 -2.95 2.64
C VAL A 102 6.67 -2.20 1.58
N GLU A 103 7.98 -2.46 1.48
CA GLU A 103 8.82 -1.87 0.42
C GLU A 103 8.82 -2.77 -0.81
N ILE A 104 8.14 -2.33 -1.87
CA ILE A 104 8.13 -2.99 -3.18
C ILE A 104 9.01 -2.20 -4.18
N GLU A 105 9.68 -2.92 -5.08
CA GLU A 105 10.44 -2.31 -6.17
C GLU A 105 9.84 -2.78 -7.47
N THR A 106 9.31 -1.84 -8.26
CA THR A 106 8.62 -2.15 -9.51
C THR A 106 8.57 -0.92 -10.45
N ASP A 107 8.48 -1.20 -11.75
CA ASP A 107 8.42 -0.18 -12.81
C ASP A 107 6.97 0.35 -12.99
N GLU A 108 6.00 -0.58 -12.88
CA GLU A 108 4.57 -0.26 -13.01
C GLU A 108 3.83 -0.70 -11.74
N ILE A 109 2.99 0.18 -11.20
CA ILE A 109 2.32 -0.02 -9.90
C ILE A 109 0.91 -0.64 -10.05
N GLY A 110 0.18 -0.23 -11.11
CA GLY A 110 -1.28 -0.49 -11.20
C GLY A 110 -1.65 -1.96 -11.18
N THR A 111 -0.86 -2.77 -11.90
CA THR A 111 -1.10 -4.22 -12.10
C THR A 111 -0.97 -5.02 -10.77
N LEU A 112 -0.16 -4.50 -9.84
CA LEU A 112 0.20 -5.20 -8.59
C LEU A 112 -0.28 -4.44 -7.34
N LEU A 113 -0.87 -3.25 -7.56
CA LEU A 113 -1.46 -2.42 -6.50
C LEU A 113 -2.25 -1.27 -7.17
N THR A 114 -3.59 -1.37 -7.12
CA THR A 114 -4.51 -0.42 -7.76
C THR A 114 -4.79 0.78 -6.82
N LEU A 115 -4.68 2.00 -7.40
CA LEU A 115 -4.74 3.28 -6.67
C LEU A 115 -5.78 4.20 -7.30
N VAL A 116 -6.43 5.05 -6.49
CA VAL A 116 -7.42 6.05 -6.95
C VAL A 116 -6.69 7.22 -7.65
N ASP A 117 -5.43 7.45 -7.23
CA ASP A 117 -4.54 8.46 -7.82
C ASP A 117 -4.16 8.06 -9.27
N GLN A 118 -3.59 6.85 -9.39
CA GLN A 118 -3.23 6.26 -10.70
C GLN A 118 -4.49 5.84 -11.48
N PRO A 119 -4.45 5.77 -12.85
CA PRO A 119 -5.65 5.51 -13.69
C PRO A 119 -6.33 4.15 -13.38
N GLN A 120 -5.66 3.06 -13.75
CA GLN A 120 -6.19 1.67 -13.60
C GLN A 120 -5.01 0.69 -13.48
N ALA A 121 -5.33 -0.62 -13.48
CA ALA A 121 -4.32 -1.70 -13.55
C ALA A 121 -3.85 -1.88 -15.01
N MET A 4 -9.46 -9.36 -4.56
CA MET A 4 -9.02 -10.27 -3.49
C MET A 4 -9.50 -9.71 -2.15
N ARG A 5 -10.69 -10.15 -1.70
CA ARG A 5 -11.27 -9.75 -0.40
C ARG A 5 -10.64 -10.62 0.69
N LEU A 6 -9.75 -10.00 1.46
CA LEU A 6 -8.95 -10.63 2.52
C LEU A 6 -8.58 -9.56 3.57
N LYS A 7 -7.94 -10.00 4.67
CA LYS A 7 -7.44 -9.09 5.71
C LYS A 7 -6.26 -8.26 5.18
N SER A 8 -5.97 -7.15 5.88
CA SER A 8 -4.85 -6.27 5.57
C SER A 8 -3.48 -7.01 5.72
N GLU A 9 -3.44 -8.01 6.65
CA GLU A 9 -2.28 -8.91 6.83
C GLU A 9 -2.00 -9.70 5.55
N MET A 10 -3.05 -10.38 5.05
CA MET A 10 -2.97 -11.25 3.88
C MET A 10 -2.88 -10.41 2.59
N PHE A 11 -3.34 -9.14 2.62
CA PHE A 11 -3.21 -8.22 1.47
C PHE A 11 -1.73 -7.92 1.24
N VAL A 12 -1.00 -7.67 2.34
CA VAL A 12 0.46 -7.47 2.32
C VAL A 12 1.16 -8.70 1.74
N SER A 13 0.83 -9.87 2.31
CA SER A 13 1.42 -11.17 1.90
C SER A 13 1.16 -11.44 0.40
N ALA A 14 -0.04 -11.05 -0.06
CA ALA A 14 -0.44 -11.19 -1.47
C ALA A 14 0.29 -10.17 -2.36
N LEU A 15 0.46 -8.94 -1.83
CA LEU A 15 1.08 -7.79 -2.55
C LEU A 15 2.55 -8.13 -2.90
N ILE A 16 3.21 -8.73 -1.90
CA ILE A 16 4.59 -9.20 -2.01
C ILE A 16 4.70 -10.28 -3.12
N ARG A 17 3.72 -11.19 -3.16
CA ARG A 17 3.66 -12.25 -4.19
C ARG A 17 3.32 -11.67 -5.59
N ARG A 18 2.59 -10.54 -5.63
CA ARG A 18 2.24 -9.83 -6.88
C ARG A 18 3.49 -9.26 -7.55
N VAL A 19 4.40 -8.66 -6.74
CA VAL A 19 5.60 -7.99 -7.27
C VAL A 19 6.63 -9.01 -7.77
N PHE A 20 6.79 -10.14 -7.05
CA PHE A 20 7.70 -11.23 -7.45
C PHE A 20 7.16 -11.95 -8.70
N ALA A 21 5.82 -11.96 -8.86
CA ALA A 21 5.16 -12.43 -10.11
C ALA A 21 5.54 -11.52 -11.30
N ALA A 22 5.73 -10.21 -11.01
CA ALA A 22 6.18 -9.21 -12.00
C ALA A 22 7.71 -9.16 -12.14
N GLY A 23 8.44 -9.74 -11.15
CA GLY A 23 9.91 -9.78 -11.16
C GLY A 23 10.56 -8.91 -10.08
N GLY A 24 9.77 -7.98 -9.51
CA GLY A 24 10.25 -7.03 -8.49
C GLY A 24 10.44 -7.66 -7.10
N PHE A 25 10.82 -6.80 -6.13
CA PHE A 25 11.13 -7.20 -4.73
C PHE A 25 10.07 -6.64 -3.78
N ALA A 26 9.93 -7.24 -2.59
CA ALA A 26 9.05 -6.75 -1.51
C ALA A 26 9.47 -7.30 -0.16
N ALA A 27 9.09 -6.58 0.92
CA ALA A 27 9.40 -6.96 2.31
C ALA A 27 8.58 -6.11 3.29
N VAL A 28 7.80 -6.78 4.15
CA VAL A 28 6.98 -6.14 5.18
C VAL A 28 7.83 -5.89 6.46
N GLU A 29 8.25 -4.63 6.62
CA GLU A 29 9.08 -4.18 7.75
C GLU A 29 8.26 -4.04 9.04
N LYS A 30 7.23 -3.18 9.02
CA LYS A 30 6.38 -2.94 10.20
C LYS A 30 5.10 -3.78 10.11
N LYS A 31 4.61 -4.20 11.29
CA LYS A 31 3.36 -4.95 11.44
C LYS A 31 2.41 -4.22 12.42
N GLY A 32 1.11 -4.36 12.18
CA GLY A 32 0.07 -3.93 13.12
C GLY A 32 -1.07 -4.95 13.20
N ALA A 33 -2.33 -4.47 13.03
CA ALA A 33 -3.55 -5.29 13.15
C ALA A 33 -3.86 -6.03 11.84
N GLU A 34 -4.43 -7.25 11.96
CA GLU A 34 -4.68 -8.16 10.81
C GLU A 34 -5.66 -7.55 9.79
N ALA A 35 -6.92 -7.33 10.21
CA ALA A 35 -7.97 -6.78 9.33
C ALA A 35 -8.08 -5.25 9.50
N ALA A 36 -8.05 -4.79 10.76
CA ALA A 36 -8.31 -3.38 11.13
C ALA A 36 -7.08 -2.47 10.92
N GLY A 37 -5.94 -3.06 10.48
CA GLY A 37 -4.70 -2.30 10.31
C GLY A 37 -4.63 -1.57 8.97
N ALA A 38 -4.02 -0.37 8.96
CA ALA A 38 -3.73 0.37 7.71
C ALA A 38 -2.49 -0.25 7.03
N ILE A 39 -2.29 0.02 5.73
CA ILE A 39 -1.13 -0.50 4.97
C ILE A 39 -0.49 0.64 4.18
N PHE A 40 0.77 0.98 4.51
CA PHE A 40 1.54 2.00 3.79
C PHE A 40 2.73 1.33 3.10
N VAL A 41 2.72 1.38 1.76
CA VAL A 41 3.71 0.74 0.88
C VAL A 41 4.50 1.81 0.13
N ARG A 42 5.83 1.63 -0.01
CA ARG A 42 6.64 2.50 -0.89
C ARG A 42 7.14 1.68 -2.09
N GLN A 43 6.85 2.18 -3.31
CA GLN A 43 7.49 1.71 -4.53
C GLN A 43 8.84 2.40 -4.66
N ARG A 44 9.87 1.62 -4.99
CA ARG A 44 11.22 2.10 -5.16
C ARG A 44 11.60 1.94 -6.62
N LEU A 45 11.93 3.06 -7.24
CA LEU A 45 12.23 3.16 -8.67
C LEU A 45 13.73 2.97 -8.93
N ARG A 46 14.02 2.57 -10.17
CA ARG A 46 15.37 2.51 -10.74
C ARG A 46 16.11 3.87 -10.63
N ASP A 47 15.32 4.96 -10.69
CA ASP A 47 15.82 6.36 -10.65
C ASP A 47 16.45 6.70 -9.29
N GLY A 48 15.97 6.03 -8.23
CA GLY A 48 16.31 6.37 -6.85
C GLY A 48 15.15 7.04 -6.13
N ARG A 49 14.08 7.33 -6.88
CA ARG A 49 12.86 7.97 -6.35
C ARG A 49 11.92 6.90 -5.81
N GLU A 50 10.95 7.34 -5.01
CA GLU A 50 9.99 6.45 -4.34
C GLU A 50 8.60 7.07 -4.35
N ASN A 51 7.58 6.22 -4.15
CA ASN A 51 6.17 6.61 -4.19
C ASN A 51 5.45 5.93 -3.02
N LEU A 52 4.67 6.69 -2.22
CA LEU A 52 3.98 6.14 -1.03
C LEU A 52 2.53 5.86 -1.40
N TYR A 53 1.99 4.76 -0.86
CA TYR A 53 0.63 4.32 -1.09
C TYR A 53 -0.03 4.02 0.26
N GLY A 54 -1.27 4.50 0.43
CA GLY A 54 -2.04 4.26 1.65
C GLY A 54 -3.35 3.57 1.34
N PRO A 55 -4.06 3.01 2.36
CA PRO A 55 -5.35 2.32 2.12
C PRO A 55 -6.47 3.36 1.87
N ALA A 56 -6.85 3.50 0.58
CA ALA A 56 -7.79 4.55 0.14
C ALA A 56 -9.16 4.42 0.83
N PRO A 57 -9.87 5.58 1.09
CA PRO A 57 -11.24 5.56 1.62
C PRO A 57 -12.18 4.78 0.69
N GLN A 58 -12.52 3.54 1.12
CA GLN A 58 -13.39 2.62 0.36
C GLN A 58 -14.76 3.26 0.12
N SER A 59 -15.35 3.02 -1.07
CA SER A 59 -16.72 3.43 -1.37
C SER A 59 -17.69 2.47 -0.66
N PHE A 60 -17.83 2.65 0.67
CA PHE A 60 -18.62 1.76 1.54
C PHE A 60 -19.98 2.38 1.87
N ALA A 61 -20.98 1.50 2.02
CA ALA A 61 -22.29 1.84 2.55
C ALA A 61 -22.45 1.08 3.86
N ASP A 62 -22.50 1.83 4.99
CA ASP A 62 -22.66 1.27 6.35
C ASP A 62 -21.43 0.39 6.72
N ASP A 63 -20.23 0.82 6.21
CA ASP A 63 -18.92 0.13 6.33
C ASP A 63 -18.97 -1.39 6.00
N GLU A 64 -19.94 -1.76 5.15
CA GLU A 64 -20.10 -3.15 4.67
C GLU A 64 -18.99 -3.50 3.67
N ASP A 65 -18.80 -2.64 2.66
CA ASP A 65 -17.85 -2.86 1.53
C ASP A 65 -16.38 -2.97 1.97
N ILE A 66 -16.09 -2.69 3.25
CA ILE A 66 -14.75 -2.89 3.85
C ILE A 66 -14.39 -4.41 3.82
N MET A 67 -15.40 -5.23 4.14
CA MET A 67 -15.30 -6.71 4.20
C MET A 67 -15.86 -7.33 2.91
N ARG A 68 -17.03 -6.81 2.50
CA ARG A 68 -17.84 -7.34 1.38
C ARG A 68 -17.21 -7.00 0.01
N ALA A 69 -16.15 -6.16 0.01
CA ALA A 69 -15.39 -5.79 -1.19
C ALA A 69 -13.91 -5.57 -0.82
N GLU A 70 -13.00 -5.80 -1.80
CA GLU A 70 -11.57 -5.48 -1.65
C GLU A 70 -11.42 -3.94 -1.66
N ARG A 71 -10.74 -3.41 -0.63
CA ARG A 71 -10.44 -1.98 -0.55
C ARG A 71 -9.19 -1.65 -1.39
N ARG A 72 -9.28 -0.55 -2.16
CA ARG A 72 -8.21 -0.12 -3.07
C ARG A 72 -7.27 0.84 -2.33
N PHE A 73 -6.08 1.08 -2.91
CA PHE A 73 -5.08 2.01 -2.36
C PHE A 73 -5.10 3.34 -3.11
N GLU A 74 -4.32 4.31 -2.60
CA GLU A 74 -4.17 5.65 -3.17
C GLU A 74 -2.68 6.01 -3.19
N THR A 75 -2.26 6.80 -4.17
CA THR A 75 -0.89 7.29 -4.23
C THR A 75 -0.76 8.53 -3.31
N ARG A 76 -0.21 8.32 -2.09
CA ARG A 76 0.05 9.38 -1.10
C ARG A 76 1.13 10.34 -1.62
N LEU A 77 2.32 9.77 -1.89
CA LEU A 77 3.47 10.51 -2.43
C LEU A 77 3.91 9.87 -3.75
N ALA A 78 4.62 10.63 -4.60
CA ALA A 78 5.15 10.11 -5.87
C ALA A 78 6.40 10.90 -6.32
N GLY A 79 7.43 10.17 -6.79
CA GLY A 79 8.69 10.76 -7.26
C GLY A 79 9.48 11.45 -6.15
N VAL A 80 9.22 11.02 -4.91
CA VAL A 80 9.82 11.58 -3.69
C VAL A 80 11.03 10.72 -3.27
N GLU A 81 11.53 10.91 -2.04
CA GLU A 81 12.59 10.06 -1.47
C GLU A 81 12.12 9.42 -0.16
N GLY A 82 12.98 8.53 0.39
CA GLY A 82 12.69 7.76 1.61
C GLY A 82 12.48 8.62 2.86
N GLU A 83 13.02 9.85 2.85
CA GLU A 83 12.78 10.84 3.92
C GLU A 83 11.29 11.22 3.97
N GLU A 84 10.74 11.56 2.79
CA GLU A 84 9.32 11.93 2.64
C GLU A 84 8.39 10.77 3.03
N ILE A 85 8.82 9.56 2.62
CA ILE A 85 8.09 8.31 2.91
C ILE A 85 7.95 8.11 4.45
N ALA A 86 9.09 8.23 5.15
CA ALA A 86 9.16 8.05 6.62
C ALA A 86 8.49 9.22 7.37
N ALA A 87 8.50 10.41 6.74
CA ALA A 87 7.92 11.63 7.30
C ALA A 87 6.40 11.53 7.43
N LEU A 88 5.76 10.79 6.50
CA LEU A 88 4.32 10.52 6.59
C LEU A 88 4.03 9.36 7.57
N LEU A 89 4.92 8.33 7.58
CA LEU A 89 4.79 7.18 8.49
C LEU A 89 4.62 7.61 9.95
N GLU A 90 5.36 8.67 10.35
CA GLU A 90 5.32 9.19 11.72
C GLU A 90 3.97 9.86 12.00
N ARG A 91 3.39 10.46 10.94
CA ARG A 91 2.11 11.17 11.02
C ARG A 91 0.94 10.18 11.16
N GLU A 92 1.01 9.09 10.40
CA GLU A 92 -0.05 8.08 10.32
C GLU A 92 -0.06 7.16 11.53
N ARG A 93 1.14 6.75 11.99
CA ARG A 93 1.28 5.90 13.20
C ARG A 93 0.87 6.65 14.47
N ARG A 94 0.97 8.00 14.43
CA ARG A 94 0.47 8.87 15.50
C ARG A 94 -1.04 8.62 15.78
N PHE A 95 -1.82 8.48 14.70
CA PHE A 95 -3.28 8.28 14.75
C PHE A 95 -3.65 6.78 14.84
N ASP A 96 -3.01 5.98 13.98
CA ASP A 96 -3.21 4.52 13.88
C ASP A 96 -1.84 3.86 13.74
N SER A 97 -1.30 3.38 14.87
CA SER A 97 -0.01 2.70 14.91
C SER A 97 -0.13 1.24 14.42
N ASP A 98 -1.35 0.79 14.10
CA ASP A 98 -1.61 -0.58 13.58
C ASP A 98 -1.36 -0.68 12.06
N LEU A 99 -0.67 0.33 11.48
CA LEU A 99 -0.31 0.32 10.06
C LEU A 99 0.84 -0.68 9.81
N TRP A 100 0.95 -1.15 8.56
CA TRP A 100 1.99 -2.08 8.11
C TRP A 100 2.86 -1.38 7.05
N VAL A 101 4.17 -1.40 7.24
CA VAL A 101 5.12 -0.80 6.28
C VAL A 101 5.68 -1.91 5.38
N VAL A 102 5.40 -1.80 4.08
CA VAL A 102 5.92 -2.75 3.07
C VAL A 102 6.73 -1.95 2.05
N GLU A 103 7.97 -2.37 1.79
CA GLU A 103 8.77 -1.86 0.68
C GLU A 103 8.58 -2.78 -0.52
N ILE A 104 8.55 -2.19 -1.73
CA ILE A 104 8.52 -2.93 -2.99
C ILE A 104 9.48 -2.23 -3.97
N GLU A 105 10.38 -3.00 -4.59
CA GLU A 105 11.39 -2.45 -5.53
C GLU A 105 10.98 -2.87 -6.95
N THR A 106 10.40 -1.92 -7.69
CA THR A 106 9.87 -2.13 -9.03
C THR A 106 9.56 -0.76 -9.66
N ASP A 107 9.57 -0.71 -11.01
CA ASP A 107 9.29 0.54 -11.76
C ASP A 107 7.79 0.65 -12.06
N GLU A 108 7.14 -0.51 -12.30
CA GLU A 108 5.72 -0.61 -12.68
C GLU A 108 4.86 -1.00 -11.45
N ILE A 109 4.05 -0.04 -10.96
CA ILE A 109 3.17 -0.26 -9.78
C ILE A 109 1.82 -0.88 -10.23
N GLY A 110 1.34 -0.50 -11.42
CA GLY A 110 -0.04 -0.78 -11.86
C GLY A 110 -0.32 -2.23 -12.24
N THR A 111 0.65 -3.14 -12.02
CA THR A 111 0.48 -4.58 -12.29
C THR A 111 0.56 -5.43 -10.99
N LEU A 112 0.96 -4.78 -9.88
CA LEU A 112 1.25 -5.47 -8.60
C LEU A 112 0.64 -4.74 -7.39
N LEU A 113 -0.06 -3.63 -7.66
CA LEU A 113 -0.87 -2.90 -6.66
C LEU A 113 -1.80 -1.93 -7.40
N THR A 114 -3.09 -1.98 -7.07
CA THR A 114 -4.14 -1.16 -7.70
C THR A 114 -4.39 0.11 -6.87
N LEU A 115 -4.54 1.24 -7.59
CA LEU A 115 -4.65 2.59 -7.00
C LEU A 115 -5.84 3.35 -7.59
N VAL A 116 -6.47 4.22 -6.78
CA VAL A 116 -7.56 5.10 -7.22
C VAL A 116 -7.00 6.31 -8.00
N ASP A 117 -5.74 6.67 -7.69
CA ASP A 117 -5.05 7.84 -8.25
C ASP A 117 -4.51 7.54 -9.67
N GLN A 118 -3.66 6.49 -9.76
CA GLN A 118 -3.00 6.09 -11.02
C GLN A 118 -4.03 5.59 -12.07
N PRO A 119 -3.75 5.81 -13.41
CA PRO A 119 -4.72 5.50 -14.49
C PRO A 119 -5.05 3.99 -14.59
N GLN A 120 -6.30 3.70 -14.95
CA GLN A 120 -6.85 2.35 -15.01
C GLN A 120 -6.39 1.60 -16.29
N ALA A 121 -6.65 0.29 -16.33
CA ALA A 121 -6.28 -0.59 -17.46
C ALA A 121 -7.22 -0.37 -18.66
N MET A 4 -9.15 -10.35 -1.71
CA MET A 4 -10.62 -10.46 -1.89
C MET A 4 -11.32 -10.43 -0.52
N ARG A 5 -11.53 -9.19 0.00
CA ARG A 5 -12.13 -8.91 1.34
C ARG A 5 -11.37 -9.62 2.48
N LEU A 6 -10.05 -9.82 2.28
CA LEU A 6 -9.19 -10.52 3.24
C LEU A 6 -8.55 -9.53 4.23
N LYS A 7 -7.84 -10.08 5.21
CA LYS A 7 -7.19 -9.31 6.28
C LYS A 7 -6.02 -8.47 5.74
N SER A 8 -5.62 -7.47 6.53
CA SER A 8 -4.46 -6.58 6.25
C SER A 8 -3.17 -7.39 6.02
N GLU A 9 -2.95 -8.40 6.89
CA GLU A 9 -1.79 -9.30 6.82
C GLU A 9 -1.86 -10.18 5.57
N MET A 10 -3.06 -10.72 5.32
CA MET A 10 -3.29 -11.61 4.17
C MET A 10 -3.20 -10.82 2.84
N PHE A 11 -3.43 -9.49 2.92
CA PHE A 11 -3.32 -8.60 1.76
C PHE A 11 -1.84 -8.34 1.45
N VAL A 12 -1.07 -7.95 2.47
CA VAL A 12 0.36 -7.56 2.30
C VAL A 12 1.22 -8.76 1.88
N SER A 13 0.91 -9.95 2.44
CA SER A 13 1.60 -11.19 2.08
C SER A 13 1.36 -11.51 0.59
N ALA A 14 0.08 -11.46 0.17
CA ALA A 14 -0.33 -11.69 -1.23
C ALA A 14 0.22 -10.59 -2.16
N LEU A 15 0.34 -9.36 -1.64
CA LEU A 15 0.82 -8.16 -2.36
C LEU A 15 2.26 -8.35 -2.84
N ILE A 16 3.06 -8.95 -1.98
CA ILE A 16 4.45 -9.30 -2.26
C ILE A 16 4.53 -10.34 -3.40
N ARG A 17 3.58 -11.28 -3.43
CA ARG A 17 3.50 -12.31 -4.49
C ARG A 17 2.98 -11.70 -5.81
N ARG A 18 2.21 -10.59 -5.70
CA ARG A 18 1.74 -9.83 -6.88
C ARG A 18 2.93 -9.19 -7.62
N VAL A 19 3.86 -8.59 -6.84
CA VAL A 19 5.01 -7.86 -7.41
C VAL A 19 6.01 -8.84 -8.05
N PHE A 20 6.22 -10.01 -7.41
CA PHE A 20 7.14 -11.04 -7.91
C PHE A 20 6.55 -11.73 -9.16
N ALA A 21 5.20 -11.78 -9.24
CA ALA A 21 4.49 -12.21 -10.46
C ALA A 21 4.70 -11.20 -11.62
N ALA A 22 4.90 -9.92 -11.26
CA ALA A 22 5.20 -8.84 -12.23
C ALA A 22 6.71 -8.73 -12.50
N GLY A 23 7.54 -9.28 -11.60
CA GLY A 23 9.01 -9.27 -11.74
C GLY A 23 9.72 -8.29 -10.79
N GLY A 24 8.93 -7.50 -10.04
CA GLY A 24 9.46 -6.56 -9.04
C GLY A 24 9.77 -7.22 -7.69
N PHE A 25 10.21 -6.40 -6.71
CA PHE A 25 10.62 -6.86 -5.35
C PHE A 25 9.62 -6.33 -4.30
N ALA A 26 9.56 -6.98 -3.11
CA ALA A 26 8.74 -6.50 -1.98
C ALA A 26 9.18 -7.13 -0.66
N ALA A 27 8.79 -6.46 0.46
CA ALA A 27 9.09 -6.90 1.83
C ALA A 27 8.34 -6.01 2.85
N VAL A 28 7.76 -6.63 3.89
CA VAL A 28 7.05 -5.89 4.96
C VAL A 28 8.07 -5.36 5.99
N GLU A 29 8.16 -4.04 6.09
CA GLU A 29 9.03 -3.34 7.06
C GLU A 29 8.34 -3.23 8.43
N LYS A 30 7.10 -2.72 8.42
CA LYS A 30 6.31 -2.45 9.65
C LYS A 30 5.08 -3.36 9.69
N LYS A 31 4.75 -3.86 10.89
CA LYS A 31 3.68 -4.85 11.10
C LYS A 31 2.75 -4.38 12.23
N GLY A 32 1.46 -4.17 11.91
CA GLY A 32 0.46 -3.74 12.90
C GLY A 32 -0.71 -4.71 13.00
N ALA A 33 -1.94 -4.17 12.97
CA ALA A 33 -3.20 -4.95 13.14
C ALA A 33 -3.44 -5.86 11.91
N GLU A 34 -3.54 -7.18 12.18
CA GLU A 34 -3.61 -8.21 11.12
C GLU A 34 -4.87 -8.10 10.25
N ALA A 35 -6.00 -7.69 10.83
CA ALA A 35 -7.31 -7.60 10.12
C ALA A 35 -7.59 -6.19 9.56
N ALA A 36 -7.40 -5.16 10.40
CA ALA A 36 -7.86 -3.78 10.10
C ALA A 36 -6.70 -2.75 9.99
N GLY A 37 -5.45 -3.25 9.93
CA GLY A 37 -4.25 -2.38 9.85
C GLY A 37 -4.19 -1.55 8.57
N ALA A 38 -3.78 -0.28 8.70
CA ALA A 38 -3.72 0.69 7.57
C ALA A 38 -2.47 0.42 6.70
N ILE A 39 -2.68 -0.09 5.50
CA ILE A 39 -1.58 -0.54 4.65
C ILE A 39 -0.99 0.64 3.83
N PHE A 40 0.19 1.10 4.25
CA PHE A 40 0.98 2.10 3.53
C PHE A 40 2.13 1.41 2.79
N VAL A 41 2.07 1.43 1.46
CA VAL A 41 3.06 0.79 0.59
C VAL A 41 3.83 1.86 -0.19
N ARG A 42 5.14 1.71 -0.35
CA ARG A 42 5.95 2.62 -1.18
C ARG A 42 6.49 1.88 -2.41
N GLN A 43 6.17 2.39 -3.62
CA GLN A 43 6.80 1.94 -4.88
C GLN A 43 8.17 2.59 -4.97
N ARG A 44 9.14 1.84 -5.52
CA ARG A 44 10.52 2.31 -5.66
C ARG A 44 10.95 2.20 -7.11
N LEU A 45 11.24 3.36 -7.70
CA LEU A 45 11.76 3.47 -9.06
C LEU A 45 13.30 3.31 -9.04
N ARG A 46 13.85 2.87 -10.18
CA ARG A 46 15.32 2.72 -10.38
C ARG A 46 16.07 4.06 -10.24
N ASP A 47 15.33 5.16 -10.43
CA ASP A 47 15.86 6.54 -10.39
C ASP A 47 16.19 6.97 -8.95
N GLY A 48 15.73 6.18 -7.97
CA GLY A 48 15.92 6.49 -6.55
C GLY A 48 14.71 7.17 -5.95
N ARG A 49 13.74 7.52 -6.80
CA ARG A 49 12.49 8.16 -6.38
C ARG A 49 11.45 7.11 -6.06
N GLU A 50 10.35 7.54 -5.43
CA GLU A 50 9.34 6.65 -4.83
C GLU A 50 7.94 7.27 -4.91
N ASN A 51 6.92 6.44 -4.66
CA ASN A 51 5.51 6.85 -4.59
C ASN A 51 4.87 6.16 -3.38
N LEU A 52 4.13 6.90 -2.55
CA LEU A 52 3.48 6.34 -1.34
C LEU A 52 2.02 6.09 -1.64
N TYR A 53 1.50 4.99 -1.08
CA TYR A 53 0.11 4.56 -1.23
C TYR A 53 -0.46 4.27 0.16
N GLY A 54 -1.74 4.60 0.37
CA GLY A 54 -2.44 4.33 1.63
C GLY A 54 -3.83 3.78 1.38
N PRO A 55 -4.55 3.28 2.44
CA PRO A 55 -5.93 2.77 2.29
C PRO A 55 -6.91 3.91 1.93
N ALA A 56 -7.42 3.89 0.70
CA ALA A 56 -8.32 4.95 0.16
C ALA A 56 -9.69 4.95 0.87
N PRO A 57 -10.40 6.13 0.92
CA PRO A 57 -11.80 6.19 1.39
C PRO A 57 -12.74 5.42 0.44
N GLN A 58 -13.01 4.15 0.79
CA GLN A 58 -13.95 3.27 0.07
C GLN A 58 -15.35 3.92 0.03
N SER A 59 -15.90 4.08 -1.18
CA SER A 59 -17.26 4.61 -1.37
C SER A 59 -18.29 3.49 -1.14
N PHE A 60 -18.53 3.19 0.15
CA PHE A 60 -19.47 2.16 0.58
C PHE A 60 -20.89 2.73 0.75
N ALA A 61 -21.85 1.85 1.10
CA ALA A 61 -23.25 2.22 1.36
C ALA A 61 -23.61 1.76 2.77
N ASP A 62 -23.61 2.75 3.70
CA ASP A 62 -23.95 2.61 5.13
C ASP A 62 -22.78 1.95 5.90
N ASP A 63 -22.56 0.65 5.60
CA ASP A 63 -21.51 -0.19 6.27
C ASP A 63 -21.44 -1.60 5.62
N GLU A 64 -22.10 -1.78 4.47
CA GLU A 64 -22.18 -3.10 3.79
C GLU A 64 -20.85 -3.46 3.10
N ASP A 65 -20.39 -2.58 2.20
CA ASP A 65 -19.22 -2.85 1.30
C ASP A 65 -17.89 -2.97 2.09
N ILE A 66 -17.92 -2.62 3.39
CA ILE A 66 -16.76 -2.73 4.32
C ILE A 66 -16.08 -4.12 4.24
N MET A 67 -16.92 -5.16 4.22
CA MET A 67 -16.47 -6.58 4.19
C MET A 67 -17.15 -7.34 3.03
N ARG A 68 -17.80 -6.61 2.11
CA ARG A 68 -18.38 -7.19 0.86
C ARG A 68 -17.57 -6.73 -0.36
N ALA A 69 -16.72 -5.71 -0.15
CA ALA A 69 -15.77 -5.19 -1.16
C ALA A 69 -14.40 -4.98 -0.49
N GLU A 70 -13.33 -5.34 -1.22
CA GLU A 70 -11.94 -5.22 -0.74
C GLU A 70 -11.50 -3.74 -0.64
N ARG A 71 -10.48 -3.49 0.20
CA ARG A 71 -9.81 -2.20 0.32
C ARG A 71 -9.07 -1.88 -1.00
N ARG A 72 -9.21 -0.63 -1.47
CA ARG A 72 -8.47 -0.11 -2.61
C ARG A 72 -7.60 1.04 -2.11
N PHE A 73 -6.47 1.28 -2.74
CA PHE A 73 -5.47 2.24 -2.26
C PHE A 73 -5.57 3.56 -3.02
N GLU A 74 -4.83 4.54 -2.54
CA GLU A 74 -4.72 5.88 -3.15
C GLU A 74 -3.24 6.26 -3.17
N THR A 75 -2.84 6.99 -4.21
CA THR A 75 -1.47 7.48 -4.33
C THR A 75 -1.31 8.73 -3.43
N ARG A 76 -0.69 8.54 -2.25
CA ARG A 76 -0.41 9.62 -1.29
C ARG A 76 0.63 10.58 -1.87
N LEU A 77 1.89 10.11 -1.93
CA LEU A 77 3.02 10.87 -2.48
C LEU A 77 3.38 10.29 -3.85
N ALA A 78 4.04 11.10 -4.70
CA ALA A 78 4.43 10.67 -6.05
C ALA A 78 5.67 11.41 -6.54
N GLY A 79 6.61 10.64 -7.15
CA GLY A 79 7.90 11.15 -7.64
C GLY A 79 8.74 11.82 -6.56
N VAL A 80 8.57 11.31 -5.35
CA VAL A 80 9.22 11.80 -4.12
C VAL A 80 10.42 10.90 -3.82
N GLU A 81 10.99 10.97 -2.62
CA GLU A 81 12.10 10.08 -2.22
C GLU A 81 11.80 9.36 -0.90
N GLY A 82 12.72 8.47 -0.49
CA GLY A 82 12.58 7.70 0.76
C GLY A 82 12.51 8.56 2.02
N GLU A 83 13.08 9.78 1.93
CA GLU A 83 12.98 10.80 2.97
C GLU A 83 11.51 11.21 3.17
N GLU A 84 10.84 11.50 2.05
CA GLU A 84 9.43 11.95 2.02
C GLU A 84 8.49 10.83 2.47
N ILE A 85 8.81 9.58 2.08
CA ILE A 85 8.00 8.41 2.43
C ILE A 85 8.03 8.20 3.94
N ALA A 86 9.25 8.04 4.48
CA ALA A 86 9.48 7.80 5.92
C ALA A 86 9.01 8.98 6.78
N ALA A 87 8.96 10.18 6.16
CA ALA A 87 8.41 11.41 6.78
C ALA A 87 6.91 11.23 7.11
N LEU A 88 6.14 10.70 6.13
CA LEU A 88 4.71 10.46 6.33
C LEU A 88 4.49 9.24 7.24
N LEU A 89 5.29 8.17 7.03
CA LEU A 89 5.21 6.93 7.84
C LEU A 89 5.42 7.23 9.34
N GLU A 90 6.20 8.29 9.60
CA GLU A 90 6.45 8.86 10.93
C GLU A 90 5.17 9.53 11.49
N ARG A 91 4.44 10.25 10.62
CA ARG A 91 3.24 11.00 11.02
C ARG A 91 2.08 10.03 11.29
N GLU A 92 1.80 9.16 10.30
CA GLU A 92 0.66 8.22 10.32
C GLU A 92 0.79 7.19 11.45
N ARG A 93 2.03 6.78 11.78
CA ARG A 93 2.29 5.83 12.90
C ARG A 93 1.90 6.43 14.26
N ARG A 94 2.03 7.77 14.37
CA ARG A 94 1.70 8.52 15.59
C ARG A 94 0.19 8.44 15.87
N PHE A 95 -0.62 8.56 14.80
CA PHE A 95 -2.08 8.47 14.89
C PHE A 95 -2.53 6.98 14.98
N ASP A 96 -1.88 6.14 14.17
CA ASP A 96 -2.20 4.71 14.02
C ASP A 96 -0.90 3.91 13.86
N SER A 97 -0.42 3.34 14.98
CA SER A 97 0.78 2.49 15.02
C SER A 97 0.46 1.07 14.49
N ASP A 98 -0.84 0.78 14.27
CA ASP A 98 -1.30 -0.50 13.71
C ASP A 98 -1.27 -0.53 12.19
N LEU A 99 -0.66 0.48 11.58
CA LEU A 99 -0.44 0.52 10.12
C LEU A 99 0.73 -0.43 9.75
N TRP A 100 0.70 -0.91 8.49
CA TRP A 100 1.74 -1.79 7.92
C TRP A 100 2.49 -1.04 6.83
N VAL A 101 3.82 -1.15 6.80
CA VAL A 101 4.62 -0.61 5.70
C VAL A 101 5.19 -1.78 4.90
N VAL A 102 4.95 -1.76 3.58
CA VAL A 102 5.57 -2.69 2.62
C VAL A 102 6.35 -1.86 1.61
N GLU A 103 7.64 -2.13 1.48
CA GLU A 103 8.44 -1.56 0.39
C GLU A 103 8.33 -2.49 -0.83
N ILE A 104 7.99 -1.92 -1.99
CA ILE A 104 7.92 -2.65 -3.26
C ILE A 104 8.80 -1.92 -4.30
N GLU A 105 9.66 -2.66 -5.00
CA GLU A 105 10.56 -2.09 -6.02
C GLU A 105 10.00 -2.40 -7.40
N THR A 106 9.44 -1.37 -8.06
CA THR A 106 8.78 -1.50 -9.37
C THR A 106 8.58 -0.13 -10.01
N ASP A 107 8.34 -0.14 -11.32
CA ASP A 107 7.92 1.04 -12.12
C ASP A 107 6.42 0.97 -12.41
N GLU A 108 5.93 -0.27 -12.51
CA GLU A 108 4.55 -0.60 -12.88
C GLU A 108 3.77 -0.98 -11.61
N ILE A 109 3.00 -0.03 -11.08
CA ILE A 109 2.23 -0.22 -9.84
C ILE A 109 0.88 -0.90 -10.14
N GLY A 110 0.28 -0.57 -11.30
CA GLY A 110 -1.10 -0.96 -11.61
C GLY A 110 -1.31 -2.46 -11.80
N THR A 111 -0.22 -3.20 -12.03
CA THR A 111 -0.26 -4.65 -12.24
C THR A 111 -0.24 -5.42 -10.89
N LEU A 112 0.36 -4.79 -9.86
CA LEU A 112 0.68 -5.48 -8.58
C LEU A 112 0.04 -4.81 -7.36
N LEU A 113 -0.66 -3.69 -7.57
CA LEU A 113 -1.43 -3.00 -6.51
C LEU A 113 -2.48 -2.08 -7.16
N THR A 114 -3.70 -2.07 -6.61
CA THR A 114 -4.83 -1.32 -7.18
C THR A 114 -4.98 0.05 -6.49
N LEU A 115 -5.15 1.11 -7.30
CA LEU A 115 -5.27 2.51 -6.82
C LEU A 115 -6.54 3.17 -7.39
N VAL A 116 -7.09 4.12 -6.64
CA VAL A 116 -8.20 4.98 -7.09
C VAL A 116 -7.65 6.19 -7.86
N ASP A 117 -6.37 6.55 -7.58
CA ASP A 117 -5.73 7.75 -8.11
C ASP A 117 -5.11 7.48 -9.49
N GLN A 118 -4.08 6.62 -9.55
CA GLN A 118 -3.33 6.32 -10.79
C GLN A 118 -4.21 5.65 -11.87
N PRO A 119 -4.01 6.03 -13.17
CA PRO A 119 -4.57 5.30 -14.32
C PRO A 119 -4.24 3.80 -14.28
N GLN A 120 -5.29 2.96 -14.26
CA GLN A 120 -5.18 1.50 -14.16
C GLN A 120 -4.84 0.89 -15.54
N ALA A 121 -5.17 -0.41 -15.74
CA ALA A 121 -4.82 -1.17 -16.95
C ALA A 121 -3.27 -1.30 -17.08
#